data_1BHF
# 
_entry.id   1BHF 
# 
_audit_conform.dict_name       mmcif_pdbx.dic 
_audit_conform.dict_version    5.398 
_audit_conform.dict_location   http://mmcif.pdb.org/dictionaries/ascii/mmcif_pdbx.dic 
# 
loop_
_database_2.database_id 
_database_2.database_code 
_database_2.pdbx_database_accession 
_database_2.pdbx_DOI 
PDB   1BHF         pdb_00001bhf 10.2210/pdb1bhf/pdb 
WWPDB D_1000171761 ?            ?                   
# 
loop_
_pdbx_audit_revision_history.ordinal 
_pdbx_audit_revision_history.data_content_type 
_pdbx_audit_revision_history.major_revision 
_pdbx_audit_revision_history.minor_revision 
_pdbx_audit_revision_history.revision_date 
1 'Structure model' 1 0 1998-10-21 
2 'Structure model' 1 1 2008-03-24 
3 'Structure model' 1 2 2011-07-13 
4 'Structure model' 1 3 2012-12-12 
5 'Structure model' 1 4 2024-06-05 
6 'Structure model' 1 5 2024-11-13 
# 
_pdbx_audit_revision_details.ordinal             1 
_pdbx_audit_revision_details.revision_ordinal    1 
_pdbx_audit_revision_details.data_content_type   'Structure model' 
_pdbx_audit_revision_details.provider            repository 
_pdbx_audit_revision_details.type                'Initial release' 
_pdbx_audit_revision_details.description         ? 
_pdbx_audit_revision_details.details             ? 
# 
loop_
_pdbx_audit_revision_group.ordinal 
_pdbx_audit_revision_group.revision_ordinal 
_pdbx_audit_revision_group.data_content_type 
_pdbx_audit_revision_group.group 
1  2 'Structure model' 'Version format compliance' 
2  3 'Structure model' 'Atomic model'              
3  3 'Structure model' 'Database references'       
4  3 'Structure model' 'Derived calculations'      
5  3 'Structure model' 'Non-polymer description'   
6  3 'Structure model' 'Structure summary'         
7  3 'Structure model' 'Version format compliance' 
8  4 'Structure model' Other                       
9  5 'Structure model' 'Data collection'           
10 5 'Structure model' 'Database references'       
11 5 'Structure model' 'Derived calculations'      
12 5 'Structure model' Other                       
13 6 'Structure model' 'Structure summary'         
# 
loop_
_pdbx_audit_revision_category.ordinal 
_pdbx_audit_revision_category.revision_ordinal 
_pdbx_audit_revision_category.data_content_type 
_pdbx_audit_revision_category.category 
1 5 'Structure model' chem_comp_atom            
2 5 'Structure model' chem_comp_bond            
3 5 'Structure model' database_2                
4 5 'Structure model' pdbx_database_status      
5 5 'Structure model' struct_conn               
6 5 'Structure model' struct_ref_seq            
7 6 'Structure model' pdbx_entry_details        
8 6 'Structure model' pdbx_modification_feature 
# 
loop_
_pdbx_audit_revision_item.ordinal 
_pdbx_audit_revision_item.revision_ordinal 
_pdbx_audit_revision_item.data_content_type 
_pdbx_audit_revision_item.item 
1 5 'Structure model' '_database_2.pdbx_DOI'                
2 5 'Structure model' '_database_2.pdbx_database_accession' 
3 5 'Structure model' '_pdbx_database_status.process_site'  
4 5 'Structure model' '_struct_conn.pdbx_leaving_atom_flag' 
5 5 'Structure model' '_struct_ref_seq.db_align_beg'        
6 5 'Structure model' '_struct_ref_seq.db_align_end'        
# 
_pdbx_database_status.status_code                     REL 
_pdbx_database_status.entry_id                        1BHF 
_pdbx_database_status.recvd_initial_deposition_date   1998-06-08 
_pdbx_database_status.deposit_site                    ? 
_pdbx_database_status.process_site                    BNL 
_pdbx_database_status.SG_entry                        . 
_pdbx_database_status.pdb_format_compatible           Y 
_pdbx_database_status.status_code_mr                  ? 
_pdbx_database_status.status_code_sf                  ? 
_pdbx_database_status.status_code_cs                  ? 
_pdbx_database_status.status_code_nmr_data            ? 
_pdbx_database_status.methods_development_category    ? 
# 
loop_
_audit_author.name 
_audit_author.pdbx_ordinal 
'Tong, L.'          1 
'Warren, T.C.'      2 
'Lukas, S.'         3 
'Schembri-King, J.' 4 
'Betageri, R.'      5 
'Proudfoot, J.R.'   6 
'Jakes, S.'         7 
# 
_citation.id                        primary 
_citation.title                     'Carboxymethyl-phenylalanine as a replacement for phosphotyrosine in SH2 domain binding.' 
_citation.journal_abbrev            J.Biol.Chem. 
_citation.journal_volume            273 
_citation.page_first                20238 
_citation.page_last                 20242 
_citation.year                      1998 
_citation.journal_id_ASTM           JBCHA3 
_citation.country                   US 
_citation.journal_id_ISSN           0021-9258 
_citation.journal_id_CSD            0071 
_citation.book_publisher            ? 
_citation.pdbx_database_id_PubMed   9685372 
_citation.pdbx_database_id_DOI      10.1074/jbc.273.32.20238 
# 
loop_
_citation_author.citation_id 
_citation_author.name 
_citation_author.ordinal 
_citation_author.identifier_ORCID 
primary 'Tong, L.'          1 ? 
primary 'Warren, T.C.'      2 ? 
primary 'Lukas, S.'         3 ? 
primary 'Schembri-King, J.' 4 ? 
primary 'Betageri, R.'      5 ? 
primary 'Proudfoot, J.R.'   6 ? 
primary 'Jakes, S.'         7 ? 
# 
loop_
_entity.id 
_entity.type 
_entity.src_method 
_entity.pdbx_description 
_entity.formula_weight 
_entity.pdbx_number_of_molecules 
_entity.pdbx_ec 
_entity.pdbx_mutation 
_entity.pdbx_fragment 
_entity.details 
1 polymer man 'T-LYMPHOCYTE-SPECIFIC PROTEIN TYROSINE KINASE P56LCK' 12257.631 1   2.7.1.112 ? 'SH2 DOMAIN' ? 
2 polymer syn 'INHIBITOR ACE-IPA-GLU-GLU-ILE'                        620.648   1   ?         ? ?            ? 
3 water   nat water                                                  18.015    107 ?         ? ?            ? 
# 
loop_
_entity_poly.entity_id 
_entity_poly.type 
_entity_poly.nstd_linkage 
_entity_poly.nstd_monomer 
_entity_poly.pdbx_seq_one_letter_code 
_entity_poly.pdbx_seq_one_letter_code_can 
_entity_poly.pdbx_strand_id 
_entity_poly.pdbx_target_identifier 
1 'polypeptide(L)' no no  
;ANSLEPEPWFFKNLSRKDAERQLLAPGNTHGSFLIRESESTAGSFSLSVRDFDQNQGEVVKHYKIRNLDNGGFYISPRIT
FPGLHELVRHYTNASDGLCTRLSRPCQT
;
;ANSLEPEPWFFKNLSRKDAERQLLAPGNTHGSFLIRESESTAGSFSLSVRDFDQNQGEVVKHYKIRNLDNGGFYISPRIT
FPGLHELVRHYTNASDGLCTRLSRPCQT
;
A ? 
2 'polypeptide(L)' no yes '(ACE)(1PA)EEI' XFEEI I ? 
# 
_pdbx_entity_nonpoly.entity_id   3 
_pdbx_entity_nonpoly.name        water 
_pdbx_entity_nonpoly.comp_id     HOH 
# 
loop_
_entity_poly_seq.entity_id 
_entity_poly_seq.num 
_entity_poly_seq.mon_id 
_entity_poly_seq.hetero 
1 1   ALA n 
1 2   ASN n 
1 3   SER n 
1 4   LEU n 
1 5   GLU n 
1 6   PRO n 
1 7   GLU n 
1 8   PRO n 
1 9   TRP n 
1 10  PHE n 
1 11  PHE n 
1 12  LYS n 
1 13  ASN n 
1 14  LEU n 
1 15  SER n 
1 16  ARG n 
1 17  LYS n 
1 18  ASP n 
1 19  ALA n 
1 20  GLU n 
1 21  ARG n 
1 22  GLN n 
1 23  LEU n 
1 24  LEU n 
1 25  ALA n 
1 26  PRO n 
1 27  GLY n 
1 28  ASN n 
1 29  THR n 
1 30  HIS n 
1 31  GLY n 
1 32  SER n 
1 33  PHE n 
1 34  LEU n 
1 35  ILE n 
1 36  ARG n 
1 37  GLU n 
1 38  SER n 
1 39  GLU n 
1 40  SER n 
1 41  THR n 
1 42  ALA n 
1 43  GLY n 
1 44  SER n 
1 45  PHE n 
1 46  SER n 
1 47  LEU n 
1 48  SER n 
1 49  VAL n 
1 50  ARG n 
1 51  ASP n 
1 52  PHE n 
1 53  ASP n 
1 54  GLN n 
1 55  ASN n 
1 56  GLN n 
1 57  GLY n 
1 58  GLU n 
1 59  VAL n 
1 60  VAL n 
1 61  LYS n 
1 62  HIS n 
1 63  TYR n 
1 64  LYS n 
1 65  ILE n 
1 66  ARG n 
1 67  ASN n 
1 68  LEU n 
1 69  ASP n 
1 70  ASN n 
1 71  GLY n 
1 72  GLY n 
1 73  PHE n 
1 74  TYR n 
1 75  ILE n 
1 76  SER n 
1 77  PRO n 
1 78  ARG n 
1 79  ILE n 
1 80  THR n 
1 81  PHE n 
1 82  PRO n 
1 83  GLY n 
1 84  LEU n 
1 85  HIS n 
1 86  GLU n 
1 87  LEU n 
1 88  VAL n 
1 89  ARG n 
1 90  HIS n 
1 91  TYR n 
1 92  THR n 
1 93  ASN n 
1 94  ALA n 
1 95  SER n 
1 96  ASP n 
1 97  GLY n 
1 98  LEU n 
1 99  CYS n 
1 100 THR n 
1 101 ARG n 
1 102 LEU n 
1 103 SER n 
1 104 ARG n 
1 105 PRO n 
1 106 CYS n 
1 107 GLN n 
1 108 THR n 
2 1   ACE n 
2 2   1PA n 
2 3   GLU n 
2 4   GLU n 
2 5   ILE n 
# 
_entity_src_gen.entity_id                          1 
_entity_src_gen.pdbx_src_id                        1 
_entity_src_gen.pdbx_alt_source_flag               sample 
_entity_src_gen.pdbx_seq_type                      ? 
_entity_src_gen.pdbx_beg_seq_num                   ? 
_entity_src_gen.pdbx_end_seq_num                   ? 
_entity_src_gen.gene_src_common_name               human 
_entity_src_gen.gene_src_genus                     Homo 
_entity_src_gen.pdbx_gene_src_gene                 ? 
_entity_src_gen.gene_src_species                   ? 
_entity_src_gen.gene_src_strain                    ? 
_entity_src_gen.gene_src_tissue                    ? 
_entity_src_gen.gene_src_tissue_fraction           ? 
_entity_src_gen.gene_src_details                   ? 
_entity_src_gen.pdbx_gene_src_fragment             ? 
_entity_src_gen.pdbx_gene_src_scientific_name      'Homo sapiens' 
_entity_src_gen.pdbx_gene_src_ncbi_taxonomy_id     9606 
_entity_src_gen.pdbx_gene_src_variant              ? 
_entity_src_gen.pdbx_gene_src_cell_line            ? 
_entity_src_gen.pdbx_gene_src_atcc                 ? 
_entity_src_gen.pdbx_gene_src_organ                ? 
_entity_src_gen.pdbx_gene_src_organelle            ? 
_entity_src_gen.pdbx_gene_src_cell                 ? 
_entity_src_gen.pdbx_gene_src_cellular_location    ? 
_entity_src_gen.host_org_common_name               ? 
_entity_src_gen.pdbx_host_org_scientific_name      'Escherichia coli' 
_entity_src_gen.pdbx_host_org_ncbi_taxonomy_id     562 
_entity_src_gen.host_org_genus                     Escherichia 
_entity_src_gen.pdbx_host_org_gene                 ? 
_entity_src_gen.pdbx_host_org_organ                ? 
_entity_src_gen.host_org_species                   ? 
_entity_src_gen.pdbx_host_org_tissue               ? 
_entity_src_gen.pdbx_host_org_tissue_fraction      ? 
_entity_src_gen.pdbx_host_org_strain               ? 
_entity_src_gen.pdbx_host_org_variant              ? 
_entity_src_gen.pdbx_host_org_cell_line            ? 
_entity_src_gen.pdbx_host_org_atcc                 ? 
_entity_src_gen.pdbx_host_org_culture_collection   ? 
_entity_src_gen.pdbx_host_org_cell                 ? 
_entity_src_gen.pdbx_host_org_organelle            ? 
_entity_src_gen.pdbx_host_org_cellular_location    ? 
_entity_src_gen.pdbx_host_org_vector_type          ? 
_entity_src_gen.pdbx_host_org_vector               ? 
_entity_src_gen.host_org_details                   ? 
_entity_src_gen.expression_system_id               ? 
_entity_src_gen.plasmid_name                       ? 
_entity_src_gen.plasmid_details                    ? 
_entity_src_gen.pdbx_description                   ? 
# 
loop_
_chem_comp.id 
_chem_comp.type 
_chem_comp.mon_nstd_flag 
_chem_comp.name 
_chem_comp.pdbx_synonyms 
_chem_comp.formula 
_chem_comp.formula_weight 
1PA 'L-peptide linking' n '4-(carboxymethyl)-L-phenylalanine' 'p-(carboxymethyl)phenylalanine' 'C11 H13 N O4'   223.225 
ACE non-polymer         . 'ACETYL GROUP'                      ?                                'C2 H4 O'        44.053  
ALA 'L-peptide linking' y ALANINE                             ?                                'C3 H7 N O2'     89.093  
ARG 'L-peptide linking' y ARGININE                            ?                                'C6 H15 N4 O2 1' 175.209 
ASN 'L-peptide linking' y ASPARAGINE                          ?                                'C4 H8 N2 O3'    132.118 
ASP 'L-peptide linking' y 'ASPARTIC ACID'                     ?                                'C4 H7 N O4'     133.103 
CYS 'L-peptide linking' y CYSTEINE                            ?                                'C3 H7 N O2 S'   121.158 
GLN 'L-peptide linking' y GLUTAMINE                           ?                                'C5 H10 N2 O3'   146.144 
GLU 'L-peptide linking' y 'GLUTAMIC ACID'                     ?                                'C5 H9 N O4'     147.129 
GLY 'peptide linking'   y GLYCINE                             ?                                'C2 H5 N O2'     75.067  
HIS 'L-peptide linking' y HISTIDINE                           ?                                'C6 H10 N3 O2 1' 156.162 
HOH non-polymer         . WATER                               ?                                'H2 O'           18.015  
ILE 'L-peptide linking' y ISOLEUCINE                          ?                                'C6 H13 N O2'    131.173 
LEU 'L-peptide linking' y LEUCINE                             ?                                'C6 H13 N O2'    131.173 
LYS 'L-peptide linking' y LYSINE                              ?                                'C6 H15 N2 O2 1' 147.195 
PHE 'L-peptide linking' y PHENYLALANINE                       ?                                'C9 H11 N O2'    165.189 
PRO 'L-peptide linking' y PROLINE                             ?                                'C5 H9 N O2'     115.130 
SER 'L-peptide linking' y SERINE                              ?                                'C3 H7 N O3'     105.093 
THR 'L-peptide linking' y THREONINE                           ?                                'C4 H9 N O3'     119.119 
TRP 'L-peptide linking' y TRYPTOPHAN                          ?                                'C11 H12 N2 O2'  204.225 
TYR 'L-peptide linking' y TYROSINE                            ?                                'C9 H11 N O3'    181.189 
VAL 'L-peptide linking' y VALINE                              ?                                'C5 H11 N O2'    117.146 
# 
loop_
_pdbx_poly_seq_scheme.asym_id 
_pdbx_poly_seq_scheme.entity_id 
_pdbx_poly_seq_scheme.seq_id 
_pdbx_poly_seq_scheme.mon_id 
_pdbx_poly_seq_scheme.ndb_seq_num 
_pdbx_poly_seq_scheme.pdb_seq_num 
_pdbx_poly_seq_scheme.auth_seq_num 
_pdbx_poly_seq_scheme.pdb_mon_id 
_pdbx_poly_seq_scheme.auth_mon_id 
_pdbx_poly_seq_scheme.pdb_strand_id 
_pdbx_poly_seq_scheme.pdb_ins_code 
_pdbx_poly_seq_scheme.hetero 
A 1 1   ALA 1   119 ?   ?   ?   A . n 
A 1 2   ASN 2   120 ?   ?   ?   A . n 
A 1 3   SER 3   121 ?   ?   ?   A . n 
A 1 4   LEU 4   122 122 LEU LEU A . n 
A 1 5   GLU 5   123 123 GLU GLU A . n 
A 1 6   PRO 6   124 124 PRO PRO A . n 
A 1 7   GLU 7   125 125 GLU GLU A . n 
A 1 8   PRO 8   126 126 PRO PRO A . n 
A 1 9   TRP 9   127 127 TRP TRP A . n 
A 1 10  PHE 10  128 128 PHE PHE A . n 
A 1 11  PHE 11  129 129 PHE PHE A . n 
A 1 12  LYS 12  130 130 LYS LYS A . n 
A 1 13  ASN 13  131 131 ASN ASN A . n 
A 1 14  LEU 14  132 132 LEU LEU A . n 
A 1 15  SER 15  133 133 SER SER A . n 
A 1 16  ARG 16  134 134 ARG ARG A . n 
A 1 17  LYS 17  135 135 LYS LYS A . n 
A 1 18  ASP 18  136 136 ASP ASP A . n 
A 1 19  ALA 19  137 137 ALA ALA A . n 
A 1 20  GLU 20  138 138 GLU GLU A . n 
A 1 21  ARG 21  139 139 ARG ARG A . n 
A 1 22  GLN 22  140 140 GLN GLN A . n 
A 1 23  LEU 23  141 141 LEU LEU A . n 
A 1 24  LEU 24  142 142 LEU LEU A . n 
A 1 25  ALA 25  143 143 ALA ALA A . n 
A 1 26  PRO 26  144 144 PRO PRO A . n 
A 1 27  GLY 27  145 145 GLY GLY A . n 
A 1 28  ASN 28  146 146 ASN ASN A . n 
A 1 29  THR 29  147 147 THR THR A . n 
A 1 30  HIS 30  148 148 HIS HIS A . n 
A 1 31  GLY 31  149 149 GLY GLY A . n 
A 1 32  SER 32  150 150 SER SER A . n 
A 1 33  PHE 33  151 151 PHE PHE A . n 
A 1 34  LEU 34  152 152 LEU LEU A . n 
A 1 35  ILE 35  153 153 ILE ILE A . n 
A 1 36  ARG 36  154 154 ARG ARG A . n 
A 1 37  GLU 37  155 155 GLU GLU A . n 
A 1 38  SER 38  156 156 SER SER A . n 
A 1 39  GLU 39  157 157 GLU GLU A . n 
A 1 40  SER 40  158 158 SER SER A . n 
A 1 41  THR 41  159 159 THR THR A . n 
A 1 42  ALA 42  160 160 ALA ALA A . n 
A 1 43  GLY 43  161 161 GLY GLY A . n 
A 1 44  SER 44  162 162 SER SER A . n 
A 1 45  PHE 45  163 163 PHE PHE A . n 
A 1 46  SER 46  164 164 SER SER A . n 
A 1 47  LEU 47  165 165 LEU LEU A . n 
A 1 48  SER 48  166 166 SER SER A . n 
A 1 49  VAL 49  167 167 VAL VAL A . n 
A 1 50  ARG 50  168 168 ARG ARG A . n 
A 1 51  ASP 51  169 169 ASP ASP A . n 
A 1 52  PHE 52  170 170 PHE PHE A . n 
A 1 53  ASP 53  171 171 ASP ASP A . n 
A 1 54  GLN 54  172 172 GLN GLN A . n 
A 1 55  ASN 55  173 173 ASN ASN A . n 
A 1 56  GLN 56  174 174 GLN GLN A . n 
A 1 57  GLY 57  175 175 GLY GLY A . n 
A 1 58  GLU 58  176 176 GLU GLU A . n 
A 1 59  VAL 59  177 177 VAL VAL A . n 
A 1 60  VAL 60  178 178 VAL VAL A . n 
A 1 61  LYS 61  179 179 LYS LYS A . n 
A 1 62  HIS 62  180 180 HIS HIS A . n 
A 1 63  TYR 63  181 181 TYR TYR A . n 
A 1 64  LYS 64  182 182 LYS LYS A . n 
A 1 65  ILE 65  183 183 ILE ILE A . n 
A 1 66  ARG 66  184 184 ARG ARG A . n 
A 1 67  ASN 67  185 185 ASN ASN A . n 
A 1 68  LEU 68  186 186 LEU LEU A . n 
A 1 69  ASP 69  187 187 ASP ASP A . n 
A 1 70  ASN 70  188 188 ASN ASN A . n 
A 1 71  GLY 71  189 189 GLY GLY A . n 
A 1 72  GLY 72  190 190 GLY GLY A . n 
A 1 73  PHE 73  191 191 PHE PHE A . n 
A 1 74  TYR 74  192 192 TYR TYR A . n 
A 1 75  ILE 75  193 193 ILE ILE A . n 
A 1 76  SER 76  194 194 SER SER A . n 
A 1 77  PRO 77  195 195 PRO PRO A . n 
A 1 78  ARG 78  196 196 ARG ARG A . n 
A 1 79  ILE 79  197 197 ILE ILE A . n 
A 1 80  THR 80  198 198 THR THR A . n 
A 1 81  PHE 81  199 199 PHE PHE A . n 
A 1 82  PRO 82  200 200 PRO PRO A . n 
A 1 83  GLY 83  201 201 GLY GLY A . n 
A 1 84  LEU 84  202 202 LEU LEU A . n 
A 1 85  HIS 85  203 203 HIS HIS A . n 
A 1 86  GLU 86  204 204 GLU GLU A . n 
A 1 87  LEU 87  205 205 LEU LEU A . n 
A 1 88  VAL 88  206 206 VAL VAL A . n 
A 1 89  ARG 89  207 207 ARG ARG A . n 
A 1 90  HIS 90  208 208 HIS HIS A . n 
A 1 91  TYR 91  209 209 TYR TYR A . n 
A 1 92  THR 92  210 210 THR THR A . n 
A 1 93  ASN 93  211 211 ASN ASN A . n 
A 1 94  ALA 94  212 212 ALA ALA A . n 
A 1 95  SER 95  213 213 SER SER A . n 
A 1 96  ASP 96  214 214 ASP ASP A . n 
A 1 97  GLY 97  215 215 GLY GLY A . n 
A 1 98  LEU 98  216 216 LEU LEU A . n 
A 1 99  CYS 99  217 217 CYS CYS A . n 
A 1 100 THR 100 218 218 THR THR A . n 
A 1 101 ARG 101 219 219 ARG ARG A . n 
A 1 102 LEU 102 220 220 LEU LEU A . n 
A 1 103 SER 103 221 221 SER SER A . n 
A 1 104 ARG 104 222 222 ARG ARG A . n 
A 1 105 PRO 105 223 223 PRO PRO A . n 
A 1 106 CYS 106 224 224 CYS CYS A . n 
A 1 107 GLN 107 225 225 GLN GLN A . n 
A 1 108 THR 108 226 226 THR THR A . n 
B 2 1   ACE 1   251 251 ACE ACE I . n 
B 2 2   1PA 2   252 252 1PA 1PA I . n 
B 2 3   GLU 3   253 253 GLU GLU I . n 
B 2 4   GLU 4   254 254 GLU GLU I . n 
B 2 5   ILE 5   255 255 ILE ILE I . n 
# 
loop_
_pdbx_nonpoly_scheme.asym_id 
_pdbx_nonpoly_scheme.entity_id 
_pdbx_nonpoly_scheme.mon_id 
_pdbx_nonpoly_scheme.ndb_seq_num 
_pdbx_nonpoly_scheme.pdb_seq_num 
_pdbx_nonpoly_scheme.auth_seq_num 
_pdbx_nonpoly_scheme.pdb_mon_id 
_pdbx_nonpoly_scheme.auth_mon_id 
_pdbx_nonpoly_scheme.pdb_strand_id 
_pdbx_nonpoly_scheme.pdb_ins_code 
C 3 HOH 1  301 301 HOH HOH A . 
C 3 HOH 2  303 303 HOH HOH A . 
C 3 HOH 3  304 304 HOH HOH A . 
C 3 HOH 4  305 305 HOH HOH A . 
C 3 HOH 5  306 306 HOH HOH A . 
C 3 HOH 6  307 307 HOH HOH A . 
C 3 HOH 7  309 309 HOH HOH A . 
C 3 HOH 8  311 311 HOH HOH A . 
C 3 HOH 9  312 312 HOH HOH A . 
C 3 HOH 10 314 314 HOH HOH A . 
C 3 HOH 11 316 316 HOH HOH A . 
C 3 HOH 12 317 317 HOH HOH A . 
C 3 HOH 13 318 318 HOH HOH A . 
C 3 HOH 14 319 319 HOH HOH A . 
C 3 HOH 15 320 320 HOH HOH A . 
C 3 HOH 16 321 321 HOH HOH A . 
C 3 HOH 17 322 322 HOH HOH A . 
C 3 HOH 18 323 323 HOH HOH A . 
C 3 HOH 19 324 324 HOH HOH A . 
C 3 HOH 20 328 328 HOH HOH A . 
C 3 HOH 21 329 329 HOH HOH A . 
C 3 HOH 22 330 330 HOH HOH A . 
C 3 HOH 23 331 331 HOH HOH A . 
C 3 HOH 24 333 333 HOH HOH A . 
C 3 HOH 25 334 334 HOH HOH A . 
C 3 HOH 26 335 335 HOH HOH A . 
C 3 HOH 27 336 336 HOH HOH A . 
C 3 HOH 28 337 337 HOH HOH A . 
C 3 HOH 29 338 338 HOH HOH A . 
C 3 HOH 30 339 339 HOH HOH A . 
C 3 HOH 31 340 340 HOH HOH A . 
C 3 HOH 32 341 341 HOH HOH A . 
C 3 HOH 33 342 342 HOH HOH A . 
C 3 HOH 34 343 343 HOH HOH A . 
C 3 HOH 35 344 344 HOH HOH A . 
C 3 HOH 36 345 345 HOH HOH A . 
C 3 HOH 37 346 346 HOH HOH A . 
C 3 HOH 38 347 347 HOH HOH A . 
C 3 HOH 39 348 348 HOH HOH A . 
C 3 HOH 40 349 349 HOH HOH A . 
C 3 HOH 41 350 350 HOH HOH A . 
C 3 HOH 42 351 351 HOH HOH A . 
C 3 HOH 43 352 352 HOH HOH A . 
C 3 HOH 44 353 353 HOH HOH A . 
C 3 HOH 45 355 355 HOH HOH A . 
C 3 HOH 46 356 356 HOH HOH A . 
C 3 HOH 47 357 357 HOH HOH A . 
C 3 HOH 48 358 358 HOH HOH A . 
C 3 HOH 49 359 359 HOH HOH A . 
C 3 HOH 50 360 360 HOH HOH A . 
C 3 HOH 51 361 361 HOH HOH A . 
C 3 HOH 52 362 362 HOH HOH A . 
C 3 HOH 53 364 364 HOH HOH A . 
C 3 HOH 54 365 365 HOH HOH A . 
C 3 HOH 55 366 366 HOH HOH A . 
C 3 HOH 56 367 367 HOH HOH A . 
C 3 HOH 57 368 368 HOH HOH A . 
C 3 HOH 58 369 369 HOH HOH A . 
C 3 HOH 59 370 370 HOH HOH A . 
C 3 HOH 60 371 371 HOH HOH A . 
C 3 HOH 61 372 372 HOH HOH A . 
C 3 HOH 62 373 373 HOH HOH A . 
C 3 HOH 63 374 374 HOH HOH A . 
C 3 HOH 64 375 375 HOH HOH A . 
C 3 HOH 65 377 377 HOH HOH A . 
C 3 HOH 66 378 378 HOH HOH A . 
C 3 HOH 67 379 379 HOH HOH A . 
C 3 HOH 68 380 380 HOH HOH A . 
C 3 HOH 69 381 381 HOH HOH A . 
C 3 HOH 70 382 382 HOH HOH A . 
C 3 HOH 71 383 383 HOH HOH A . 
C 3 HOH 72 384 384 HOH HOH A . 
C 3 HOH 73 385 385 HOH HOH A . 
C 3 HOH 74 386 386 HOH HOH A . 
C 3 HOH 75 387 387 HOH HOH A . 
C 3 HOH 76 388 388 HOH HOH A . 
C 3 HOH 77 389 389 HOH HOH A . 
C 3 HOH 78 390 390 HOH HOH A . 
C 3 HOH 79 391 391 HOH HOH A . 
C 3 HOH 80 392 392 HOH HOH A . 
C 3 HOH 81 393 393 HOH HOH A . 
C 3 HOH 82 394 394 HOH HOH A . 
C 3 HOH 83 395 395 HOH HOH A . 
C 3 HOH 84 396 396 HOH HOH A . 
C 3 HOH 85 397 397 HOH HOH A . 
C 3 HOH 86 398 398 HOH HOH A . 
C 3 HOH 87 399 399 HOH HOH A . 
C 3 HOH 88 400 400 HOH HOH A . 
C 3 HOH 89 401 401 HOH HOH A . 
C 3 HOH 90 402 402 HOH HOH A . 
C 3 HOH 91 403 403 HOH HOH A . 
C 3 HOH 92 404 404 HOH HOH A . 
C 3 HOH 93 405 405 HOH HOH A . 
C 3 HOH 94 406 406 HOH HOH A . 
C 3 HOH 95 407 407 HOH HOH A . 
D 3 HOH 1  302 302 HOH HOH I . 
D 3 HOH 2  308 308 HOH HOH I . 
D 3 HOH 3  310 310 HOH HOH I . 
D 3 HOH 4  313 313 HOH HOH I . 
D 3 HOH 5  315 315 HOH HOH I . 
D 3 HOH 6  325 325 HOH HOH I . 
D 3 HOH 7  326 326 HOH HOH I . 
D 3 HOH 8  327 327 HOH HOH I . 
D 3 HOH 9  332 332 HOH HOH I . 
D 3 HOH 10 354 354 HOH HOH I . 
D 3 HOH 11 363 363 HOH HOH I . 
D 3 HOH 12 376 376 HOH HOH I . 
# 
loop_
_software.name 
_software.classification 
_software.version 
_software.citation_id 
_software.pdbx_ordinal 
X-PLOR 'model building' 3.1 ? 1 
X-PLOR refinement       3.1 ? 2 
RIGAKU 'data reduction' .   ? 3 
RIGAKU 'data scaling'   .   ? 4 
X-PLOR phasing          3.1 ? 5 
# 
_cell.entry_id           1BHF 
_cell.length_a           80.700 
_cell.length_b           45.200 
_cell.length_c           26.100 
_cell.angle_alpha        90.00 
_cell.angle_beta         90.00 
_cell.angle_gamma        90.00 
_cell.Z_PDB              4 
_cell.pdbx_unique_axis   ? 
# 
_symmetry.entry_id                         1BHF 
_symmetry.space_group_name_H-M             'P 21 21 21' 
_symmetry.pdbx_full_space_group_name_H-M   ? 
_symmetry.cell_setting                     ? 
_symmetry.Int_Tables_number                19 
# 
_exptl.entry_id          1BHF 
_exptl.method            'X-RAY DIFFRACTION' 
_exptl.crystals_number   1 
# 
_exptl_crystal.id                    1 
_exptl_crystal.density_meas          ? 
_exptl_crystal.density_Matthews      1.85 
_exptl_crystal.density_percent_sol   33.42 
_exptl_crystal.description           ? 
# 
_diffrn.id                     1 
_diffrn.ambient_temp           100 
_diffrn.ambient_temp_details   ? 
_diffrn.crystal_id             1 
# 
_diffrn_detector.diffrn_id              1 
_diffrn_detector.detector               'IMAGE PLATE' 
_diffrn_detector.type                   RIGAKU 
_diffrn_detector.pdbx_collection_date   1995-05-09 
_diffrn_detector.details                ? 
# 
_diffrn_radiation.diffrn_id                        1 
_diffrn_radiation.wavelength_id                    1 
_diffrn_radiation.pdbx_monochromatic_or_laue_m_l   M 
_diffrn_radiation.monochromator                    'GRAPHITE(002)' 
_diffrn_radiation.pdbx_diffrn_protocol             ? 
_diffrn_radiation.pdbx_scattering_type             x-ray 
# 
_diffrn_radiation_wavelength.id           1 
_diffrn_radiation_wavelength.wavelength   1.5418 
_diffrn_radiation_wavelength.wt           1.0 
# 
_diffrn_source.diffrn_id                   1 
_diffrn_source.source                      'ROTATING ANODE' 
_diffrn_source.type                        'RIGAKU RUH2R' 
_diffrn_source.pdbx_synchrotron_site       ? 
_diffrn_source.pdbx_synchrotron_beamline   ? 
_diffrn_source.pdbx_wavelength             1.5418 
_diffrn_source.pdbx_wavelength_list        ? 
# 
_reflns.entry_id                     1BHF 
_reflns.observed_criterion_sigma_I   1 
_reflns.observed_criterion_sigma_F   ? 
_reflns.d_resolution_low             20 
_reflns.d_resolution_high            1.8 
_reflns.number_obs                   8151 
_reflns.number_all                   ? 
_reflns.percent_possible_obs         ? 
_reflns.pdbx_Rmerge_I_obs            0.0680000 
_reflns.pdbx_Rsym_value              ? 
_reflns.pdbx_netI_over_sigmaI        ? 
_reflns.B_iso_Wilson_estimate        ? 
_reflns.pdbx_redundancy              ? 
_reflns.pdbx_ordinal                 1 
_reflns.pdbx_diffrn_id               1 
# 
_refine.entry_id                                 1BHF 
_refine.ls_number_reflns_obs                     7883 
_refine.ls_number_reflns_all                     ? 
_refine.pdbx_ls_sigma_I                          ? 
_refine.pdbx_ls_sigma_F                          ? 
_refine.pdbx_data_cutoff_high_absF               ? 
_refine.pdbx_data_cutoff_low_absF                ? 
_refine.pdbx_data_cutoff_high_rms_absF           ? 
_refine.ls_d_res_low                             6 
_refine.ls_d_res_high                            1.8 
_refine.ls_percent_reflns_obs                    95 
_refine.ls_R_factor_obs                          0.2260000 
_refine.ls_R_factor_all                          ? 
_refine.ls_R_factor_R_work                       0.2260000 
_refine.ls_R_factor_R_free                       ? 
_refine.ls_R_factor_R_free_error                 ? 
_refine.ls_R_factor_R_free_error_details         ? 
_refine.ls_percent_reflns_R_free                 ? 
_refine.ls_number_reflns_R_free                  ? 
_refine.ls_number_parameters                     ? 
_refine.ls_number_restraints                     ? 
_refine.occupancy_min                            ? 
_refine.occupancy_max                            ? 
_refine.B_iso_mean                               ? 
_refine.aniso_B[1][1]                            ? 
_refine.aniso_B[2][2]                            ? 
_refine.aniso_B[3][3]                            ? 
_refine.aniso_B[1][2]                            ? 
_refine.aniso_B[1][3]                            ? 
_refine.aniso_B[2][3]                            ? 
_refine.solvent_model_details                    ? 
_refine.solvent_model_param_ksol                 ? 
_refine.solvent_model_param_bsol                 ? 
_refine.pdbx_ls_cross_valid_method               ? 
_refine.details                                  ? 
_refine.pdbx_starting_model                      ? 
_refine.pdbx_method_to_determine_struct          ? 
_refine.pdbx_isotropic_thermal_model             ? 
_refine.pdbx_stereochemistry_target_values       ? 
_refine.pdbx_stereochem_target_val_spec_case     ? 
_refine.pdbx_R_Free_selection_details            ? 
_refine.pdbx_overall_ESU_R                       ? 
_refine.pdbx_overall_ESU_R_Free                  ? 
_refine.overall_SU_ML                            ? 
_refine.overall_SU_B                             ? 
_refine.pdbx_refine_id                           'X-RAY DIFFRACTION' 
_refine.pdbx_diffrn_id                           1 
_refine.pdbx_TLS_residual_ADP_flag               ? 
_refine.correlation_coeff_Fo_to_Fc               ? 
_refine.correlation_coeff_Fo_to_Fc_free          ? 
_refine.pdbx_solvent_vdw_probe_radii             ? 
_refine.pdbx_solvent_ion_probe_radii             ? 
_refine.pdbx_solvent_shrinkage_radii             ? 
_refine.pdbx_overall_phase_error                 ? 
_refine.overall_SU_R_Cruickshank_DPI             ? 
_refine.pdbx_overall_SU_R_free_Cruickshank_DPI   ? 
_refine.pdbx_overall_SU_R_Blow_DPI               ? 
_refine.pdbx_overall_SU_R_free_Blow_DPI          ? 
# 
_refine_hist.pdbx_refine_id                   'X-RAY DIFFRACTION' 
_refine_hist.cycle_id                         LAST 
_refine_hist.pdbx_number_atoms_protein        891 
_refine_hist.pdbx_number_atoms_nucleic_acid   0 
_refine_hist.pdbx_number_atoms_ligand         0 
_refine_hist.number_atoms_solvent             107 
_refine_hist.number_atoms_total               998 
_refine_hist.d_res_high                       1.8 
_refine_hist.d_res_low                        6 
# 
loop_
_refine_ls_restr.type 
_refine_ls_restr.dev_ideal 
_refine_ls_restr.dev_ideal_target 
_refine_ls_restr.weight 
_refine_ls_restr.number 
_refine_ls_restr.pdbx_refine_id 
_refine_ls_restr.pdbx_restraint_function 
x_bond_d                0.011 ? ? ? 'X-RAY DIFFRACTION' ? 
x_bond_d_na             ?     ? ? ? 'X-RAY DIFFRACTION' ? 
x_bond_d_prot           ?     ? ? ? 'X-RAY DIFFRACTION' ? 
x_angle_d               ?     ? ? ? 'X-RAY DIFFRACTION' ? 
x_angle_d_na            ?     ? ? ? 'X-RAY DIFFRACTION' ? 
x_angle_d_prot          ?     ? ? ? 'X-RAY DIFFRACTION' ? 
x_angle_deg             1.7   ? ? ? 'X-RAY DIFFRACTION' ? 
x_angle_deg_na          ?     ? ? ? 'X-RAY DIFFRACTION' ? 
x_angle_deg_prot        ?     ? ? ? 'X-RAY DIFFRACTION' ? 
x_dihedral_angle_d      ?     ? ? ? 'X-RAY DIFFRACTION' ? 
x_dihedral_angle_d_na   ?     ? ? ? 'X-RAY DIFFRACTION' ? 
x_dihedral_angle_d_prot ?     ? ? ? 'X-RAY DIFFRACTION' ? 
x_improper_angle_d      ?     ? ? ? 'X-RAY DIFFRACTION' ? 
x_improper_angle_d_na   ?     ? ? ? 'X-RAY DIFFRACTION' ? 
x_improper_angle_d_prot ?     ? ? ? 'X-RAY DIFFRACTION' ? 
x_mcbond_it             ?     ? ? ? 'X-RAY DIFFRACTION' ? 
x_mcangle_it            ?     ? ? ? 'X-RAY DIFFRACTION' ? 
x_scbond_it             ?     ? ? ? 'X-RAY DIFFRACTION' ? 
x_scangle_it            ?     ? ? ? 'X-RAY DIFFRACTION' ? 
# 
_struct.entry_id                  1BHF 
_struct.title                     'P56LCK SH2 DOMAIN INHIBITOR COMPLEX' 
_struct.pdbx_model_details        ? 
_struct.pdbx_CASP_flag            ? 
_struct.pdbx_model_type_details   ? 
# 
_struct_keywords.entry_id        1BHF 
_struct_keywords.pdbx_keywords   'TRANSFERASE/TRANSFERASE INHIBITOR' 
_struct_keywords.text            'SH2 DOMAIN, PHOSPHORYLATION, TRANSFERASE-TRANSFERASE INHIBITOR COMPLEX' 
# 
loop_
_struct_asym.id 
_struct_asym.pdbx_blank_PDB_chainid_flag 
_struct_asym.pdbx_modified 
_struct_asym.entity_id 
_struct_asym.details 
A N N 1 ? 
B N N 2 ? 
C N N 3 ? 
D N N 3 ? 
# 
loop_
_struct_ref.id 
_struct_ref.db_name 
_struct_ref.db_code 
_struct_ref.entity_id 
_struct_ref.pdbx_db_accession 
_struct_ref.pdbx_align_begin 
_struct_ref.pdbx_seq_one_letter_code 
_struct_ref.pdbx_db_isoform 
1 UNP LCK_HUMAN 1 P06239 1 
;GCGCSSHPEDDWMENIDVCENCHYPIVPLDGKGTLLIRNGSEVRDPLVTYEGSNPPASPLQDNLVIALHSYEPSHDGDLG
FEKGEQLRILEQSGEWWKAQSLTTGQEGFIPFNFVAKANSLEPEPWFFKNLSRKDAERQLLAPGNTHGSFLIRESESTAG
SFSLSVRDFDQNQGEVVKHYKIRNLDNGGFYISPRITFPGLHELVRHYTNASDGLCTRLSRPCQTQKPQKPWWEDEWEVP
RETLKLVERLGAGQFGEVWMGYYNGHTKVAVKSLKQGSMSPDAFLAEANLMKQLQHQRLVRLYAVVTQEPIYIITEYMEN
GSLVDFLKTPSGIKLTINKLLDMAAQIAEGMAFIEERNYIHRDLRAANILVSDTLSCKIADFGLARLIEDNEYTAREGAK
FPIKWTAPEAINYGTFTIKSDVWSFGILLTEIVTHGRIPYPGMTNPEVIQNLERGYRMVRPDNCPEELYQLMRLCWKERP
EDRPTFDYLRSVLEDFFTATEGQYQPQP
;
? 
2 PDB 1BHF      2 1BHF   1 XPEEI ? 
# 
loop_
_struct_ref_seq.align_id 
_struct_ref_seq.ref_id 
_struct_ref_seq.pdbx_PDB_id_code 
_struct_ref_seq.pdbx_strand_id 
_struct_ref_seq.seq_align_beg 
_struct_ref_seq.pdbx_seq_align_beg_ins_code 
_struct_ref_seq.seq_align_end 
_struct_ref_seq.pdbx_seq_align_end_ins_code 
_struct_ref_seq.pdbx_db_accession 
_struct_ref_seq.db_align_beg 
_struct_ref_seq.pdbx_db_align_beg_ins_code 
_struct_ref_seq.db_align_end 
_struct_ref_seq.pdbx_db_align_end_ins_code 
_struct_ref_seq.pdbx_auth_seq_align_beg 
_struct_ref_seq.pdbx_auth_seq_align_end 
1 1 1BHF A 1 ? 108 ? P06239 118 ? 225 ? 119 226 
2 2 1BHF I 1 ? 5   ? 1BHF   251 ? 255 ? 251 255 
# 
_pdbx_struct_assembly.id                   1 
_pdbx_struct_assembly.details              author_defined_assembly 
_pdbx_struct_assembly.method_details       ? 
_pdbx_struct_assembly.oligomeric_details   dimeric 
_pdbx_struct_assembly.oligomeric_count     2 
# 
_pdbx_struct_assembly_gen.assembly_id       1 
_pdbx_struct_assembly_gen.oper_expression   1 
_pdbx_struct_assembly_gen.asym_id_list      A,B,C,D 
# 
_pdbx_struct_oper_list.id                   1 
_pdbx_struct_oper_list.type                 'identity operation' 
_pdbx_struct_oper_list.name                 1_555 
_pdbx_struct_oper_list.symmetry_operation   x,y,z 
_pdbx_struct_oper_list.matrix[1][1]         1.0000000000 
_pdbx_struct_oper_list.matrix[1][2]         0.0000000000 
_pdbx_struct_oper_list.matrix[1][3]         0.0000000000 
_pdbx_struct_oper_list.vector[1]            0.0000000000 
_pdbx_struct_oper_list.matrix[2][1]         0.0000000000 
_pdbx_struct_oper_list.matrix[2][2]         1.0000000000 
_pdbx_struct_oper_list.matrix[2][3]         0.0000000000 
_pdbx_struct_oper_list.vector[2]            0.0000000000 
_pdbx_struct_oper_list.matrix[3][1]         0.0000000000 
_pdbx_struct_oper_list.matrix[3][2]         0.0000000000 
_pdbx_struct_oper_list.matrix[3][3]         1.0000000000 
_pdbx_struct_oper_list.vector[3]            0.0000000000 
# 
_struct_biol.id   1 
# 
loop_
_struct_conf.conf_type_id 
_struct_conf.id 
_struct_conf.pdbx_PDB_helix_id 
_struct_conf.beg_label_comp_id 
_struct_conf.beg_label_asym_id 
_struct_conf.beg_label_seq_id 
_struct_conf.pdbx_beg_PDB_ins_code 
_struct_conf.end_label_comp_id 
_struct_conf.end_label_asym_id 
_struct_conf.end_label_seq_id 
_struct_conf.pdbx_end_PDB_ins_code 
_struct_conf.beg_auth_comp_id 
_struct_conf.beg_auth_asym_id 
_struct_conf.beg_auth_seq_id 
_struct_conf.end_auth_comp_id 
_struct_conf.end_auth_asym_id 
_struct_conf.end_auth_seq_id 
_struct_conf.pdbx_PDB_helix_class 
_struct_conf.details 
_struct_conf.pdbx_PDB_helix_length 
HELX_P HELX_P1 1 ARG A 16 ? LEU A 23 ? ARG A 134 LEU A 141 1 ? 8  
HELX_P HELX_P2 2 LEU A 84 ? ASN A 93 ? LEU A 202 ASN A 211 1 ? 10 
# 
_struct_conf_type.id          HELX_P 
_struct_conf_type.criteria    ? 
_struct_conf_type.reference   ? 
# 
loop_
_struct_conn.id 
_struct_conn.conn_type_id 
_struct_conn.pdbx_leaving_atom_flag 
_struct_conn.pdbx_PDB_id 
_struct_conn.ptnr1_label_asym_id 
_struct_conn.ptnr1_label_comp_id 
_struct_conn.ptnr1_label_seq_id 
_struct_conn.ptnr1_label_atom_id 
_struct_conn.pdbx_ptnr1_label_alt_id 
_struct_conn.pdbx_ptnr1_PDB_ins_code 
_struct_conn.pdbx_ptnr1_standard_comp_id 
_struct_conn.ptnr1_symmetry 
_struct_conn.ptnr2_label_asym_id 
_struct_conn.ptnr2_label_comp_id 
_struct_conn.ptnr2_label_seq_id 
_struct_conn.ptnr2_label_atom_id 
_struct_conn.pdbx_ptnr2_label_alt_id 
_struct_conn.pdbx_ptnr2_PDB_ins_code 
_struct_conn.ptnr1_auth_asym_id 
_struct_conn.ptnr1_auth_comp_id 
_struct_conn.ptnr1_auth_seq_id 
_struct_conn.ptnr2_auth_asym_id 
_struct_conn.ptnr2_auth_comp_id 
_struct_conn.ptnr2_auth_seq_id 
_struct_conn.ptnr2_symmetry 
_struct_conn.pdbx_ptnr3_label_atom_id 
_struct_conn.pdbx_ptnr3_label_seq_id 
_struct_conn.pdbx_ptnr3_label_comp_id 
_struct_conn.pdbx_ptnr3_label_asym_id 
_struct_conn.pdbx_ptnr3_label_alt_id 
_struct_conn.pdbx_ptnr3_PDB_ins_code 
_struct_conn.details 
_struct_conn.pdbx_dist_value 
_struct_conn.pdbx_value_order 
_struct_conn.pdbx_role 
covale1 covale both ? B ACE 1 C ? ? ? 1_555 B 1PA 2 N ? ? I ACE 251 I 1PA 252 1_555 ? ? ? ? ? ? ? 1.336 ? ? 
covale2 covale both ? B 1PA 2 C ? ? ? 1_555 B GLU 3 N ? ? I 1PA 252 I GLU 253 1_555 ? ? ? ? ? ? ? 1.321 ? ? 
# 
_struct_conn_type.id          covale 
_struct_conn_type.criteria    ? 
_struct_conn_type.reference   ? 
# 
loop_
_pdbx_modification_feature.ordinal 
_pdbx_modification_feature.label_comp_id 
_pdbx_modification_feature.label_asym_id 
_pdbx_modification_feature.label_seq_id 
_pdbx_modification_feature.label_alt_id 
_pdbx_modification_feature.modified_residue_label_comp_id 
_pdbx_modification_feature.modified_residue_label_asym_id 
_pdbx_modification_feature.modified_residue_label_seq_id 
_pdbx_modification_feature.modified_residue_label_alt_id 
_pdbx_modification_feature.auth_comp_id 
_pdbx_modification_feature.auth_asym_id 
_pdbx_modification_feature.auth_seq_id 
_pdbx_modification_feature.PDB_ins_code 
_pdbx_modification_feature.symmetry 
_pdbx_modification_feature.modified_residue_auth_comp_id 
_pdbx_modification_feature.modified_residue_auth_asym_id 
_pdbx_modification_feature.modified_residue_auth_seq_id 
_pdbx_modification_feature.modified_residue_PDB_ins_code 
_pdbx_modification_feature.modified_residue_symmetry 
_pdbx_modification_feature.comp_id_linking_atom 
_pdbx_modification_feature.modified_residue_id_linking_atom 
_pdbx_modification_feature.modified_residue_id 
_pdbx_modification_feature.ref_pcm_id 
_pdbx_modification_feature.ref_comp_id 
_pdbx_modification_feature.type 
_pdbx_modification_feature.category 
1 1PA B 2 ? .   . . . 1PA I 252 ? 1_555 .   . .   . .     . . PHE 1  1PA Carboxymethylation 'Named protein modification' 
2 ACE B 1 ? 1PA B 2 ? ACE I 251 ? 1_555 1PA I 252 ? 1_555 . . 1PA 42 ACE None               'Terminal acetylation'       
# 
loop_
_struct_sheet.id 
_struct_sheet.type 
_struct_sheet.number_strands 
_struct_sheet.details 
A ? 3 ? 
B ? 2 ? 
# 
loop_
_struct_sheet_order.sheet_id 
_struct_sheet_order.range_id_1 
_struct_sheet_order.range_id_2 
_struct_sheet_order.offset 
_struct_sheet_order.sense 
A 1 2 ? anti-parallel 
A 2 3 ? anti-parallel 
B 1 2 ? anti-parallel 
# 
loop_
_struct_sheet_range.sheet_id 
_struct_sheet_range.id 
_struct_sheet_range.beg_label_comp_id 
_struct_sheet_range.beg_label_asym_id 
_struct_sheet_range.beg_label_seq_id 
_struct_sheet_range.pdbx_beg_PDB_ins_code 
_struct_sheet_range.end_label_comp_id 
_struct_sheet_range.end_label_asym_id 
_struct_sheet_range.end_label_seq_id 
_struct_sheet_range.pdbx_end_PDB_ins_code 
_struct_sheet_range.beg_auth_comp_id 
_struct_sheet_range.beg_auth_asym_id 
_struct_sheet_range.beg_auth_seq_id 
_struct_sheet_range.end_auth_comp_id 
_struct_sheet_range.end_auth_asym_id 
_struct_sheet_range.end_auth_seq_id 
A 1 PHE A 33 ? GLU A 37 ? PHE A 151 GLU A 155 
A 2 PHE A 45 ? PHE A 52 ? PHE A 163 PHE A 170 
A 3 GLU A 58 ? ILE A 65 ? GLU A 176 ILE A 183 
B 1 PHE A 73 ? SER A 76 ? PHE A 191 SER A 194 
B 2 ILE A 79 ? PHE A 81 ? ILE A 197 PHE A 199 
# 
loop_
_pdbx_struct_sheet_hbond.sheet_id 
_pdbx_struct_sheet_hbond.range_id_1 
_pdbx_struct_sheet_hbond.range_id_2 
_pdbx_struct_sheet_hbond.range_1_label_atom_id 
_pdbx_struct_sheet_hbond.range_1_label_comp_id 
_pdbx_struct_sheet_hbond.range_1_label_asym_id 
_pdbx_struct_sheet_hbond.range_1_label_seq_id 
_pdbx_struct_sheet_hbond.range_1_PDB_ins_code 
_pdbx_struct_sheet_hbond.range_1_auth_atom_id 
_pdbx_struct_sheet_hbond.range_1_auth_comp_id 
_pdbx_struct_sheet_hbond.range_1_auth_asym_id 
_pdbx_struct_sheet_hbond.range_1_auth_seq_id 
_pdbx_struct_sheet_hbond.range_2_label_atom_id 
_pdbx_struct_sheet_hbond.range_2_label_comp_id 
_pdbx_struct_sheet_hbond.range_2_label_asym_id 
_pdbx_struct_sheet_hbond.range_2_label_seq_id 
_pdbx_struct_sheet_hbond.range_2_PDB_ins_code 
_pdbx_struct_sheet_hbond.range_2_auth_atom_id 
_pdbx_struct_sheet_hbond.range_2_auth_comp_id 
_pdbx_struct_sheet_hbond.range_2_auth_asym_id 
_pdbx_struct_sheet_hbond.range_2_auth_seq_id 
A 1 2 O LEU A 34 ? O LEU A 152 N SER A 48 ? N SER A 166 
A 2 3 O PHE A 45 ? O PHE A 163 N ILE A 65 ? N ILE A 183 
B 1 2 O PHE A 73 ? O PHE A 191 N PHE A 81 ? N PHE A 199 
# 
_struct_site.id                   AC1 
_struct_site.pdbx_evidence_code   Software 
_struct_site.pdbx_auth_asym_id    ? 
_struct_site.pdbx_auth_comp_id    ? 
_struct_site.pdbx_auth_seq_id     ? 
_struct_site.pdbx_auth_ins_code   ? 
_struct_site.pdbx_num_residues    36 
_struct_site.details              'BINDING SITE FOR CHAIN I OF INHIBITOR ACE-IPA-GLU-GLU-ILE' 
# 
loop_
_struct_site_gen.id 
_struct_site_gen.site_id 
_struct_site_gen.pdbx_num_res 
_struct_site_gen.label_comp_id 
_struct_site_gen.label_asym_id 
_struct_site_gen.label_seq_id 
_struct_site_gen.pdbx_auth_ins_code 
_struct_site_gen.auth_comp_id 
_struct_site_gen.auth_asym_id 
_struct_site_gen.auth_seq_id 
_struct_site_gen.label_atom_id 
_struct_site_gen.label_alt_id 
_struct_site_gen.symmetry 
_struct_site_gen.details 
1  AC1 36 ARG A 16  ? ARG A 134 . ? 1_555 ? 
2  AC1 36 ARG A 36  ? ARG A 154 . ? 1_555 ? 
3  AC1 36 SER A 38  ? SER A 156 . ? 1_555 ? 
4  AC1 36 GLU A 39  ? GLU A 157 . ? 1_555 ? 
5  AC1 36 SER A 40  ? SER A 158 . ? 1_555 ? 
6  AC1 36 SER A 46  ? SER A 164 . ? 1_555 ? 
7  AC1 36 LYS A 61  ? LYS A 179 . ? 1_555 ? 
8  AC1 36 HIS A 62  ? HIS A 180 . ? 1_555 ? 
9  AC1 36 TYR A 63  ? TYR A 181 . ? 1_555 ? 
10 AC1 36 LYS A 64  ? LYS A 182 . ? 1_555 ? 
11 AC1 36 TYR A 91  ? TYR A 209 . ? 1_555 ? 
12 AC1 36 ALA A 94  ? ALA A 212 . ? 2_554 ? 
13 AC1 36 SER A 95  ? SER A 213 . ? 2_554 ? 
14 AC1 36 ASP A 96  ? ASP A 214 . ? 2_554 ? 
15 AC1 36 GLY A 97  ? GLY A 215 . ? 1_555 ? 
16 AC1 36 LEU A 98  ? LEU A 216 . ? 2_554 ? 
17 AC1 36 CYS A 99  ? CYS A 217 . ? 2_554 ? 
18 AC1 36 THR A 100 ? THR A 218 . ? 2_554 ? 
19 AC1 36 ARG A 101 ? ARG A 219 . ? 2_554 ? 
20 AC1 36 ARG A 101 ? ARG A 219 . ? 1_554 ? 
21 AC1 36 SER A 103 ? SER A 221 . ? 1_554 ? 
22 AC1 36 HOH C .   ? HOH A 301 . ? 2_554 ? 
23 AC1 36 HOH C .   ? HOH A 314 . ? 1_555 ? 
24 AC1 36 HOH C .   ? HOH A 364 . ? 1_555 ? 
25 AC1 36 HOH C .   ? HOH A 374 . ? 2_554 ? 
26 AC1 36 HOH C .   ? HOH A 377 . ? 1_554 ? 
27 AC1 36 HOH D .   ? HOH I 302 . ? 1_555 ? 
28 AC1 36 HOH D .   ? HOH I 308 . ? 1_555 ? 
29 AC1 36 HOH D .   ? HOH I 310 . ? 1_555 ? 
30 AC1 36 HOH D .   ? HOH I 313 . ? 1_555 ? 
31 AC1 36 HOH D .   ? HOH I 315 . ? 1_555 ? 
32 AC1 36 HOH D .   ? HOH I 325 . ? 1_555 ? 
33 AC1 36 HOH D .   ? HOH I 326 . ? 1_555 ? 
34 AC1 36 HOH D .   ? HOH I 327 . ? 1_555 ? 
35 AC1 36 HOH D .   ? HOH I 332 . ? 1_555 ? 
36 AC1 36 HOH D .   ? HOH I 363 . ? 1_555 ? 
# 
_pdbx_entry_details.entry_id                   1BHF 
_pdbx_entry_details.compound_details           ? 
_pdbx_entry_details.source_details             ? 
_pdbx_entry_details.nonpolymer_details         ? 
_pdbx_entry_details.sequence_details           ? 
_pdbx_entry_details.has_ligand_of_interest     ? 
_pdbx_entry_details.has_protein_modification   Y 
# 
loop_
_pdbx_validate_torsion.id 
_pdbx_validate_torsion.PDB_model_num 
_pdbx_validate_torsion.auth_comp_id 
_pdbx_validate_torsion.auth_asym_id 
_pdbx_validate_torsion.auth_seq_id 
_pdbx_validate_torsion.PDB_ins_code 
_pdbx_validate_torsion.label_alt_id 
_pdbx_validate_torsion.phi 
_pdbx_validate_torsion.psi 
1 1 GLU A 123 ? ? 8.28    78.48   
2 1 PHE A 129 ? ? -112.79 78.01   
3 1 THR A 147 ? ? -143.57 -156.69 
4 1 ILE A 197 ? ? -166.90 112.96  
5 1 SER A 221 ? ? -109.23 -94.13  
# 
_pdbx_molecule_features.prd_id    PRD_000406 
_pdbx_molecule_features.name      ACE-IPA-GLU-GLU-ILE 
_pdbx_molecule_features.type      Peptide-like 
_pdbx_molecule_features.class     Inhibitor 
_pdbx_molecule_features.details   ? 
# 
_pdbx_molecule.instance_id   1 
_pdbx_molecule.prd_id        PRD_000406 
_pdbx_molecule.asym_id       B 
# 
_pdbx_struct_mod_residue.id               1 
_pdbx_struct_mod_residue.label_asym_id    B 
_pdbx_struct_mod_residue.label_comp_id    1PA 
_pdbx_struct_mod_residue.label_seq_id     2 
_pdbx_struct_mod_residue.auth_asym_id     I 
_pdbx_struct_mod_residue.auth_comp_id     1PA 
_pdbx_struct_mod_residue.auth_seq_id      252 
_pdbx_struct_mod_residue.PDB_ins_code     ? 
_pdbx_struct_mod_residue.parent_comp_id   PHE 
_pdbx_struct_mod_residue.details          '4-(CARBOXYMETHYL)-L-PHENYLALANINE' 
# 
loop_
_pdbx_unobs_or_zero_occ_residues.id 
_pdbx_unobs_or_zero_occ_residues.PDB_model_num 
_pdbx_unobs_or_zero_occ_residues.polymer_flag 
_pdbx_unobs_or_zero_occ_residues.occupancy_flag 
_pdbx_unobs_or_zero_occ_residues.auth_asym_id 
_pdbx_unobs_or_zero_occ_residues.auth_comp_id 
_pdbx_unobs_or_zero_occ_residues.auth_seq_id 
_pdbx_unobs_or_zero_occ_residues.PDB_ins_code 
_pdbx_unobs_or_zero_occ_residues.label_asym_id 
_pdbx_unobs_or_zero_occ_residues.label_comp_id 
_pdbx_unobs_or_zero_occ_residues.label_seq_id 
1 1 Y 1 A ALA 119 ? A ALA 1 
2 1 Y 1 A ASN 120 ? A ASN 2 
3 1 Y 1 A SER 121 ? A SER 3 
# 
loop_
_chem_comp_atom.comp_id 
_chem_comp_atom.atom_id 
_chem_comp_atom.type_symbol 
_chem_comp_atom.pdbx_aromatic_flag 
_chem_comp_atom.pdbx_stereo_config 
_chem_comp_atom.pdbx_ordinal 
1PA N    N N N 1   
1PA CA   C N S 2   
1PA CB   C N N 3   
1PA CG   C Y N 4   
1PA CD1  C Y N 5   
1PA CE1  C Y N 6   
1PA CD2  C Y N 7   
1PA CE2  C Y N 8   
1PA CZ   C Y N 9   
1PA CH   C N N 10  
1PA CO   C N N 11  
1PA O1   O N N 12  
1PA O2   O N N 13  
1PA C    C N N 14  
1PA O    O N N 15  
1PA OXT  O N N 16  
1PA H    H N N 17  
1PA H2   H N N 18  
1PA HA   H N N 19  
1PA HB2  H N N 20  
1PA HB3  H N N 21  
1PA HD1  H N N 22  
1PA HE1  H N N 23  
1PA HD2  H N N 24  
1PA HE2  H N N 25  
1PA HH2  H N N 26  
1PA HH3  H N N 27  
1PA HO1  H N N 28  
1PA HXT  H N N 29  
ACE C    C N N 30  
ACE O    O N N 31  
ACE CH3  C N N 32  
ACE H    H N N 33  
ACE H1   H N N 34  
ACE H2   H N N 35  
ACE H3   H N N 36  
ALA N    N N N 37  
ALA CA   C N S 38  
ALA C    C N N 39  
ALA O    O N N 40  
ALA CB   C N N 41  
ALA OXT  O N N 42  
ALA H    H N N 43  
ALA H2   H N N 44  
ALA HA   H N N 45  
ALA HB1  H N N 46  
ALA HB2  H N N 47  
ALA HB3  H N N 48  
ALA HXT  H N N 49  
ARG N    N N N 50  
ARG CA   C N S 51  
ARG C    C N N 52  
ARG O    O N N 53  
ARG CB   C N N 54  
ARG CG   C N N 55  
ARG CD   C N N 56  
ARG NE   N N N 57  
ARG CZ   C N N 58  
ARG NH1  N N N 59  
ARG NH2  N N N 60  
ARG OXT  O N N 61  
ARG H    H N N 62  
ARG H2   H N N 63  
ARG HA   H N N 64  
ARG HB2  H N N 65  
ARG HB3  H N N 66  
ARG HG2  H N N 67  
ARG HG3  H N N 68  
ARG HD2  H N N 69  
ARG HD3  H N N 70  
ARG HE   H N N 71  
ARG HH11 H N N 72  
ARG HH12 H N N 73  
ARG HH21 H N N 74  
ARG HH22 H N N 75  
ARG HXT  H N N 76  
ASN N    N N N 77  
ASN CA   C N S 78  
ASN C    C N N 79  
ASN O    O N N 80  
ASN CB   C N N 81  
ASN CG   C N N 82  
ASN OD1  O N N 83  
ASN ND2  N N N 84  
ASN OXT  O N N 85  
ASN H    H N N 86  
ASN H2   H N N 87  
ASN HA   H N N 88  
ASN HB2  H N N 89  
ASN HB3  H N N 90  
ASN HD21 H N N 91  
ASN HD22 H N N 92  
ASN HXT  H N N 93  
ASP N    N N N 94  
ASP CA   C N S 95  
ASP C    C N N 96  
ASP O    O N N 97  
ASP CB   C N N 98  
ASP CG   C N N 99  
ASP OD1  O N N 100 
ASP OD2  O N N 101 
ASP OXT  O N N 102 
ASP H    H N N 103 
ASP H2   H N N 104 
ASP HA   H N N 105 
ASP HB2  H N N 106 
ASP HB3  H N N 107 
ASP HD2  H N N 108 
ASP HXT  H N N 109 
CYS N    N N N 110 
CYS CA   C N R 111 
CYS C    C N N 112 
CYS O    O N N 113 
CYS CB   C N N 114 
CYS SG   S N N 115 
CYS OXT  O N N 116 
CYS H    H N N 117 
CYS H2   H N N 118 
CYS HA   H N N 119 
CYS HB2  H N N 120 
CYS HB3  H N N 121 
CYS HG   H N N 122 
CYS HXT  H N N 123 
GLN N    N N N 124 
GLN CA   C N S 125 
GLN C    C N N 126 
GLN O    O N N 127 
GLN CB   C N N 128 
GLN CG   C N N 129 
GLN CD   C N N 130 
GLN OE1  O N N 131 
GLN NE2  N N N 132 
GLN OXT  O N N 133 
GLN H    H N N 134 
GLN H2   H N N 135 
GLN HA   H N N 136 
GLN HB2  H N N 137 
GLN HB3  H N N 138 
GLN HG2  H N N 139 
GLN HG3  H N N 140 
GLN HE21 H N N 141 
GLN HE22 H N N 142 
GLN HXT  H N N 143 
GLU N    N N N 144 
GLU CA   C N S 145 
GLU C    C N N 146 
GLU O    O N N 147 
GLU CB   C N N 148 
GLU CG   C N N 149 
GLU CD   C N N 150 
GLU OE1  O N N 151 
GLU OE2  O N N 152 
GLU OXT  O N N 153 
GLU H    H N N 154 
GLU H2   H N N 155 
GLU HA   H N N 156 
GLU HB2  H N N 157 
GLU HB3  H N N 158 
GLU HG2  H N N 159 
GLU HG3  H N N 160 
GLU HE2  H N N 161 
GLU HXT  H N N 162 
GLY N    N N N 163 
GLY CA   C N N 164 
GLY C    C N N 165 
GLY O    O N N 166 
GLY OXT  O N N 167 
GLY H    H N N 168 
GLY H2   H N N 169 
GLY HA2  H N N 170 
GLY HA3  H N N 171 
GLY HXT  H N N 172 
HIS N    N N N 173 
HIS CA   C N S 174 
HIS C    C N N 175 
HIS O    O N N 176 
HIS CB   C N N 177 
HIS CG   C Y N 178 
HIS ND1  N Y N 179 
HIS CD2  C Y N 180 
HIS CE1  C Y N 181 
HIS NE2  N Y N 182 
HIS OXT  O N N 183 
HIS H    H N N 184 
HIS H2   H N N 185 
HIS HA   H N N 186 
HIS HB2  H N N 187 
HIS HB3  H N N 188 
HIS HD1  H N N 189 
HIS HD2  H N N 190 
HIS HE1  H N N 191 
HIS HE2  H N N 192 
HIS HXT  H N N 193 
HOH O    O N N 194 
HOH H1   H N N 195 
HOH H2   H N N 196 
ILE N    N N N 197 
ILE CA   C N S 198 
ILE C    C N N 199 
ILE O    O N N 200 
ILE CB   C N S 201 
ILE CG1  C N N 202 
ILE CG2  C N N 203 
ILE CD1  C N N 204 
ILE OXT  O N N 205 
ILE H    H N N 206 
ILE H2   H N N 207 
ILE HA   H N N 208 
ILE HB   H N N 209 
ILE HG12 H N N 210 
ILE HG13 H N N 211 
ILE HG21 H N N 212 
ILE HG22 H N N 213 
ILE HG23 H N N 214 
ILE HD11 H N N 215 
ILE HD12 H N N 216 
ILE HD13 H N N 217 
ILE HXT  H N N 218 
LEU N    N N N 219 
LEU CA   C N S 220 
LEU C    C N N 221 
LEU O    O N N 222 
LEU CB   C N N 223 
LEU CG   C N N 224 
LEU CD1  C N N 225 
LEU CD2  C N N 226 
LEU OXT  O N N 227 
LEU H    H N N 228 
LEU H2   H N N 229 
LEU HA   H N N 230 
LEU HB2  H N N 231 
LEU HB3  H N N 232 
LEU HG   H N N 233 
LEU HD11 H N N 234 
LEU HD12 H N N 235 
LEU HD13 H N N 236 
LEU HD21 H N N 237 
LEU HD22 H N N 238 
LEU HD23 H N N 239 
LEU HXT  H N N 240 
LYS N    N N N 241 
LYS CA   C N S 242 
LYS C    C N N 243 
LYS O    O N N 244 
LYS CB   C N N 245 
LYS CG   C N N 246 
LYS CD   C N N 247 
LYS CE   C N N 248 
LYS NZ   N N N 249 
LYS OXT  O N N 250 
LYS H    H N N 251 
LYS H2   H N N 252 
LYS HA   H N N 253 
LYS HB2  H N N 254 
LYS HB3  H N N 255 
LYS HG2  H N N 256 
LYS HG3  H N N 257 
LYS HD2  H N N 258 
LYS HD3  H N N 259 
LYS HE2  H N N 260 
LYS HE3  H N N 261 
LYS HZ1  H N N 262 
LYS HZ2  H N N 263 
LYS HZ3  H N N 264 
LYS HXT  H N N 265 
PHE N    N N N 266 
PHE CA   C N S 267 
PHE C    C N N 268 
PHE O    O N N 269 
PHE CB   C N N 270 
PHE CG   C Y N 271 
PHE CD1  C Y N 272 
PHE CD2  C Y N 273 
PHE CE1  C Y N 274 
PHE CE2  C Y N 275 
PHE CZ   C Y N 276 
PHE OXT  O N N 277 
PHE H    H N N 278 
PHE H2   H N N 279 
PHE HA   H N N 280 
PHE HB2  H N N 281 
PHE HB3  H N N 282 
PHE HD1  H N N 283 
PHE HD2  H N N 284 
PHE HE1  H N N 285 
PHE HE2  H N N 286 
PHE HZ   H N N 287 
PHE HXT  H N N 288 
PRO N    N N N 289 
PRO CA   C N S 290 
PRO C    C N N 291 
PRO O    O N N 292 
PRO CB   C N N 293 
PRO CG   C N N 294 
PRO CD   C N N 295 
PRO OXT  O N N 296 
PRO H    H N N 297 
PRO HA   H N N 298 
PRO HB2  H N N 299 
PRO HB3  H N N 300 
PRO HG2  H N N 301 
PRO HG3  H N N 302 
PRO HD2  H N N 303 
PRO HD3  H N N 304 
PRO HXT  H N N 305 
SER N    N N N 306 
SER CA   C N S 307 
SER C    C N N 308 
SER O    O N N 309 
SER CB   C N N 310 
SER OG   O N N 311 
SER OXT  O N N 312 
SER H    H N N 313 
SER H2   H N N 314 
SER HA   H N N 315 
SER HB2  H N N 316 
SER HB3  H N N 317 
SER HG   H N N 318 
SER HXT  H N N 319 
THR N    N N N 320 
THR CA   C N S 321 
THR C    C N N 322 
THR O    O N N 323 
THR CB   C N R 324 
THR OG1  O N N 325 
THR CG2  C N N 326 
THR OXT  O N N 327 
THR H    H N N 328 
THR H2   H N N 329 
THR HA   H N N 330 
THR HB   H N N 331 
THR HG1  H N N 332 
THR HG21 H N N 333 
THR HG22 H N N 334 
THR HG23 H N N 335 
THR HXT  H N N 336 
TRP N    N N N 337 
TRP CA   C N S 338 
TRP C    C N N 339 
TRP O    O N N 340 
TRP CB   C N N 341 
TRP CG   C Y N 342 
TRP CD1  C Y N 343 
TRP CD2  C Y N 344 
TRP NE1  N Y N 345 
TRP CE2  C Y N 346 
TRP CE3  C Y N 347 
TRP CZ2  C Y N 348 
TRP CZ3  C Y N 349 
TRP CH2  C Y N 350 
TRP OXT  O N N 351 
TRP H    H N N 352 
TRP H2   H N N 353 
TRP HA   H N N 354 
TRP HB2  H N N 355 
TRP HB3  H N N 356 
TRP HD1  H N N 357 
TRP HE1  H N N 358 
TRP HE3  H N N 359 
TRP HZ2  H N N 360 
TRP HZ3  H N N 361 
TRP HH2  H N N 362 
TRP HXT  H N N 363 
TYR N    N N N 364 
TYR CA   C N S 365 
TYR C    C N N 366 
TYR O    O N N 367 
TYR CB   C N N 368 
TYR CG   C Y N 369 
TYR CD1  C Y N 370 
TYR CD2  C Y N 371 
TYR CE1  C Y N 372 
TYR CE2  C Y N 373 
TYR CZ   C Y N 374 
TYR OH   O N N 375 
TYR OXT  O N N 376 
TYR H    H N N 377 
TYR H2   H N N 378 
TYR HA   H N N 379 
TYR HB2  H N N 380 
TYR HB3  H N N 381 
TYR HD1  H N N 382 
TYR HD2  H N N 383 
TYR HE1  H N N 384 
TYR HE2  H N N 385 
TYR HH   H N N 386 
TYR HXT  H N N 387 
VAL N    N N N 388 
VAL CA   C N S 389 
VAL C    C N N 390 
VAL O    O N N 391 
VAL CB   C N N 392 
VAL CG1  C N N 393 
VAL CG2  C N N 394 
VAL OXT  O N N 395 
VAL H    H N N 396 
VAL H2   H N N 397 
VAL HA   H N N 398 
VAL HB   H N N 399 
VAL HG11 H N N 400 
VAL HG12 H N N 401 
VAL HG13 H N N 402 
VAL HG21 H N N 403 
VAL HG22 H N N 404 
VAL HG23 H N N 405 
VAL HXT  H N N 406 
# 
loop_
_chem_comp_bond.comp_id 
_chem_comp_bond.atom_id_1 
_chem_comp_bond.atom_id_2 
_chem_comp_bond.value_order 
_chem_comp_bond.pdbx_aromatic_flag 
_chem_comp_bond.pdbx_stereo_config 
_chem_comp_bond.pdbx_ordinal 
1PA N   CA   sing N N 1   
1PA N   H    sing N N 2   
1PA N   H2   sing N N 3   
1PA CA  CB   sing N N 4   
1PA CA  C    sing N N 5   
1PA CA  HA   sing N N 6   
1PA CB  CG   sing N N 7   
1PA CB  HB2  sing N N 8   
1PA CB  HB3  sing N N 9   
1PA CG  CD1  doub Y N 10  
1PA CG  CD2  sing Y N 11  
1PA CD1 CE1  sing Y N 12  
1PA CD1 HD1  sing N N 13  
1PA CE1 CZ   doub Y N 14  
1PA CE1 HE1  sing N N 15  
1PA CD2 CE2  doub Y N 16  
1PA CD2 HD2  sing N N 17  
1PA CE2 CZ   sing Y N 18  
1PA CE2 HE2  sing N N 19  
1PA CZ  CH   sing N N 20  
1PA CH  CO   sing N N 21  
1PA CH  HH2  sing N N 22  
1PA CH  HH3  sing N N 23  
1PA CO  O1   sing N N 24  
1PA CO  O2   doub N N 25  
1PA O1  HO1  sing N N 26  
1PA C   O    doub N N 27  
1PA C   OXT  sing N N 28  
1PA OXT HXT  sing N N 29  
ACE C   O    doub N N 30  
ACE C   CH3  sing N N 31  
ACE C   H    sing N N 32  
ACE CH3 H1   sing N N 33  
ACE CH3 H2   sing N N 34  
ACE CH3 H3   sing N N 35  
ALA N   CA   sing N N 36  
ALA N   H    sing N N 37  
ALA N   H2   sing N N 38  
ALA CA  C    sing N N 39  
ALA CA  CB   sing N N 40  
ALA CA  HA   sing N N 41  
ALA C   O    doub N N 42  
ALA C   OXT  sing N N 43  
ALA CB  HB1  sing N N 44  
ALA CB  HB2  sing N N 45  
ALA CB  HB3  sing N N 46  
ALA OXT HXT  sing N N 47  
ARG N   CA   sing N N 48  
ARG N   H    sing N N 49  
ARG N   H2   sing N N 50  
ARG CA  C    sing N N 51  
ARG CA  CB   sing N N 52  
ARG CA  HA   sing N N 53  
ARG C   O    doub N N 54  
ARG C   OXT  sing N N 55  
ARG CB  CG   sing N N 56  
ARG CB  HB2  sing N N 57  
ARG CB  HB3  sing N N 58  
ARG CG  CD   sing N N 59  
ARG CG  HG2  sing N N 60  
ARG CG  HG3  sing N N 61  
ARG CD  NE   sing N N 62  
ARG CD  HD2  sing N N 63  
ARG CD  HD3  sing N N 64  
ARG NE  CZ   sing N N 65  
ARG NE  HE   sing N N 66  
ARG CZ  NH1  sing N N 67  
ARG CZ  NH2  doub N N 68  
ARG NH1 HH11 sing N N 69  
ARG NH1 HH12 sing N N 70  
ARG NH2 HH21 sing N N 71  
ARG NH2 HH22 sing N N 72  
ARG OXT HXT  sing N N 73  
ASN N   CA   sing N N 74  
ASN N   H    sing N N 75  
ASN N   H2   sing N N 76  
ASN CA  C    sing N N 77  
ASN CA  CB   sing N N 78  
ASN CA  HA   sing N N 79  
ASN C   O    doub N N 80  
ASN C   OXT  sing N N 81  
ASN CB  CG   sing N N 82  
ASN CB  HB2  sing N N 83  
ASN CB  HB3  sing N N 84  
ASN CG  OD1  doub N N 85  
ASN CG  ND2  sing N N 86  
ASN ND2 HD21 sing N N 87  
ASN ND2 HD22 sing N N 88  
ASN OXT HXT  sing N N 89  
ASP N   CA   sing N N 90  
ASP N   H    sing N N 91  
ASP N   H2   sing N N 92  
ASP CA  C    sing N N 93  
ASP CA  CB   sing N N 94  
ASP CA  HA   sing N N 95  
ASP C   O    doub N N 96  
ASP C   OXT  sing N N 97  
ASP CB  CG   sing N N 98  
ASP CB  HB2  sing N N 99  
ASP CB  HB3  sing N N 100 
ASP CG  OD1  doub N N 101 
ASP CG  OD2  sing N N 102 
ASP OD2 HD2  sing N N 103 
ASP OXT HXT  sing N N 104 
CYS N   CA   sing N N 105 
CYS N   H    sing N N 106 
CYS N   H2   sing N N 107 
CYS CA  C    sing N N 108 
CYS CA  CB   sing N N 109 
CYS CA  HA   sing N N 110 
CYS C   O    doub N N 111 
CYS C   OXT  sing N N 112 
CYS CB  SG   sing N N 113 
CYS CB  HB2  sing N N 114 
CYS CB  HB3  sing N N 115 
CYS SG  HG   sing N N 116 
CYS OXT HXT  sing N N 117 
GLN N   CA   sing N N 118 
GLN N   H    sing N N 119 
GLN N   H2   sing N N 120 
GLN CA  C    sing N N 121 
GLN CA  CB   sing N N 122 
GLN CA  HA   sing N N 123 
GLN C   O    doub N N 124 
GLN C   OXT  sing N N 125 
GLN CB  CG   sing N N 126 
GLN CB  HB2  sing N N 127 
GLN CB  HB3  sing N N 128 
GLN CG  CD   sing N N 129 
GLN CG  HG2  sing N N 130 
GLN CG  HG3  sing N N 131 
GLN CD  OE1  doub N N 132 
GLN CD  NE2  sing N N 133 
GLN NE2 HE21 sing N N 134 
GLN NE2 HE22 sing N N 135 
GLN OXT HXT  sing N N 136 
GLU N   CA   sing N N 137 
GLU N   H    sing N N 138 
GLU N   H2   sing N N 139 
GLU CA  C    sing N N 140 
GLU CA  CB   sing N N 141 
GLU CA  HA   sing N N 142 
GLU C   O    doub N N 143 
GLU C   OXT  sing N N 144 
GLU CB  CG   sing N N 145 
GLU CB  HB2  sing N N 146 
GLU CB  HB3  sing N N 147 
GLU CG  CD   sing N N 148 
GLU CG  HG2  sing N N 149 
GLU CG  HG3  sing N N 150 
GLU CD  OE1  doub N N 151 
GLU CD  OE2  sing N N 152 
GLU OE2 HE2  sing N N 153 
GLU OXT HXT  sing N N 154 
GLY N   CA   sing N N 155 
GLY N   H    sing N N 156 
GLY N   H2   sing N N 157 
GLY CA  C    sing N N 158 
GLY CA  HA2  sing N N 159 
GLY CA  HA3  sing N N 160 
GLY C   O    doub N N 161 
GLY C   OXT  sing N N 162 
GLY OXT HXT  sing N N 163 
HIS N   CA   sing N N 164 
HIS N   H    sing N N 165 
HIS N   H2   sing N N 166 
HIS CA  C    sing N N 167 
HIS CA  CB   sing N N 168 
HIS CA  HA   sing N N 169 
HIS C   O    doub N N 170 
HIS C   OXT  sing N N 171 
HIS CB  CG   sing N N 172 
HIS CB  HB2  sing N N 173 
HIS CB  HB3  sing N N 174 
HIS CG  ND1  sing Y N 175 
HIS CG  CD2  doub Y N 176 
HIS ND1 CE1  doub Y N 177 
HIS ND1 HD1  sing N N 178 
HIS CD2 NE2  sing Y N 179 
HIS CD2 HD2  sing N N 180 
HIS CE1 NE2  sing Y N 181 
HIS CE1 HE1  sing N N 182 
HIS NE2 HE2  sing N N 183 
HIS OXT HXT  sing N N 184 
HOH O   H1   sing N N 185 
HOH O   H2   sing N N 186 
ILE N   CA   sing N N 187 
ILE N   H    sing N N 188 
ILE N   H2   sing N N 189 
ILE CA  C    sing N N 190 
ILE CA  CB   sing N N 191 
ILE CA  HA   sing N N 192 
ILE C   O    doub N N 193 
ILE C   OXT  sing N N 194 
ILE CB  CG1  sing N N 195 
ILE CB  CG2  sing N N 196 
ILE CB  HB   sing N N 197 
ILE CG1 CD1  sing N N 198 
ILE CG1 HG12 sing N N 199 
ILE CG1 HG13 sing N N 200 
ILE CG2 HG21 sing N N 201 
ILE CG2 HG22 sing N N 202 
ILE CG2 HG23 sing N N 203 
ILE CD1 HD11 sing N N 204 
ILE CD1 HD12 sing N N 205 
ILE CD1 HD13 sing N N 206 
ILE OXT HXT  sing N N 207 
LEU N   CA   sing N N 208 
LEU N   H    sing N N 209 
LEU N   H2   sing N N 210 
LEU CA  C    sing N N 211 
LEU CA  CB   sing N N 212 
LEU CA  HA   sing N N 213 
LEU C   O    doub N N 214 
LEU C   OXT  sing N N 215 
LEU CB  CG   sing N N 216 
LEU CB  HB2  sing N N 217 
LEU CB  HB3  sing N N 218 
LEU CG  CD1  sing N N 219 
LEU CG  CD2  sing N N 220 
LEU CG  HG   sing N N 221 
LEU CD1 HD11 sing N N 222 
LEU CD1 HD12 sing N N 223 
LEU CD1 HD13 sing N N 224 
LEU CD2 HD21 sing N N 225 
LEU CD2 HD22 sing N N 226 
LEU CD2 HD23 sing N N 227 
LEU OXT HXT  sing N N 228 
LYS N   CA   sing N N 229 
LYS N   H    sing N N 230 
LYS N   H2   sing N N 231 
LYS CA  C    sing N N 232 
LYS CA  CB   sing N N 233 
LYS CA  HA   sing N N 234 
LYS C   O    doub N N 235 
LYS C   OXT  sing N N 236 
LYS CB  CG   sing N N 237 
LYS CB  HB2  sing N N 238 
LYS CB  HB3  sing N N 239 
LYS CG  CD   sing N N 240 
LYS CG  HG2  sing N N 241 
LYS CG  HG3  sing N N 242 
LYS CD  CE   sing N N 243 
LYS CD  HD2  sing N N 244 
LYS CD  HD3  sing N N 245 
LYS CE  NZ   sing N N 246 
LYS CE  HE2  sing N N 247 
LYS CE  HE3  sing N N 248 
LYS NZ  HZ1  sing N N 249 
LYS NZ  HZ2  sing N N 250 
LYS NZ  HZ3  sing N N 251 
LYS OXT HXT  sing N N 252 
PHE N   CA   sing N N 253 
PHE N   H    sing N N 254 
PHE N   H2   sing N N 255 
PHE CA  C    sing N N 256 
PHE CA  CB   sing N N 257 
PHE CA  HA   sing N N 258 
PHE C   O    doub N N 259 
PHE C   OXT  sing N N 260 
PHE CB  CG   sing N N 261 
PHE CB  HB2  sing N N 262 
PHE CB  HB3  sing N N 263 
PHE CG  CD1  doub Y N 264 
PHE CG  CD2  sing Y N 265 
PHE CD1 CE1  sing Y N 266 
PHE CD1 HD1  sing N N 267 
PHE CD2 CE2  doub Y N 268 
PHE CD2 HD2  sing N N 269 
PHE CE1 CZ   doub Y N 270 
PHE CE1 HE1  sing N N 271 
PHE CE2 CZ   sing Y N 272 
PHE CE2 HE2  sing N N 273 
PHE CZ  HZ   sing N N 274 
PHE OXT HXT  sing N N 275 
PRO N   CA   sing N N 276 
PRO N   CD   sing N N 277 
PRO N   H    sing N N 278 
PRO CA  C    sing N N 279 
PRO CA  CB   sing N N 280 
PRO CA  HA   sing N N 281 
PRO C   O    doub N N 282 
PRO C   OXT  sing N N 283 
PRO CB  CG   sing N N 284 
PRO CB  HB2  sing N N 285 
PRO CB  HB3  sing N N 286 
PRO CG  CD   sing N N 287 
PRO CG  HG2  sing N N 288 
PRO CG  HG3  sing N N 289 
PRO CD  HD2  sing N N 290 
PRO CD  HD3  sing N N 291 
PRO OXT HXT  sing N N 292 
SER N   CA   sing N N 293 
SER N   H    sing N N 294 
SER N   H2   sing N N 295 
SER CA  C    sing N N 296 
SER CA  CB   sing N N 297 
SER CA  HA   sing N N 298 
SER C   O    doub N N 299 
SER C   OXT  sing N N 300 
SER CB  OG   sing N N 301 
SER CB  HB2  sing N N 302 
SER CB  HB3  sing N N 303 
SER OG  HG   sing N N 304 
SER OXT HXT  sing N N 305 
THR N   CA   sing N N 306 
THR N   H    sing N N 307 
THR N   H2   sing N N 308 
THR CA  C    sing N N 309 
THR CA  CB   sing N N 310 
THR CA  HA   sing N N 311 
THR C   O    doub N N 312 
THR C   OXT  sing N N 313 
THR CB  OG1  sing N N 314 
THR CB  CG2  sing N N 315 
THR CB  HB   sing N N 316 
THR OG1 HG1  sing N N 317 
THR CG2 HG21 sing N N 318 
THR CG2 HG22 sing N N 319 
THR CG2 HG23 sing N N 320 
THR OXT HXT  sing N N 321 
TRP N   CA   sing N N 322 
TRP N   H    sing N N 323 
TRP N   H2   sing N N 324 
TRP CA  C    sing N N 325 
TRP CA  CB   sing N N 326 
TRP CA  HA   sing N N 327 
TRP C   O    doub N N 328 
TRP C   OXT  sing N N 329 
TRP CB  CG   sing N N 330 
TRP CB  HB2  sing N N 331 
TRP CB  HB3  sing N N 332 
TRP CG  CD1  doub Y N 333 
TRP CG  CD2  sing Y N 334 
TRP CD1 NE1  sing Y N 335 
TRP CD1 HD1  sing N N 336 
TRP CD2 CE2  doub Y N 337 
TRP CD2 CE3  sing Y N 338 
TRP NE1 CE2  sing Y N 339 
TRP NE1 HE1  sing N N 340 
TRP CE2 CZ2  sing Y N 341 
TRP CE3 CZ3  doub Y N 342 
TRP CE3 HE3  sing N N 343 
TRP CZ2 CH2  doub Y N 344 
TRP CZ2 HZ2  sing N N 345 
TRP CZ3 CH2  sing Y N 346 
TRP CZ3 HZ3  sing N N 347 
TRP CH2 HH2  sing N N 348 
TRP OXT HXT  sing N N 349 
TYR N   CA   sing N N 350 
TYR N   H    sing N N 351 
TYR N   H2   sing N N 352 
TYR CA  C    sing N N 353 
TYR CA  CB   sing N N 354 
TYR CA  HA   sing N N 355 
TYR C   O    doub N N 356 
TYR C   OXT  sing N N 357 
TYR CB  CG   sing N N 358 
TYR CB  HB2  sing N N 359 
TYR CB  HB3  sing N N 360 
TYR CG  CD1  doub Y N 361 
TYR CG  CD2  sing Y N 362 
TYR CD1 CE1  sing Y N 363 
TYR CD1 HD1  sing N N 364 
TYR CD2 CE2  doub Y N 365 
TYR CD2 HD2  sing N N 366 
TYR CE1 CZ   doub Y N 367 
TYR CE1 HE1  sing N N 368 
TYR CE2 CZ   sing Y N 369 
TYR CE2 HE2  sing N N 370 
TYR CZ  OH   sing N N 371 
TYR OH  HH   sing N N 372 
TYR OXT HXT  sing N N 373 
VAL N   CA   sing N N 374 
VAL N   H    sing N N 375 
VAL N   H2   sing N N 376 
VAL CA  C    sing N N 377 
VAL CA  CB   sing N N 378 
VAL CA  HA   sing N N 379 
VAL C   O    doub N N 380 
VAL C   OXT  sing N N 381 
VAL CB  CG1  sing N N 382 
VAL CB  CG2  sing N N 383 
VAL CB  HB   sing N N 384 
VAL CG1 HG11 sing N N 385 
VAL CG1 HG12 sing N N 386 
VAL CG1 HG13 sing N N 387 
VAL CG2 HG21 sing N N 388 
VAL CG2 HG22 sing N N 389 
VAL CG2 HG23 sing N N 390 
VAL OXT HXT  sing N N 391 
# 
_atom_sites.entry_id                    1BHF 
_atom_sites.fract_transf_matrix[1][1]   -0.00595373 
_atom_sites.fract_transf_matrix[1][2]   -0.00801084 
_atom_sites.fract_transf_matrix[1][3]   -0.00734446 
_atom_sites.fract_transf_matrix[2][1]   -0.01555127 
_atom_sites.fract_transf_matrix[2][2]   -0.00266154 
_atom_sites.fract_transf_matrix[2][3]   0.01550954 
_atom_sites.fract_transf_matrix[3][1]   -0.02009497 
_atom_sites.fract_transf_matrix[3][2]   0.02886615 
_atom_sites.fract_transf_matrix[3][3]   -0.01519541 
_atom_sites.fract_transf_vector[1]      0.395907 
_atom_sites.fract_transf_vector[2]      0.018733 
_atom_sites.fract_transf_vector[3]      0.339436 
# 
loop_
_atom_type.symbol 
C 
N 
O 
S 
# 
loop_
_atom_site.group_PDB 
_atom_site.id 
_atom_site.type_symbol 
_atom_site.label_atom_id 
_atom_site.label_alt_id 
_atom_site.label_comp_id 
_atom_site.label_asym_id 
_atom_site.label_entity_id 
_atom_site.label_seq_id 
_atom_site.pdbx_PDB_ins_code 
_atom_site.Cartn_x 
_atom_site.Cartn_y 
_atom_site.Cartn_z 
_atom_site.occupancy 
_atom_site.B_iso_or_equiv 
_atom_site.pdbx_formal_charge 
_atom_site.auth_seq_id 
_atom_site.auth_comp_id 
_atom_site.auth_asym_id 
_atom_site.auth_atom_id 
_atom_site.pdbx_PDB_model_num 
ATOM   1   N N   . LEU A 1 4   ? -13.808 -11.312 -8.181  1.00 42.50 ? 122 LEU A N   1 
ATOM   2   C CA  . LEU A 1 4   ? -15.123 -10.610 -8.194  1.00 40.18 ? 122 LEU A CA  1 
ATOM   3   C C   . LEU A 1 4   ? -14.867 -9.125  -7.905  1.00 38.59 ? 122 LEU A C   1 
ATOM   4   O O   . LEU A 1 4   ? -14.307 -8.799  -6.859  1.00 37.63 ? 122 LEU A O   1 
ATOM   5   C CB  . LEU A 1 4   ? -16.044 -11.214 -7.129  1.00 40.03 ? 122 LEU A CB  1 
ATOM   6   C CG  . LEU A 1 4   ? -17.451 -10.627 -7.099  1.00 41.14 ? 122 LEU A CG  1 
ATOM   7   C CD1 . LEU A 1 4   ? -18.192 -11.059 -8.360  1.00 40.70 ? 122 LEU A CD1 1 
ATOM   8   C CD2 . LEU A 1 4   ? -18.181 -11.083 -5.848  1.00 41.34 ? 122 LEU A CD2 1 
ATOM   9   N N   . GLU A 1 5   ? -15.247 -8.262  -8.853  1.00 36.57 ? 123 GLU A N   1 
ATOM   10  C CA  . GLU A 1 5   ? -15.073 -6.793  -8.813  1.00 34.89 ? 123 GLU A CA  1 
ATOM   11  C C   . GLU A 1 5   ? -14.236 -6.176  -7.693  1.00 34.24 ? 123 GLU A C   1 
ATOM   12  O O   . GLU A 1 5   ? -14.770 -5.628  -6.722  1.00 31.73 ? 123 GLU A O   1 
ATOM   13  C CB  . GLU A 1 5   ? -16.419 -6.065  -8.899  1.00 38.13 ? 123 GLU A CB  1 
ATOM   14  C CG  . GLU A 1 5   ? -16.374 -4.803  -9.807  1.00 40.96 ? 123 GLU A CG  1 
ATOM   15  C CD  . GLU A 1 5   ? -17.641 -3.938  -9.754  1.00 43.04 ? 123 GLU A CD  1 
ATOM   16  O OE1 . GLU A 1 5   ? -18.497 -4.174  -8.867  1.00 45.96 ? 123 GLU A OE1 1 
ATOM   17  O OE2 . GLU A 1 5   ? -17.782 -3.009  -10.581 1.00 42.64 ? 123 GLU A OE2 1 
ATOM   18  N N   . PRO A 1 6   ? -12.902 -6.244  -7.824  1.00 31.00 ? 124 PRO A N   1 
ATOM   19  C CA  . PRO A 1 6   ? -12.029 -5.675  -6.797  1.00 29.35 ? 124 PRO A CA  1 
ATOM   20  C C   . PRO A 1 6   ? -11.917 -4.165  -6.950  1.00 28.74 ? 124 PRO A C   1 
ATOM   21  O O   . PRO A 1 6   ? -12.352 -3.591  -7.963  1.00 25.06 ? 124 PRO A O   1 
ATOM   22  C CB  . PRO A 1 6   ? -10.685 -6.343  -7.082  1.00 28.50 ? 124 PRO A CB  1 
ATOM   23  C CG  . PRO A 1 6   ? -11.043 -7.558  -7.925  1.00 30.73 ? 124 PRO A CG  1 
ATOM   24  C CD  . PRO A 1 6   ? -12.123 -7.022  -8.791  1.00 31.55 ? 124 PRO A CD  1 
ATOM   25  N N   . GLU A 1 7   ? -11.345 -3.527  -5.932  1.00 27.45 ? 125 GLU A N   1 
ATOM   26  C CA  . GLU A 1 7   ? -11.132 -2.078  -5.934  1.00 26.40 ? 125 GLU A CA  1 
ATOM   27  C C   . GLU A 1 7   ? -10.047 -1.784  -6.979  1.00 22.23 ? 125 GLU A C   1 
ATOM   28  O O   . GLU A 1 7   ? -9.280  -2.687  -7.344  1.00 23.31 ? 125 GLU A O   1 
ATOM   29  C CB  . GLU A 1 7   ? -10.646 -1.607  -4.555  1.00 26.82 ? 125 GLU A CB  1 
ATOM   30  C CG  . GLU A 1 7   ? -11.645 -1.740  -3.424  1.00 26.35 ? 125 GLU A CG  1 
ATOM   31  C CD  . GLU A 1 7   ? -11.737 -3.145  -2.850  1.00 28.55 ? 125 GLU A CD  1 
ATOM   32  O OE1 . GLU A 1 7   ? -11.048 -4.064  -3.336  1.00 26.70 ? 125 GLU A OE1 1 
ATOM   33  O OE2 . GLU A 1 7   ? -12.511 -3.326  -1.883  1.00 29.22 ? 125 GLU A OE2 1 
ATOM   34  N N   . PRO A 1 8   ? -9.920  -0.534  -7.434  1.00 18.92 ? 126 PRO A N   1 
ATOM   35  C CA  . PRO A 1 8   ? -8.891  -0.269  -8.430  1.00 18.74 ? 126 PRO A CA  1 
ATOM   36  C C   . PRO A 1 8   ? -7.473  -0.477  -7.917  1.00 16.94 ? 126 PRO A C   1 
ATOM   37  O O   . PRO A 1 8   ? -6.557  -0.765  -8.696  1.00 16.68 ? 126 PRO A O   1 
ATOM   38  C CB  . PRO A 1 8   ? -9.178  1.173   -8.844  1.00 19.62 ? 126 PRO A CB  1 
ATOM   39  C CG  . PRO A 1 8   ? -9.858  1.750   -7.677  1.00 18.73 ? 126 PRO A CG  1 
ATOM   40  C CD  . PRO A 1 8   ? -10.737 0.654   -7.194  1.00 20.07 ? 126 PRO A CD  1 
ATOM   41  N N   . TRP A 1 9   ? -7.310  -0.383  -6.604  1.00 14.25 ? 127 TRP A N   1 
ATOM   42  C CA  . TRP A 1 9   ? -6.016  -0.568  -5.978  1.00 14.93 ? 127 TRP A CA  1 
ATOM   43  C C   . TRP A 1 9   ? -5.770  -1.959  -5.416  1.00 14.88 ? 127 TRP A C   1 
ATOM   44  O O   . TRP A 1 9   ? -4.700  -2.243  -4.872  1.00 15.37 ? 127 TRP A O   1 
ATOM   45  C CB  . TRP A 1 9   ? -5.786  0.486   -4.881  1.00 15.32 ? 127 TRP A CB  1 
ATOM   46  C CG  . TRP A 1 9   ? -6.978  0.711   -4.003  1.00 16.46 ? 127 TRP A CG  1 
ATOM   47  C CD1 . TRP A 1 9   ? -7.759  1.816   -3.983  1.00 18.14 ? 127 TRP A CD1 1 
ATOM   48  C CD2 . TRP A 1 9   ? -7.508  -0.177  -2.995  1.00 16.97 ? 127 TRP A CD2 1 
ATOM   49  N NE1 . TRP A 1 9   ? -8.733  1.697   -3.025  1.00 19.99 ? 127 TRP A NE1 1 
ATOM   50  C CE2 . TRP A 1 9   ? -8.610  0.484   -2.400  1.00 19.40 ? 127 TRP A CE2 1 
ATOM   51  C CE3 . TRP A 1 9   ? -7.164  -1.453  -2.532  1.00 13.99 ? 127 TRP A CE3 1 
ATOM   52  C CZ2 . TRP A 1 9   ? -9.371  -0.082  -1.358  1.00 17.09 ? 127 TRP A CZ2 1 
ATOM   53  C CZ3 . TRP A 1 9   ? -7.924  -2.019  -1.489  1.00 18.78 ? 127 TRP A CZ3 1 
ATOM   54  C CH2 . TRP A 1 9   ? -9.015  -1.327  -0.918  1.00 14.86 ? 127 TRP A CH2 1 
ATOM   55  N N   . PHE A 1 10  ? -6.723  -2.862  -5.577  1.00 14.33 ? 128 PHE A N   1 
ATOM   56  C CA  . PHE A 1 10  ? -6.498  -4.176  -5.036  1.00 13.96 ? 128 PHE A CA  1 
ATOM   57  C C   . PHE A 1 10  ? -6.013  -5.161  -6.083  1.00 15.43 ? 128 PHE A C   1 
ATOM   58  O O   . PHE A 1 10  ? -6.713  -5.443  -7.054  1.00 15.01 ? 128 PHE A O   1 
ATOM   59  C CB  . PHE A 1 10  ? -7.742  -4.681  -4.296  1.00 15.18 ? 128 PHE A CB  1 
ATOM   60  C CG  . PHE A 1 10  ? -7.515  -5.947  -3.522  1.00 14.00 ? 128 PHE A CG  1 
ATOM   61  C CD1 . PHE A 1 10  ? -6.561  -5.992  -2.507  1.00 14.88 ? 128 PHE A CD1 1 
ATOM   62  C CD2 . PHE A 1 10  ? -8.202  -7.103  -3.845  1.00 13.35 ? 128 PHE A CD2 1 
ATOM   63  C CE1 . PHE A 1 10  ? -6.295  -7.170  -1.837  1.00 15.18 ? 128 PHE A CE1 1 
ATOM   64  C CE2 . PHE A 1 10  ? -7.944  -8.295  -3.181  1.00 14.74 ? 128 PHE A CE2 1 
ATOM   65  C CZ  . PHE A 1 10  ? -6.988  -8.333  -2.177  1.00 15.52 ? 128 PHE A CZ  1 
ATOM   66  N N   . PHE A 1 11  ? -4.768  -5.590  -5.910  1.00 13.51 ? 129 PHE A N   1 
ATOM   67  C CA  . PHE A 1 11  ? -4.109  -6.553  -6.793  1.00 13.49 ? 129 PHE A CA  1 
ATOM   68  C C   . PHE A 1 11  ? -3.878  -7.836  -6.030  1.00 13.99 ? 129 PHE A C   1 
ATOM   69  O O   . PHE A 1 11  ? -2.745  -8.133  -5.621  1.00 17.21 ? 129 PHE A O   1 
ATOM   70  C CB  . PHE A 1 11  ? -2.787  -5.979  -7.322  1.00 12.79 ? 129 PHE A CB  1 
ATOM   71  C CG  . PHE A 1 11  ? -2.982  -4.862  -8.312  1.00 12.89 ? 129 PHE A CG  1 
ATOM   72  C CD1 . PHE A 1 11  ? -3.523  -3.647  -7.910  1.00 9.52  ? 129 PHE A CD1 1 
ATOM   73  C CD2 . PHE A 1 11  ? -2.670  -5.041  -9.653  1.00 13.57 ? 129 PHE A CD2 1 
ATOM   74  C CE1 . PHE A 1 11  ? -3.765  -2.638  -8.825  1.00 10.63 ? 129 PHE A CE1 1 
ATOM   75  C CE2 . PHE A 1 11  ? -2.914  -4.049  -10.567 1.00 12.20 ? 129 PHE A CE2 1 
ATOM   76  C CZ  . PHE A 1 11  ? -3.459  -2.838  -10.145 1.00 13.08 ? 129 PHE A CZ  1 
ATOM   77  N N   . LYS A 1 12  ? -4.953  -8.615  -5.893  1.00 11.85 ? 130 LYS A N   1 
ATOM   78  C CA  . LYS A 1 12  ? -4.971  -9.874  -5.153  1.00 14.17 ? 130 LYS A CA  1 
ATOM   79  C C   . LYS A 1 12  ? -3.743  -10.766 -5.171  1.00 16.45 ? 130 LYS A C   1 
ATOM   80  O O   . LYS A 1 12  ? -3.108  -10.995 -4.130  1.00 15.61 ? 130 LYS A O   1 
ATOM   81  C CB  . LYS A 1 12  ? -6.185  -10.731 -5.541  1.00 12.80 ? 130 LYS A CB  1 
ATOM   82  C CG  . LYS A 1 12  ? -6.455  -11.872 -4.553  1.00 13.59 ? 130 LYS A CG  1 
ATOM   83  C CD  . LYS A 1 12  ? -7.654  -12.739 -4.943  1.00 13.04 ? 130 LYS A CD  1 
ATOM   84  C CE  . LYS A 1 12  ? -7.891  -13.873 -3.952  1.00 13.09 ? 130 LYS A CE  1 
ATOM   85  N NZ  . LYS A 1 12  ? -6.708  -14.760 -3.792  1.00 16.61 ? 130 LYS A NZ  1 
ATOM   86  N N   . ASN A 1 13  ? -3.411  -11.264 -6.356  1.00 16.64 ? 131 ASN A N   1 
ATOM   87  C CA  . ASN A 1 13  ? -2.300  -12.191 -6.502  1.00 19.32 ? 131 ASN A CA  1 
ATOM   88  C C   . ASN A 1 13  ? -0.991  -11.644 -7.010  1.00 17.21 ? 131 ASN A C   1 
ATOM   89  O O   . ASN A 1 13  ? -0.097  -12.397 -7.361  1.00 21.25 ? 131 ASN A O   1 
ATOM   90  C CB  . ASN A 1 13  ? -2.734  -13.397 -7.342  1.00 21.72 ? 131 ASN A CB  1 
ATOM   91  C CG  . ASN A 1 13  ? -3.652  -14.321 -6.565  1.00 25.26 ? 131 ASN A CG  1 
ATOM   92  O OD1 . ASN A 1 13  ? -3.193  -15.254 -5.911  1.00 28.80 ? 131 ASN A OD1 1 
ATOM   93  N ND2 . ASN A 1 13  ? -4.940  -14.011 -6.561  1.00 24.11 ? 131 ASN A ND2 1 
ATOM   94  N N   . LEU A 1 14  ? -0.871  -10.331 -7.051  1.00 17.86 ? 132 LEU A N   1 
ATOM   95  C CA  . LEU A 1 14  ? 0.356   -9.726  -7.518  1.00 15.27 ? 132 LEU A CA  1 
ATOM   96  C C   . LEU A 1 14  ? 1.432   -9.864  -6.441  1.00 15.78 ? 132 LEU A C   1 
ATOM   97  O O   . LEU A 1 14  ? 1.198   -9.635  -5.256  1.00 11.74 ? 132 LEU A O   1 
ATOM   98  C CB  . LEU A 1 14  ? 0.107   -8.269  -7.876  1.00 17.69 ? 132 LEU A CB  1 
ATOM   99  C CG  . LEU A 1 14  ? 1.023   -7.611  -8.914  1.00 18.96 ? 132 LEU A CG  1 
ATOM   100 C CD1 . LEU A 1 14  ? 0.949   -8.351  -10.241 1.00 19.61 ? 132 LEU A CD1 1 
ATOM   101 C CD2 . LEU A 1 14  ? 0.602   -6.151  -9.099  1.00 20.87 ? 132 LEU A CD2 1 
ATOM   102 N N   . SER A 1 15  ? 2.598   -10.315 -6.865  1.00 14.25 ? 133 SER A N   1 
ATOM   103 C CA  . SER A 1 15  ? 3.702   -10.491 -5.971  1.00 13.24 ? 133 SER A CA  1 
ATOM   104 C C   . SER A 1 15  ? 4.340   -9.128  -5.658  1.00 12.25 ? 133 SER A C   1 
ATOM   105 O O   . SER A 1 15  ? 4.032   -8.116  -6.291  1.00 10.53 ? 133 SER A O   1 
ATOM   106 C CB  . SER A 1 15  ? 4.725   -11.404 -6.626  1.00 14.27 ? 133 SER A CB  1 
ATOM   107 O OG  . SER A 1 15  ? 5.219   -10.811 -7.831  1.00 17.54 ? 133 SER A OG  1 
ATOM   108 N N   . ARG A 1 16  ? 5.228   -9.143  -4.670  1.00 12.67 ? 134 ARG A N   1 
ATOM   109 C CA  . ARG A 1 16  ? 5.973   -7.983  -4.239  1.00 11.44 ? 134 ARG A CA  1 
ATOM   110 C C   . ARG A 1 16  ? 6.810   -7.439  -5.396  1.00 11.78 ? 134 ARG A C   1 
ATOM   111 O O   . ARG A 1 16  ? 6.799   -6.243  -5.656  1.00 10.31 ? 134 ARG A O   1 
ATOM   112 C CB  . ARG A 1 16  ? 6.895   -8.387  -3.078  1.00 12.29 ? 134 ARG A CB  1 
ATOM   113 C CG  . ARG A 1 16  ? 7.833   -7.280  -2.620  1.00 12.51 ? 134 ARG A CG  1 
ATOM   114 C CD  . ARG A 1 16  ? 9.106   -7.800  -1.965  1.00 17.57 ? 134 ARG A CD  1 
ATOM   115 N NE  . ARG A 1 16  ? 9.055   -7.723  -0.515  1.00 27.07 ? 134 ARG A NE  1 
ATOM   116 C CZ  . ARG A 1 16  ? 9.632   -6.790  0.245   1.00 24.64 ? 134 ARG A CZ  1 
ATOM   117 N NH1 . ARG A 1 16  ? 10.355  -5.816  -0.274  1.00 22.60 ? 134 ARG A NH1 1 
ATOM   118 N NH2 . ARG A 1 16  ? 9.419   -6.808  1.548   1.00 24.88 ? 134 ARG A NH2 1 
ATOM   119 N N   . LYS A 1 17  ? 7.512   -8.334  -6.094  1.00 16.56 ? 135 LYS A N   1 
ATOM   120 C CA  . LYS A 1 17  ? 8.399   -7.968  -7.207  1.00 16.96 ? 135 LYS A CA  1 
ATOM   121 C C   . LYS A 1 17  ? 7.700   -7.300  -8.387  1.00 16.35 ? 135 LYS A C   1 
ATOM   122 O O   . LYS A 1 17  ? 8.154   -6.269  -8.866  1.00 14.43 ? 135 LYS A O   1 
ATOM   123 C CB  . LYS A 1 17  ? 9.247   -9.181  -7.635  1.00 17.38 ? 135 LYS A CB  1 
ATOM   124 C CG  . LYS A 1 17  ? 10.538  -9.329  -6.798  1.00 21.62 ? 135 LYS A CG  1 
ATOM   125 C CD  . LYS A 1 17  ? 11.133  -10.743 -6.855  1.00 26.21 ? 135 LYS A CD  1 
ATOM   126 C CE  . LYS A 1 17  ? 12.427  -10.922 -6.038  1.00 27.31 ? 135 LYS A CE  1 
ATOM   127 N NZ  . LYS A 1 17  ? 13.726  -10.602 -6.741  1.00 29.95 ? 135 LYS A NZ  1 
ATOM   128 N N   . ASP A 1 18  ? 6.548   -7.828  -8.794  1.00 14.71 ? 136 ASP A N   1 
ATOM   129 C CA  . ASP A 1 18  ? 5.798   -7.236  -9.898  1.00 13.69 ? 136 ASP A CA  1 
ATOM   130 C C   . ASP A 1 18  ? 5.101   -5.964  -9.444  1.00 11.37 ? 136 ASP A C   1 
ATOM   131 O O   . ASP A 1 18  ? 4.855   -5.076  -10.250 1.00 10.81 ? 136 ASP A O   1 
ATOM   132 C CB  . ASP A 1 18  ? 4.786   -8.230  -10.468 1.00 14.68 ? 136 ASP A CB  1 
ATOM   133 C CG  . ASP A 1 18  ? 5.450   -9.392  -11.141 1.00 16.22 ? 136 ASP A CG  1 
ATOM   134 O OD1 . ASP A 1 18  ? 6.677   -9.352  -11.308 1.00 16.52 ? 136 ASP A OD1 1 
ATOM   135 O OD2 . ASP A 1 18  ? 4.758   -10.350 -11.503 1.00 20.69 ? 136 ASP A OD2 1 
ATOM   136 N N   . ALA A 1 19  ? 4.773   -5.884  -8.152  1.00 12.54 ? 137 ALA A N   1 
ATOM   137 C CA  . ALA A 1 19  ? 4.136   -4.677  -7.609  1.00 12.07 ? 137 ALA A CA  1 
ATOM   138 C C   . ALA A 1 19  ? 5.093   -3.519  -7.827  1.00 8.96  ? 137 ALA A C   1 
ATOM   139 O O   . ALA A 1 19  ? 4.682   -2.449  -8.244  1.00 9.99  ? 137 ALA A O   1 
ATOM   140 C CB  . ALA A 1 19  ? 3.825   -4.828  -6.115  1.00 8.25  ? 137 ALA A CB  1 
ATOM   141 N N   . GLU A 1 20  ? 6.375   -3.753  -7.538  1.00 13.71 ? 138 GLU A N   1 
ATOM   142 C CA  . GLU A 1 20  ? 7.443   -2.751  -7.730  1.00 13.56 ? 138 GLU A CA  1 
ATOM   143 C C   . GLU A 1 20  ? 7.556   -2.446  -9.225  1.00 11.35 ? 138 GLU A C   1 
ATOM   144 O O   . GLU A 1 20  ? 7.529   -1.297  -9.645  1.00 11.32 ? 138 GLU A O   1 
ATOM   145 C CB  . GLU A 1 20  ? 8.787   -3.285  -7.223  1.00 12.54 ? 138 GLU A CB  1 
ATOM   146 C CG  . GLU A 1 20  ? 8.910   -3.448  -5.719  1.00 14.20 ? 138 GLU A CG  1 
ATOM   147 C CD  . GLU A 1 20  ? 10.251  -3.995  -5.249  1.00 17.51 ? 138 GLU A CD  1 
ATOM   148 O OE1 . GLU A 1 20  ? 11.200  -4.082  -6.055  1.00 23.72 ? 138 GLU A OE1 1 
ATOM   149 O OE2 . GLU A 1 20  ? 10.402  -4.359  -4.080  1.00 16.72 ? 138 GLU A OE2 1 
ATOM   150 N N   . ARG A 1 21  ? 7.669   -3.506  -10.020 1.00 14.94 ? 139 ARG A N   1 
ATOM   151 C CA  . ARG A 1 21  ? 7.798   -3.396  -11.459 1.00 13.77 ? 139 ARG A CA  1 
ATOM   152 C C   . ARG A 1 21  ? 6.648   -2.597  -12.084 1.00 12.98 ? 139 ARG A C   1 
ATOM   153 O O   . ARG A 1 21  ? 6.894   -1.675  -12.883 1.00 12.73 ? 139 ARG A O   1 
ATOM   154 C CB  . ARG A 1 21  ? 7.895   -4.785  -12.074 1.00 15.91 ? 139 ARG A CB  1 
ATOM   155 C CG  . ARG A 1 21  ? 8.638   -4.813  -13.401 1.00 18.94 ? 139 ARG A CG  1 
ATOM   156 C CD  . ARG A 1 21  ? 8.482   -6.152  -14.086 1.00 16.47 ? 139 ARG A CD  1 
ATOM   157 N NE  . ARG A 1 21  ? 8.490   -7.265  -13.147 1.00 15.97 ? 139 ARG A NE  1 
ATOM   158 C CZ  . ARG A 1 21  ? 9.584   -7.839  -12.666 1.00 17.19 ? 139 ARG A CZ  1 
ATOM   159 N NH1 . ARG A 1 21  ? 10.782  -7.409  -13.030 1.00 16.99 ? 139 ARG A NH1 1 
ATOM   160 N NH2 . ARG A 1 21  ? 9.472   -8.859  -11.826 1.00 18.85 ? 139 ARG A NH2 1 
ATOM   161 N N   . GLN A 1 22  ? 5.407   -2.938  -11.706 1.00 12.30 ? 140 GLN A N   1 
ATOM   162 C CA  . GLN A 1 22  ? 4.197   -2.253  -12.203 1.00 14.62 ? 140 GLN A CA  1 
ATOM   163 C C   . GLN A 1 22  ? 4.128   -0.779  -11.761 1.00 13.32 ? 140 GLN A C   1 
ATOM   164 O O   . GLN A 1 22  ? 3.868   0.107   -12.574 1.00 15.54 ? 140 GLN A O   1 
ATOM   165 C CB  . GLN A 1 22  ? 2.943   -2.974  -11.728 1.00 17.39 ? 140 GLN A CB  1 
ATOM   166 C CG  . GLN A 1 22  ? 2.684   -4.327  -12.391 1.00 22.17 ? 140 GLN A CG  1 
ATOM   167 C CD  . GLN A 1 22  ? 1.802   -4.212  -13.608 1.00 23.66 ? 140 GLN A CD  1 
ATOM   168 O OE1 . GLN A 1 22  ? 0.639   -4.596  -13.581 1.00 25.60 ? 140 GLN A OE1 1 
ATOM   169 N NE2 . GLN A 1 22  ? 2.346   -3.676  -14.684 1.00 25.64 ? 140 GLN A NE2 1 
ATOM   170 N N   . LEU A 1 23  ? 4.360   -0.514  -10.479 1.00 10.44 ? 141 LEU A N   1 
ATOM   171 C CA  . LEU A 1 23  ? 4.322   0.851   -9.973  1.00 11.11 ? 141 LEU A CA  1 
ATOM   172 C C   . LEU A 1 23  ? 5.396   1.777   -10.530 1.00 12.58 ? 141 LEU A C   1 
ATOM   173 O O   . LEU A 1 23  ? 5.170   2.985   -10.621 1.00 14.86 ? 141 LEU A O   1 
ATOM   174 C CB  . LEU A 1 23  ? 4.394   0.862   -8.441  1.00 11.18 ? 141 LEU A CB  1 
ATOM   175 C CG  . LEU A 1 23  ? 3.138   0.378   -7.720  1.00 10.25 ? 141 LEU A CG  1 
ATOM   176 C CD1 . LEU A 1 23  ? 3.443   0.034   -6.271  1.00 9.38  ? 141 LEU A CD1 1 
ATOM   177 C CD2 . LEU A 1 23  ? 2.072   1.444   -7.826  1.00 13.72 ? 141 LEU A CD2 1 
ATOM   178 N N   . LEU A 1 24  ? 6.579   1.232   -10.844 1.00 14.75 ? 142 LEU A N   1 
ATOM   179 C CA  . LEU A 1 24  ? 7.681   2.033   -11.393 1.00 15.75 ? 142 LEU A CA  1 
ATOM   180 C C   . LEU A 1 24  ? 7.592   2.207   -12.894 1.00 18.60 ? 142 LEU A C   1 
ATOM   181 O O   . LEU A 1 24  ? 8.431   2.882   -13.486 1.00 19.10 ? 142 LEU A O   1 
ATOM   182 C CB  . LEU A 1 24  ? 9.034   1.482   -11.013 1.00 12.51 ? 142 LEU A CB  1 
ATOM   183 C CG  . LEU A 1 24  ? 9.416   1.554   -9.532  1.00 12.66 ? 142 LEU A CG  1 
ATOM   184 C CD1 . LEU A 1 24  ? 10.701  0.759   -9.260  1.00 13.92 ? 142 LEU A CD1 1 
ATOM   185 C CD2 . LEU A 1 24  ? 9.579   3.007   -9.154  1.00 10.29 ? 142 LEU A CD2 1 
ATOM   186 N N   . ALA A 1 25  ? 6.548   1.630   -13.490 1.00 18.56 ? 143 ALA A N   1 
ATOM   187 C CA  . ALA A 1 25  ? 6.315   1.714   -14.916 1.00 18.82 ? 143 ALA A CA  1 
ATOM   188 C C   . ALA A 1 25  ? 5.638   3.028   -15.260 1.00 20.34 ? 143 ALA A C   1 
ATOM   189 O O   . ALA A 1 25  ? 5.006   3.655   -14.406 1.00 19.20 ? 143 ALA A O   1 
ATOM   190 C CB  . ALA A 1 25  ? 5.446   0.543   -15.361 1.00 21.51 ? 143 ALA A CB  1 
ATOM   191 N N   . PRO A 1 26  ? 5.760   3.469   -16.534 1.00 25.32 ? 144 PRO A N   1 
ATOM   192 C CA  . PRO A 1 26  ? 5.142   4.726   -16.984 1.00 24.29 ? 144 PRO A CA  1 
ATOM   193 C C   . PRO A 1 26  ? 3.645   4.665   -16.723 1.00 21.97 ? 144 PRO A C   1 
ATOM   194 O O   . PRO A 1 26  ? 3.061   3.570   -16.688 1.00 25.78 ? 144 PRO A O   1 
ATOM   195 C CB  . PRO A 1 26  ? 5.481   4.755   -18.486 1.00 26.24 ? 144 PRO A CB  1 
ATOM   196 C CG  . PRO A 1 26  ? 5.608   3.297   -18.838 1.00 26.16 ? 144 PRO A CG  1 
ATOM   197 C CD  . PRO A 1 26  ? 6.397   2.775   -17.669 1.00 25.90 ? 144 PRO A CD  1 
ATOM   198 N N   . GLY A 1 27  ? 3.011   5.829   -16.662 1.00 19.79 ? 145 GLY A N   1 
ATOM   199 C CA  . GLY A 1 27  ? 1.599   5.872   -16.335 1.00 23.19 ? 145 GLY A CA  1 
ATOM   200 C C   . GLY A 1 27  ? 1.412   6.003   -14.830 1.00 22.81 ? 145 GLY A C   1 
ATOM   201 O O   . GLY A 1 27  ? 0.413   6.546   -14.360 1.00 26.73 ? 145 GLY A O   1 
ATOM   202 N N   . ASN A 1 28  ? 2.372   5.502   -14.060 1.00 25.57 ? 146 ASN A N   1 
ATOM   203 C CA  . ASN A 1 28  ? 2.311   5.598   -12.604 1.00 24.35 ? 146 ASN A CA  1 
ATOM   204 C C   . ASN A 1 28  ? 3.185   6.771   -12.136 1.00 25.77 ? 146 ASN A C   1 
ATOM   205 O O   . ASN A 1 28  ? 4.086   7.199   -12.867 1.00 27.01 ? 146 ASN A O   1 
ATOM   206 C CB  . ASN A 1 28  ? 2.703   4.273   -11.980 1.00 21.99 ? 146 ASN A CB  1 
ATOM   207 C CG  . ASN A 1 28  ? 1.624   3.238   -12.151 1.00 25.80 ? 146 ASN A CG  1 
ATOM   208 O OD1 . ASN A 1 28  ? 0.457   3.501   -11.842 1.00 25.87 ? 146 ASN A OD1 1 
ATOM   209 N ND2 . ASN A 1 28  ? 1.984   2.061   -12.674 1.00 26.75 ? 146 ASN A ND2 1 
ATOM   210 N N   . THR A 1 29  ? 2.934   7.306   -10.946 1.00 25.04 ? 147 THR A N   1 
ATOM   211 C CA  . THR A 1 29  ? 3.679   8.474   -10.495 1.00 23.72 ? 147 THR A CA  1 
ATOM   212 C C   . THR A 1 29  ? 3.962   8.434   -9.000  1.00 19.81 ? 147 THR A C   1 
ATOM   213 O O   . THR A 1 29  ? 4.021   7.371   -8.422  1.00 17.60 ? 147 THR A O   1 
ATOM   214 C CB  . THR A 1 29  ? 2.861   9.739   -10.872 1.00 26.12 ? 147 THR A CB  1 
ATOM   215 O OG1 . THR A 1 29  ? 3.506   10.926  -10.403 1.00 30.90 ? 147 THR A OG1 1 
ATOM   216 C CG2 . THR A 1 29  ? 1.461   9.663   -10.301 1.00 26.81 ? 147 THR A CG2 1 
ATOM   217 N N   . HIS A 1 30  ? 4.190   9.592   -8.390  1.00 20.47 ? 148 HIS A N   1 
ATOM   218 C CA  . HIS A 1 30  ? 4.447   9.679   -6.960  1.00 21.56 ? 148 HIS A CA  1 
ATOM   219 C C   . HIS A 1 30  ? 3.111   9.376   -6.292  1.00 20.10 ? 148 HIS A C   1 
ATOM   220 O O   . HIS A 1 30  ? 2.069   9.895   -6.721  1.00 20.20 ? 148 HIS A O   1 
ATOM   221 C CB  . HIS A 1 30  ? 4.870   11.108  -6.541  1.00 26.53 ? 148 HIS A CB  1 
ATOM   222 C CG  . HIS A 1 30  ? 5.552   11.890  -7.620  1.00 31.46 ? 148 HIS A CG  1 
ATOM   223 N ND1 . HIS A 1 30  ? 6.924   11.897  -7.790  1.00 33.59 ? 148 HIS A ND1 1 
ATOM   224 C CD2 . HIS A 1 30  ? 5.051   12.652  -8.624  1.00 31.44 ? 148 HIS A CD2 1 
ATOM   225 C CE1 . HIS A 1 30  ? 7.233   12.614  -8.851  1.00 33.78 ? 148 HIS A CE1 1 
ATOM   226 N NE2 . HIS A 1 30  ? 6.116   13.087  -9.379  1.00 33.98 ? 148 HIS A NE2 1 
ATOM   227 N N   . GLY A 1 31  ? 3.141   8.536   -5.258  1.00 20.11 ? 149 GLY A N   1 
ATOM   228 C CA  . GLY A 1 31  ? 1.929   8.206   -4.528  1.00 19.18 ? 149 GLY A CA  1 
ATOM   229 C C   . GLY A 1 31  ? 1.117   7.091   -5.149  1.00 18.87 ? 149 GLY A C   1 
ATOM   230 O O   . GLY A 1 31  ? 0.006   6.803   -4.697  1.00 17.80 ? 149 GLY A O   1 
ATOM   231 N N   . SER A 1 32  ? 1.637   6.527   -6.237  1.00 18.87 ? 150 SER A N   1 
ATOM   232 C CA  . SER A 1 32  ? 0.974   5.416   -6.906  1.00 19.17 ? 150 SER A CA  1 
ATOM   233 C C   . SER A 1 32  ? 1.145   4.246   -5.963  1.00 17.01 ? 150 SER A C   1 
ATOM   234 O O   . SER A 1 32  ? 2.226   4.042   -5.387  1.00 13.41 ? 150 SER A O   1 
ATOM   235 C CB  . SER A 1 32  ? 1.587   5.151   -8.277  1.00 16.52 ? 150 SER A CB  1 
ATOM   236 O OG  . SER A 1 32  ? 1.123   6.134   -9.188  1.00 15.41 ? 150 SER A OG  1 
ATOM   237 N N   . PHE A 1 33  ? 0.063   3.502   -5.772  1.00 15.62 ? 151 PHE A N   1 
ATOM   238 C CA  . PHE A 1 33  ? 0.107   2.413   -4.826  1.00 17.02 ? 151 PHE A CA  1 
ATOM   239 C C   . PHE A 1 33  ? -0.835  1.308   -5.215  1.00 16.74 ? 151 PHE A C   1 
ATOM   240 O O   . PHE A 1 33  ? -1.566  1.406   -6.207  1.00 15.75 ? 151 PHE A O   1 
ATOM   241 C CB  . PHE A 1 33  ? -0.356  2.946   -3.466  1.00 15.56 ? 151 PHE A CB  1 
ATOM   242 C CG  . PHE A 1 33  ? -1.822  3.292   -3.426  1.00 16.68 ? 151 PHE A CG  1 
ATOM   243 C CD1 . PHE A 1 33  ? -2.280  4.502   -3.941  1.00 16.72 ? 151 PHE A CD1 1 
ATOM   244 C CD2 . PHE A 1 33  ? -2.744  2.384   -2.926  1.00 14.93 ? 151 PHE A CD2 1 
ATOM   245 C CE1 . PHE A 1 33  ? -3.630  4.807   -3.966  1.00 15.71 ? 151 PHE A CE1 1 
ATOM   246 C CE2 . PHE A 1 33  ? -4.097  2.678   -2.950  1.00 17.38 ? 151 PHE A CE2 1 
ATOM   247 C CZ  . PHE A 1 33  ? -4.539  3.903   -3.477  1.00 16.14 ? 151 PHE A CZ  1 
ATOM   248 N N   . LEU A 1 34  ? -0.840  0.279   -4.379  1.00 14.97 ? 152 LEU A N   1 
ATOM   249 C CA  . LEU A 1 34  ? -1.725  -0.859  -4.532  1.00 13.55 ? 152 LEU A CA  1 
ATOM   250 C C   . LEU A 1 34  ? -1.661  -1.662  -3.241  1.00 14.03 ? 152 LEU A C   1 
ATOM   251 O O   . LEU A 1 34  ? -0.742  -1.486  -2.401  1.00 12.94 ? 152 LEU A O   1 
ATOM   252 C CB  . LEU A 1 34  ? -1.330  -1.734  -5.745  1.00 10.06 ? 152 LEU A CB  1 
ATOM   253 C CG  . LEU A 1 34  ? 0.036   -2.429  -5.773  1.00 8.69  ? 152 LEU A CG  1 
ATOM   254 C CD1 . LEU A 1 34  ? -0.016  -3.789  -5.084  1.00 6.71  ? 152 LEU A CD1 1 
ATOM   255 C CD2 . LEU A 1 34  ? 0.530   -2.591  -7.181  1.00 11.48 ? 152 LEU A CD2 1 
ATOM   256 N N   . ILE A 1 35  ? -2.672  -2.490  -3.034  1.00 9.49  ? 153 ILE A N   1 
ATOM   257 C CA  . ILE A 1 35  ? -2.687  -3.365  -1.883  1.00 12.84 ? 153 ILE A CA  1 
ATOM   258 C C   . ILE A 1 35  ? -2.766  -4.758  -2.497  1.00 15.30 ? 153 ILE A C   1 
ATOM   259 O O   . ILE A 1 35  ? -3.474  -4.965  -3.495  1.00 14.74 ? 153 ILE A O   1 
ATOM   260 C CB  . ILE A 1 35  ? -3.865  -3.077  -0.901  1.00 12.63 ? 153 ILE A CB  1 
ATOM   261 C CG1 . ILE A 1 35  ? -3.608  -1.737  -0.181  1.00 13.54 ? 153 ILE A CG1 1 
ATOM   262 C CG2 . ILE A 1 35  ? -4.020  -4.239  0.101   1.00 11.35 ? 153 ILE A CG2 1 
ATOM   263 C CD1 . ILE A 1 35  ? -4.525  -1.404  0.996   1.00 15.17 ? 153 ILE A CD1 1 
ATOM   264 N N   . ARG A 1 36  ? -2.005  -5.687  -1.940  1.00 13.74 ? 154 ARG A N   1 
ATOM   265 C CA  . ARG A 1 36  ? -1.974  -7.051  -2.456  1.00 16.58 ? 154 ARG A CA  1 
ATOM   266 C C   . ARG A 1 36  ? -1.891  -8.004  -1.268  1.00 17.68 ? 154 ARG A C   1 
ATOM   267 O O   . ARG A 1 36  ? -1.748  -7.553  -0.133  1.00 15.57 ? 154 ARG A O   1 
ATOM   268 C CB  . ARG A 1 36  ? -0.739  -7.203  -3.354  1.00 15.02 ? 154 ARG A CB  1 
ATOM   269 C CG  . ARG A 1 36  ? 0.510   -6.600  -2.712  1.00 15.80 ? 154 ARG A CG  1 
ATOM   270 C CD  . ARG A 1 36  ? 1.792   -6.729  -3.531  1.00 14.97 ? 154 ARG A CD  1 
ATOM   271 N NE  . ARG A 1 36  ? 2.913   -6.132  -2.800  1.00 13.41 ? 154 ARG A NE  1 
ATOM   272 C CZ  . ARG A 1 36  ? 3.645   -6.780  -1.899  1.00 13.52 ? 154 ARG A CZ  1 
ATOM   273 N NH1 . ARG A 1 36  ? 3.411   -8.062  -1.629  1.00 10.96 ? 154 ARG A NH1 1 
ATOM   274 N NH2 . ARG A 1 36  ? 4.529   -6.117  -1.167  1.00 12.39 ? 154 ARG A NH2 1 
ATOM   275 N N   . GLU A 1 37  ? -2.029  -9.309  -1.511  1.00 18.85 ? 155 GLU A N   1 
ATOM   276 C CA  . GLU A 1 37  ? -1.917  -10.287 -0.445  1.00 15.37 ? 155 GLU A CA  1 
ATOM   277 C C   . GLU A 1 37  ? -0.464  -10.218 0.027   1.00 18.60 ? 155 GLU A C   1 
ATOM   278 O O   . GLU A 1 37  ? 0.437   -9.989  -0.783  1.00 19.81 ? 155 GLU A O   1 
ATOM   279 C CB  . GLU A 1 37  ? -2.256  -11.679 -0.976  1.00 14.92 ? 155 GLU A CB  1 
ATOM   280 C CG  . GLU A 1 37  ? -3.751  -11.822 -1.308  1.00 17.59 ? 155 GLU A CG  1 
ATOM   281 C CD  . GLU A 1 37  ? -4.167  -13.236 -1.690  1.00 20.88 ? 155 GLU A CD  1 
ATOM   282 O OE1 . GLU A 1 37  ? -3.351  -13.983 -2.279  1.00 21.82 ? 155 GLU A OE1 1 
ATOM   283 O OE2 . GLU A 1 37  ? -5.328  -13.601 -1.414  1.00 22.46 ? 155 GLU A OE2 1 
ATOM   284 N N   . SER A 1 38  ? -0.226  -10.340 1.329   1.00 13.75 ? 156 SER A N   1 
ATOM   285 C CA  . SER A 1 38  ? 1.131   -10.271 1.840   1.00 11.93 ? 156 SER A CA  1 
ATOM   286 C C   . SER A 1 38  ? 1.906   -11.518 1.511   1.00 14.87 ? 156 SER A C   1 
ATOM   287 O O   . SER A 1 38  ? 1.354   -12.616 1.528   1.00 18.54 ? 156 SER A O   1 
ATOM   288 C CB  . SER A 1 38  ? 1.128   -10.091 3.353   1.00 11.76 ? 156 SER A CB  1 
ATOM   289 O OG  . SER A 1 38  ? 2.435   -10.206 3.908   1.00 12.28 ? 156 SER A OG  1 
ATOM   290 N N   . GLU A 1 39  ? 3.185   -11.345 1.196   1.00 12.81 ? 157 GLU A N   1 
ATOM   291 C CA  . GLU A 1 39  ? 4.061   -12.472 0.940   1.00 15.68 ? 157 GLU A CA  1 
ATOM   292 C C   . GLU A 1 39  ? 4.414   -13.097 2.301   1.00 17.58 ? 157 GLU A C   1 
ATOM   293 O O   . GLU A 1 39  ? 4.749   -14.283 2.388   1.00 17.96 ? 157 GLU A O   1 
ATOM   294 C CB  . GLU A 1 39  ? 5.369   -12.025 0.272   1.00 15.98 ? 157 GLU A CB  1 
ATOM   295 C CG  . GLU A 1 39  ? 5.220   -11.270 -1.022  1.00 20.14 ? 157 GLU A CG  1 
ATOM   296 C CD  . GLU A 1 39  ? 6.343   -11.579 -2.005  1.00 22.84 ? 157 GLU A CD  1 
ATOM   297 O OE1 . GLU A 1 39  ? 7.495   -11.821 -1.584  1.00 21.69 ? 157 GLU A OE1 1 
ATOM   298 O OE2 . GLU A 1 39  ? 6.061   -11.588 -3.216  1.00 23.27 ? 157 GLU A OE2 1 
ATOM   299 N N   . SER A 1 40  ? 4.333   -12.288 3.355   1.00 19.73 ? 158 SER A N   1 
ATOM   300 C CA  . SER A 1 40  ? 4.668   -12.732 4.707   1.00 26.46 ? 158 SER A CA  1 
ATOM   301 C C   . SER A 1 40  ? 3.698   -13.578 5.540   1.00 27.63 ? 158 SER A C   1 
ATOM   302 O O   . SER A 1 40  ? 3.980   -14.740 5.806   1.00 28.83 ? 158 SER A O   1 
ATOM   303 C CB  . SER A 1 40  ? 5.089   -11.536 5.557   1.00 27.70 ? 158 SER A CB  1 
ATOM   304 O OG  . SER A 1 40  ? 6.227   -10.909 5.011   1.00 31.90 ? 158 SER A OG  1 
ATOM   305 N N   . THR A 1 41  ? 2.540   -13.024 5.897   1.00 29.28 ? 159 THR A N   1 
ATOM   306 C CA  . THR A 1 41  ? 1.620   -13.714 6.804   1.00 29.42 ? 159 THR A CA  1 
ATOM   307 C C   . THR A 1 41  ? 0.229   -14.196 6.335   1.00 29.23 ? 159 THR A C   1 
ATOM   308 O O   . THR A 1 41  ? -0.310  -13.761 5.303   1.00 24.05 ? 159 THR A O   1 
ATOM   309 C CB  . THR A 1 41  ? 1.481   -12.852 8.076   1.00 31.15 ? 159 THR A CB  1 
ATOM   310 O OG1 . THR A 1 41  ? 2.742   -12.215 8.348   1.00 31.75 ? 159 THR A OG1 1 
ATOM   311 C CG2 . THR A 1 41  ? 1.116   -13.692 9.257   1.00 32.29 ? 159 THR A CG2 1 
ATOM   312 N N   . ALA A 1 42  ? -0.353  -15.093 7.133   1.00 30.46 ? 160 ALA A N   1 
ATOM   313 C CA  . ALA A 1 42  ? -1.647  -15.686 6.845   1.00 31.51 ? 160 ALA A CA  1 
ATOM   314 C C   . ALA A 1 42  ? -2.800  -14.701 6.773   1.00 32.82 ? 160 ALA A C   1 
ATOM   315 O O   . ALA A 1 42  ? -3.142  -14.089 7.774   1.00 34.65 ? 160 ALA A O   1 
ATOM   316 C CB  . ALA A 1 42  ? -1.944  -16.745 7.866   1.00 35.06 ? 160 ALA A CB  1 
ATOM   317 N N   . GLY A 1 43  ? -3.429  -14.567 5.607   1.00 30.27 ? 161 GLY A N   1 
ATOM   318 C CA  . GLY A 1 43  ? -4.553  -13.647 5.505   1.00 28.53 ? 161 GLY A CA  1 
ATOM   319 C C   . GLY A 1 43  ? -4.239  -12.164 5.714   1.00 25.45 ? 161 GLY A C   1 
ATOM   320 O O   . GLY A 1 43  ? -5.114  -11.344 6.006   1.00 19.30 ? 161 GLY A O   1 
ATOM   321 N N   . SER A 1 44  ? -2.974  -11.811 5.582   1.00 24.02 ? 162 SER A N   1 
ATOM   322 C CA  . SER A 1 44  ? -2.599  -10.426 5.719   1.00 18.95 ? 162 SER A CA  1 
ATOM   323 C C   . SER A 1 44  ? -2.406  -9.834  4.322   1.00 16.39 ? 162 SER A C   1 
ATOM   324 O O   . SER A 1 44  ? -2.365  -10.557 3.315   1.00 14.47 ? 162 SER A O   1 
ATOM   325 C CB  . SER A 1 44  ? -1.351  -10.303 6.584   1.00 17.20 ? 162 SER A CB  1 
ATOM   326 O OG  . SER A 1 44  ? -0.433  -11.321 6.269   1.00 18.68 ? 162 SER A OG  1 
ATOM   327 N N   . PHE A 1 45  ? -2.329  -8.516  4.266   1.00 12.21 ? 163 PHE A N   1 
ATOM   328 C CA  . PHE A 1 45  ? -2.159  -7.790  3.024   1.00 14.55 ? 163 PHE A CA  1 
ATOM   329 C C   . PHE A 1 45  ? -1.001  -6.809  3.209   1.00 13.83 ? 163 PHE A C   1 
ATOM   330 O O   . PHE A 1 45  ? -0.658  -6.442  4.339   1.00 13.61 ? 163 PHE A O   1 
ATOM   331 C CB  . PHE A 1 45  ? -3.442  -7.016  2.640   1.00 15.41 ? 163 PHE A CB  1 
ATOM   332 C CG  . PHE A 1 45  ? -4.708  -7.845  2.703   1.00 18.10 ? 163 PHE A CG  1 
ATOM   333 C CD1 . PHE A 1 45  ? -5.034  -8.707  1.656   1.00 19.71 ? 163 PHE A CD1 1 
ATOM   334 C CD2 . PHE A 1 45  ? -5.538  -7.816  3.831   1.00 17.37 ? 163 PHE A CD2 1 
ATOM   335 C CE1 . PHE A 1 45  ? -6.157  -9.531  1.728   1.00 20.27 ? 163 PHE A CE1 1 
ATOM   336 C CE2 . PHE A 1 45  ? -6.660  -8.639  3.912   1.00 19.42 ? 163 PHE A CE2 1 
ATOM   337 C CZ  . PHE A 1 45  ? -6.967  -9.498  2.858   1.00 20.42 ? 163 PHE A CZ  1 
ATOM   338 N N   . SER A 1 46  ? -0.412  -6.386  2.097   1.00 13.16 ? 164 SER A N   1 
ATOM   339 C CA  . SER A 1 46  ? 0.700   -5.452  2.126   1.00 12.25 ? 164 SER A CA  1 
ATOM   340 C C   . SER A 1 46  ? 0.359   -4.259  1.258   1.00 13.35 ? 164 SER A C   1 
ATOM   341 O O   . SER A 1 46  ? -0.372  -4.386  0.266   1.00 12.77 ? 164 SER A O   1 
ATOM   342 C CB  . SER A 1 46  ? 1.964   -6.118  1.565   1.00 12.53 ? 164 SER A CB  1 
ATOM   343 O OG  . SER A 1 46  ? 2.378   -7.233  2.337   1.00 11.86 ? 164 SER A OG  1 
ATOM   344 N N   . LEU A 1 47  ? 0.855   -3.089  1.655   1.00 14.14 ? 165 LEU A N   1 
ATOM   345 C CA  . LEU A 1 47  ? 0.661   -1.876  0.883   1.00 14.76 ? 165 LEU A CA  1 
ATOM   346 C C   . LEU A 1 47  ? 1.965   -1.598  0.106   1.00 13.12 ? 165 LEU A C   1 
ATOM   347 O O   . LEU A 1 47  ? 3.064   -1.711  0.655   1.00 13.09 ? 165 LEU A O   1 
ATOM   348 C CB  . LEU A 1 47  ? 0.333   -0.697  1.809   1.00 12.74 ? 165 LEU A CB  1 
ATOM   349 C CG  . LEU A 1 47  ? 0.293   0.721   1.204   1.00 14.20 ? 165 LEU A CG  1 
ATOM   350 C CD1 . LEU A 1 47  ? -0.898  0.905   0.290   1.00 12.92 ? 165 LEU A CD1 1 
ATOM   351 C CD2 . LEU A 1 47  ? 0.267   1.790   2.332   1.00 13.15 ? 165 LEU A CD2 1 
ATOM   352 N N   . SER A 1 48  ? 1.860   -1.333  -1.184  1.00 11.78 ? 166 SER A N   1 
ATOM   353 C CA  . SER A 1 48  ? 3.041   -1.021  -1.986  1.00 14.03 ? 166 SER A CA  1 
ATOM   354 C C   . SER A 1 48  ? 2.849   0.384   -2.536  1.00 12.91 ? 166 SER A C   1 
ATOM   355 O O   . SER A 1 48  ? 1.836   0.678   -3.166  1.00 12.51 ? 166 SER A O   1 
ATOM   356 C CB  . SER A 1 48  ? 3.247   -2.063  -3.093  1.00 11.45 ? 166 SER A CB  1 
ATOM   357 O OG  . SER A 1 48  ? 3.593   -3.317  -2.509  1.00 10.18 ? 166 SER A OG  1 
ATOM   358 N N   . VAL A 1 49  ? 3.817   1.253   -2.281  1.00 11.11 ? 167 VAL A N   1 
ATOM   359 C CA  . VAL A 1 49  ? 3.695   2.627   -2.697  1.00 13.07 ? 167 VAL A CA  1 
ATOM   360 C C   . VAL A 1 49  ? 4.972   3.186   -3.341  1.00 15.99 ? 167 VAL A C   1 
ATOM   361 O O   . VAL A 1 49  ? 6.088   2.957   -2.864  1.00 13.75 ? 167 VAL A O   1 
ATOM   362 C CB  . VAL A 1 49  ? 3.212   3.508   -1.469  1.00 15.48 ? 167 VAL A CB  1 
ATOM   363 C CG1 . VAL A 1 49  ? 4.076   3.245   -0.242  1.00 17.46 ? 167 VAL A CG1 1 
ATOM   364 C CG2 . VAL A 1 49  ? 3.242   5.012   -1.783  1.00 17.18 ? 167 VAL A CG2 1 
ATOM   365 N N   . ARG A 1 50  ? 4.799   3.880   -4.459  1.00 15.42 ? 168 ARG A N   1 
ATOM   366 C CA  . ARG A 1 50  ? 5.909   4.508   -5.138  1.00 14.99 ? 168 ARG A CA  1 
ATOM   367 C C   . ARG A 1 50  ? 6.198   5.870   -4.462  1.00 14.72 ? 168 ARG A C   1 
ATOM   368 O O   . ARG A 1 50  ? 5.292   6.691   -4.239  1.00 13.14 ? 168 ARG A O   1 
ATOM   369 C CB  . ARG A 1 50  ? 5.579   4.691   -6.615  1.00 13.82 ? 168 ARG A CB  1 
ATOM   370 C CG  . ARG A 1 50  ? 6.696   5.322   -7.434  1.00 13.61 ? 168 ARG A CG  1 
ATOM   371 C CD  . ARG A 1 50  ? 6.414   5.128   -8.902  1.00 17.15 ? 168 ARG A CD  1 
ATOM   372 N NE  . ARG A 1 50  ? 7.098   6.109   -9.737  1.00 18.84 ? 168 ARG A NE  1 
ATOM   373 C CZ  . ARG A 1 50  ? 6.966   6.178   -11.056 1.00 19.73 ? 168 ARG A CZ  1 
ATOM   374 N NH1 . ARG A 1 50  ? 6.189   5.315   -11.704 1.00 18.16 ? 168 ARG A NH1 1 
ATOM   375 N NH2 . ARG A 1 50  ? 7.581   7.139   -11.726 1.00 21.87 ? 168 ARG A NH2 1 
ATOM   376 N N   . ASP A 1 51  ? 7.468   6.093   -4.155  1.00 12.77 ? 169 ASP A N   1 
ATOM   377 C CA  . ASP A 1 51  ? 7.892   7.297   -3.503  1.00 15.51 ? 169 ASP A CA  1 
ATOM   378 C C   . ASP A 1 51  ? 9.115   7.913   -4.217  1.00 20.00 ? 169 ASP A C   1 
ATOM   379 O O   . ASP A 1 51  ? 9.924   7.202   -4.809  1.00 18.48 ? 169 ASP A O   1 
ATOM   380 C CB  . ASP A 1 51  ? 8.183   6.962   -2.043  1.00 15.99 ? 169 ASP A CB  1 
ATOM   381 C CG  . ASP A 1 51  ? 8.468   8.178   -1.204  1.00 15.05 ? 169 ASP A CG  1 
ATOM   382 O OD1 . ASP A 1 51  ? 7.951   9.277   -1.508  1.00 17.84 ? 169 ASP A OD1 1 
ATOM   383 O OD2 . ASP A 1 51  ? 9.203   8.016   -0.219  1.00 16.47 ? 169 ASP A OD2 1 
ATOM   384 N N   . PHE A 1 52  ? 9.194   9.244   -4.178  1.00 23.20 ? 170 PHE A N   1 
ATOM   385 C CA  . PHE A 1 52  ? 10.260  10.036  -4.795  1.00 30.55 ? 170 PHE A CA  1 
ATOM   386 C C   . PHE A 1 52  ? 11.214  10.555  -3.734  1.00 31.17 ? 170 PHE A C   1 
ATOM   387 O O   . PHE A 1 52  ? 10.804  11.275  -2.820  1.00 29.86 ? 170 PHE A O   1 
ATOM   388 C CB  . PHE A 1 52  ? 9.668   11.262  -5.508  1.00 30.05 ? 170 PHE A CB  1 
ATOM   389 C CG  . PHE A 1 52  ? 10.578  11.879  -6.529  1.00 30.56 ? 170 PHE A CG  1 
ATOM   390 C CD1 . PHE A 1 52  ? 11.663  11.181  -7.039  1.00 31.94 ? 170 PHE A CD1 1 
ATOM   391 C CD2 . PHE A 1 52  ? 10.314  13.141  -7.039  1.00 31.16 ? 170 PHE A CD2 1 
ATOM   392 C CE1 . PHE A 1 52  ? 12.472  11.730  -8.057  1.00 31.43 ? 170 PHE A CE1 1 
ATOM   393 C CE2 . PHE A 1 52  ? 11.124  13.694  -8.054  1.00 31.27 ? 170 PHE A CE2 1 
ATOM   394 C CZ  . PHE A 1 52  ? 12.195  12.986  -8.558  1.00 30.25 ? 170 PHE A CZ  1 
ATOM   395 N N   . ASP A 1 53  ? 12.477  10.174  -3.849  1.00 34.66 ? 171 ASP A N   1 
ATOM   396 C CA  . ASP A 1 53  ? 13.503  10.646  -2.931  1.00 38.04 ? 171 ASP A CA  1 
ATOM   397 C C   . ASP A 1 53  ? 14.620  11.304  -3.748  1.00 40.19 ? 171 ASP A C   1 
ATOM   398 O O   . ASP A 1 53  ? 14.565  11.350  -4.995  1.00 37.66 ? 171 ASP A O   1 
ATOM   399 C CB  . ASP A 1 53  ? 14.071  9.517   -2.061  1.00 36.19 ? 171 ASP A CB  1 
ATOM   400 C CG  . ASP A 1 53  ? 13.475  8.170   -2.385  1.00 35.96 ? 171 ASP A CG  1 
ATOM   401 O OD1 . ASP A 1 53  ? 12.242  8.009   -2.231  1.00 33.64 ? 171 ASP A OD1 1 
ATOM   402 O OD2 . ASP A 1 53  ? 14.253  7.279   -2.779  1.00 35.03 ? 171 ASP A OD2 1 
ATOM   403 N N   . GLN A 1 54  ? 15.628  11.804  -3.030  1.00 40.14 ? 172 GLN A N   1 
ATOM   404 C CA  . GLN A 1 54  ? 16.765  12.490  -3.633  1.00 37.54 ? 172 GLN A CA  1 
ATOM   405 C C   . GLN A 1 54  ? 17.776  11.552  -4.288  1.00 36.05 ? 172 GLN A C   1 
ATOM   406 O O   . GLN A 1 54  ? 18.031  11.651  -5.486  1.00 38.78 ? 172 GLN A O   1 
ATOM   407 C CB  . GLN A 1 54  ? 17.451  13.377  -2.579  1.00 37.13 ? 172 GLN A CB  1 
ATOM   408 C CG  . GLN A 1 54  ? 18.056  14.676  -3.128  1.00 37.88 ? 172 GLN A CG  1 
ATOM   409 C CD  . GLN A 1 54  ? 19.372  14.450  -3.862  1.00 40.08 ? 172 GLN A CD  1 
ATOM   410 O OE1 . GLN A 1 54  ? 20.207  13.647  -3.438  1.00 41.10 ? 172 GLN A OE1 1 
ATOM   411 N NE2 . GLN A 1 54  ? 19.569  15.170  -4.961  1.00 38.64 ? 172 GLN A NE2 1 
ATOM   412 N N   . ASN A 1 55  ? 18.323  10.615  -3.523  1.00 36.25 ? 173 ASN A N   1 
ATOM   413 C CA  . ASN A 1 55  ? 19.334  9.704   -4.067  1.00 39.61 ? 173 ASN A CA  1 
ATOM   414 C C   . ASN A 1 55  ? 18.837  8.571   -4.973  1.00 42.82 ? 173 ASN A C   1 
ATOM   415 O O   . ASN A 1 55  ? 19.422  8.334   -6.039  1.00 44.51 ? 173 ASN A O   1 
ATOM   416 C CB  . ASN A 1 55  ? 20.217  9.132   -2.946  1.00 39.21 ? 173 ASN A CB  1 
ATOM   417 C CG  . ASN A 1 55  ? 20.918  10.218  -2.143  1.00 38.23 ? 173 ASN A CG  1 
ATOM   418 O OD1 . ASN A 1 55  ? 20.523  11.386  -2.176  1.00 36.78 ? 173 ASN A OD1 1 
ATOM   419 N ND2 . ASN A 1 55  ? 21.940  9.829   -1.388  1.00 37.86 ? 173 ASN A ND2 1 
ATOM   420 N N   . GLN A 1 56  ? 17.799  7.844   -4.543  1.00 40.92 ? 174 GLN A N   1 
ATOM   421 C CA  . GLN A 1 56  ? 17.258  6.748   -5.352  1.00 37.62 ? 174 GLN A CA  1 
ATOM   422 C C   . GLN A 1 56  ? 16.305  7.190   -6.460  1.00 35.69 ? 174 GLN A C   1 
ATOM   423 O O   . GLN A 1 56  ? 16.051  6.440   -7.406  1.00 37.10 ? 174 GLN A O   1 
ATOM   424 C CB  . GLN A 1 56  ? 16.535  5.736   -4.477  1.00 39.37 ? 174 GLN A CB  1 
ATOM   425 C CG  . GLN A 1 56  ? 17.424  4.979   -3.531  1.00 45.50 ? 174 GLN A CG  1 
ATOM   426 C CD  . GLN A 1 56  ? 16.718  3.776   -2.909  1.00 49.49 ? 174 GLN A CD  1 
ATOM   427 O OE1 . GLN A 1 56  ? 16.140  3.858   -1.812  1.00 53.36 ? 174 GLN A OE1 1 
ATOM   428 N NE2 . GLN A 1 56  ? 16.766  2.648   -3.605  1.00 48.99 ? 174 GLN A NE2 1 
ATOM   429 N N   . GLY A 1 57  ? 15.772  8.398   -6.358  1.00 32.63 ? 175 GLY A N   1 
ATOM   430 C CA  . GLY A 1 57  ? 14.831  8.848   -7.360  1.00 33.38 ? 175 GLY A CA  1 
ATOM   431 C C   . GLY A 1 57  ? 13.534  8.088   -7.146  1.00 34.30 ? 175 GLY A C   1 
ATOM   432 O O   . GLY A 1 57  ? 12.941  8.181   -6.070  1.00 37.05 ? 175 GLY A O   1 
ATOM   433 N N   . GLU A 1 58  ? 13.078  7.337   -8.145  1.00 32.81 ? 176 GLU A N   1 
ATOM   434 C CA  . GLU A 1 58  ? 11.841  6.575   -7.987  1.00 27.49 ? 176 GLU A CA  1 
ATOM   435 C C   . GLU A 1 58  ? 12.107  5.250   -7.277  1.00 24.55 ? 176 GLU A C   1 
ATOM   436 O O   . GLU A 1 58  ? 13.026  4.519   -7.623  1.00 23.98 ? 176 GLU A O   1 
ATOM   437 C CB  . GLU A 1 58  ? 11.145  6.325   -9.347  1.00 32.63 ? 176 GLU A CB  1 
ATOM   438 C CG  . GLU A 1 58  ? 11.901  5.413   -10.336 1.00 37.92 ? 176 GLU A CG  1 
ATOM   439 C CD  . GLU A 1 58  ? 11.065  4.858   -11.518 1.00 38.05 ? 176 GLU A CD  1 
ATOM   440 O OE1 . GLU A 1 58  ? 9.872   5.162   -11.658 1.00 37.68 ? 176 GLU A OE1 1 
ATOM   441 O OE2 . GLU A 1 58  ? 11.637  4.071   -12.317 1.00 38.28 ? 176 GLU A OE2 1 
ATOM   442 N N   . VAL A 1 59  ? 11.322  4.959   -6.248  1.00 24.42 ? 177 VAL A N   1 
ATOM   443 C CA  . VAL A 1 59  ? 11.462  3.710   -5.491  1.00 22.28 ? 177 VAL A CA  1 
ATOM   444 C C   . VAL A 1 59  ? 10.086  3.229   -4.989  1.00 21.37 ? 177 VAL A C   1 
ATOM   445 O O   . VAL A 1 59  ? 9.120   3.993   -4.970  1.00 21.20 ? 177 VAL A O   1 
ATOM   446 C CB  . VAL A 1 59  ? 12.424  3.908   -4.292  1.00 22.15 ? 177 VAL A CB  1 
ATOM   447 C CG1 . VAL A 1 59  ? 11.754  4.767   -3.222  1.00 21.17 ? 177 VAL A CG1 1 
ATOM   448 C CG2 . VAL A 1 59  ? 12.873  2.568   -3.729  1.00 21.95 ? 177 VAL A CG2 1 
ATOM   449 N N   . VAL A 1 60  ? 9.978   1.954   -4.644  1.00 17.06 ? 178 VAL A N   1 
ATOM   450 C CA  . VAL A 1 60  ? 8.733   1.431   -4.112  1.00 14.65 ? 178 VAL A CA  1 
ATOM   451 C C   . VAL A 1 60  ? 8.952   1.034   -2.636  1.00 14.94 ? 178 VAL A C   1 
ATOM   452 O O   . VAL A 1 60  ? 9.951   0.389   -2.288  1.00 18.02 ? 178 VAL A O   1 
ATOM   453 C CB  . VAL A 1 60  ? 8.197   0.216   -4.963  1.00 11.38 ? 178 VAL A CB  1 
ATOM   454 C CG1 . VAL A 1 60  ? 6.983   -0.425  -4.308  1.00 9.27  ? 178 VAL A CG1 1 
ATOM   455 C CG2 . VAL A 1 60  ? 7.793   0.696   -6.348  1.00 11.46 ? 178 VAL A CG2 1 
ATOM   456 N N   . LYS A 1 61  ? 8.082   1.521   -1.762  1.00 12.44 ? 179 LYS A N   1 
ATOM   457 C CA  . LYS A 1 61  ? 8.143   1.179   -0.343  1.00 13.69 ? 179 LYS A CA  1 
ATOM   458 C C   . LYS A 1 61  ? 6.958   0.236   -0.055  1.00 10.70 ? 179 LYS A C   1 
ATOM   459 O O   . LYS A 1 61  ? 5.837   0.506   -0.494  1.00 10.28 ? 179 LYS A O   1 
ATOM   460 C CB  . LYS A 1 61  ? 8.019   2.453   0.520   1.00 17.41 ? 179 LYS A CB  1 
ATOM   461 C CG  . LYS A 1 61  ? 9.321   2.998   1.143   1.00 20.37 ? 179 LYS A CG  1 
ATOM   462 C CD  . LYS A 1 61  ? 10.238  3.573   0.101   1.00 21.96 ? 179 LYS A CD  1 
ATOM   463 C CE  . LYS A 1 61  ? 11.260  4.554   0.706   1.00 23.75 ? 179 LYS A CE  1 
ATOM   464 N NZ  . LYS A 1 61  ? 10.758  5.936   0.995   1.00 21.80 ? 179 LYS A NZ  1 
ATOM   465 N N   . HIS A 1 62  ? 7.220   -0.838  0.694   1.00 12.50 ? 180 HIS A N   1 
ATOM   466 C CA  . HIS A 1 62  ? 6.214   -1.861  1.074   1.00 11.74 ? 180 HIS A CA  1 
ATOM   467 C C   . HIS A 1 62  ? 5.951   -1.842  2.593   1.00 13.46 ? 180 HIS A C   1 
ATOM   468 O O   . HIS A 1 62  ? 6.902   -1.828  3.384   1.00 14.05 ? 180 HIS A O   1 
ATOM   469 C CB  . HIS A 1 62  ? 6.691   -3.287  0.724   1.00 10.11 ? 180 HIS A CB  1 
ATOM   470 C CG  . HIS A 1 62  ? 7.076   -3.477  -0.701  1.00 10.21 ? 180 HIS A CG  1 
ATOM   471 N ND1 . HIS A 1 62  ? 6.149   -3.570  -1.729  1.00 10.81 ? 180 HIS A ND1 1 
ATOM   472 C CD2 . HIS A 1 62  ? 8.289   -3.577  -1.300  1.00 9.72  ? 180 HIS A CD2 1 
ATOM   473 C CE1 . HIS A 1 62  ? 6.772   -3.716  -2.876  1.00 9.14  ? 180 HIS A CE1 1 
ATOM   474 N NE2 . HIS A 1 62  ? 8.073   -3.725  -2.648  1.00 10.42 ? 180 HIS A NE2 1 
ATOM   475 N N   . TYR A 1 63  ? 4.677   -1.792  2.963   1.00 11.45 ? 181 TYR A N   1 
ATOM   476 C CA  . TYR A 1 63  ? 4.250   -1.805  4.354   1.00 11.85 ? 181 TYR A CA  1 
ATOM   477 C C   . TYR A 1 63  ? 3.370   -3.029  4.600   1.00 11.18 ? 181 TYR A C   1 
ATOM   478 O O   . TYR A 1 63  ? 2.550   -3.419  3.745   1.00 9.28  ? 181 TYR A O   1 
ATOM   479 C CB  . TYR A 1 63  ? 3.397   -0.582  4.709   1.00 10.70 ? 181 TYR A CB  1 
ATOM   480 C CG  . TYR A 1 63  ? 4.115   0.739   4.685   1.00 13.06 ? 181 TYR A CG  1 
ATOM   481 C CD1 . TYR A 1 63  ? 4.215   1.474   3.507   1.00 14.86 ? 181 TYR A CD1 1 
ATOM   482 C CD2 . TYR A 1 63  ? 4.672   1.284   5.860   1.00 13.28 ? 181 TYR A CD2 1 
ATOM   483 C CE1 . TYR A 1 63  ? 4.849   2.718   3.491   1.00 14.02 ? 181 TYR A CE1 1 
ATOM   484 C CE2 . TYR A 1 63  ? 5.310   2.532   5.846   1.00 12.28 ? 181 TYR A CE2 1 
ATOM   485 C CZ  . TYR A 1 63  ? 5.392   3.234   4.664   1.00 14.20 ? 181 TYR A CZ  1 
ATOM   486 O OH  . TYR A 1 63  ? 6.025   4.457   4.615   1.00 15.26 ? 181 TYR A OH  1 
ATOM   487 N N   . LYS A 1 64  ? 3.558   -3.653  5.753   1.00 12.37 ? 182 LYS A N   1 
ATOM   488 C CA  . LYS A 1 64  ? 2.721   -4.780  6.135   1.00 14.60 ? 182 LYS A CA  1 
ATOM   489 C C   . LYS A 1 64  ? 1.456   -4.179  6.733   1.00 12.72 ? 182 LYS A C   1 
ATOM   490 O O   . LYS A 1 64  ? 1.516   -3.175  7.423   1.00 12.83 ? 182 LYS A O   1 
ATOM   491 C CB  . LYS A 1 64  ? 3.425   -5.604  7.204   1.00 16.06 ? 182 LYS A CB  1 
ATOM   492 C CG  . LYS A 1 64  ? 4.737   -6.126  6.711   1.00 16.58 ? 182 LYS A CG  1 
ATOM   493 C CD  . LYS A 1 64  ? 5.449   -6.790  7.818   1.00 22.98 ? 182 LYS A CD  1 
ATOM   494 C CE  . LYS A 1 64  ? 4.826   -8.090  8.194   1.00 28.72 ? 182 LYS A CE  1 
ATOM   495 N NZ  . LYS A 1 64  ? 5.254   -9.113  7.202   1.00 30.06 ? 182 LYS A NZ  1 
ATOM   496 N N   . ILE A 1 65  ? 0.301   -4.701  6.360   1.00 12.98 ? 183 ILE A N   1 
ATOM   497 C CA  . ILE A 1 65  ? -0.938  -4.201  6.929   1.00 13.50 ? 183 ILE A CA  1 
ATOM   498 C C   . ILE A 1 65  ? -1.364  -5.282  7.913   1.00 13.57 ? 183 ILE A C   1 
ATOM   499 O O   . ILE A 1 65  ? -1.646  -6.416  7.527   1.00 12.09 ? 183 ILE A O   1 
ATOM   500 C CB  . ILE A 1 65  ? -2.017  -3.981  5.864   1.00 15.18 ? 183 ILE A CB  1 
ATOM   501 C CG1 . ILE A 1 65  ? -1.514  -3.009  4.786   1.00 13.13 ? 183 ILE A CG1 1 
ATOM   502 C CG2 . ILE A 1 65  ? -3.376  -3.614  6.555   1.00 12.39 ? 183 ILE A CG2 1 
ATOM   503 C CD1 . ILE A 1 65  ? -2.484  -2.809  3.686   1.00 12.38 ? 183 ILE A CD1 1 
ATOM   504 N N   . ARG A 1 66  ? -1.336  -4.954  9.191   1.00 11.88 ? 184 ARG A N   1 
ATOM   505 C CA  . ARG A 1 66  ? -1.675  -5.941  10.186  1.00 16.65 ? 184 ARG A CA  1 
ATOM   506 C C   . ARG A 1 66  ? -3.188  -6.161  10.379  1.00 13.82 ? 184 ARG A C   1 
ATOM   507 O O   . ARG A 1 66  ? -3.996  -5.282  10.120  1.00 14.07 ? 184 ARG A O   1 
ATOM   508 C CB  . ARG A 1 66  ? -0.991  -5.624  11.528  1.00 17.98 ? 184 ARG A CB  1 
ATOM   509 C CG  . ARG A 1 66  ? -0.087  -6.646  12.019  1.00 26.96 ? 184 ARG A CG  1 
ATOM   510 C CD  . ARG A 1 66  ? 1.295   -6.232  11.721  1.00 29.78 ? 184 ARG A CD  1 
ATOM   511 N NE  . ARG A 1 66  ? 1.646   -5.068  12.529  1.00 30.76 ? 184 ARG A NE  1 
ATOM   512 C CZ  . ARG A 1 66  ? 1.582   -3.810  12.101  1.00 34.55 ? 184 ARG A CZ  1 
ATOM   513 N NH1 . ARG A 1 66  ? 1.171   -3.557  10.866  1.00 34.48 ? 184 ARG A NH1 1 
ATOM   514 N NH2 . ARG A 1 66  ? 1.977   -2.804  12.885  1.00 37.27 ? 184 ARG A NH2 1 
ATOM   515 N N   . ASN A 1 67  ? -3.539  -7.318  10.894  1.00 15.03 ? 185 ASN A N   1 
ATOM   516 C CA  . ASN A 1 67  ? -4.917  -7.640  11.121  1.00 16.52 ? 185 ASN A CA  1 
ATOM   517 C C   . ASN A 1 67  ? -5.223  -7.441  12.606  1.00 15.98 ? 185 ASN A C   1 
ATOM   518 O O   . ASN A 1 67  ? -4.387  -7.757  13.456  1.00 18.41 ? 185 ASN A O   1 
ATOM   519 C CB  . ASN A 1 67  ? -5.194  -9.104  10.745  1.00 17.45 ? 185 ASN A CB  1 
ATOM   520 C CG  . ASN A 1 67  ? -5.119  -9.356  9.248   1.00 14.43 ? 185 ASN A CG  1 
ATOM   521 O OD1 . ASN A 1 67  ? -5.432  -8.473  8.449   1.00 16.33 ? 185 ASN A OD1 1 
ATOM   522 N ND2 . ASN A 1 67  ? -4.700  -10.552 8.864   1.00 14.15 ? 185 ASN A ND2 1 
ATOM   523 N N   . LEU A 1 68  ? -6.378  -6.865  12.918  1.00 19.08 ? 186 LEU A N   1 
ATOM   524 C CA  . LEU A 1 68  ? -6.800  -6.731  14.315  1.00 22.09 ? 186 LEU A CA  1 
ATOM   525 C C   . LEU A 1 68  ? -7.548  -8.033  14.575  1.00 25.66 ? 186 LEU A C   1 
ATOM   526 O O   . LEU A 1 68  ? -8.315  -8.486  13.709  1.00 25.54 ? 186 LEU A O   1 
ATOM   527 C CB  . LEU A 1 68  ? -7.807  -5.604  14.505  1.00 22.00 ? 186 LEU A CB  1 
ATOM   528 C CG  . LEU A 1 68  ? -7.412  -4.124  14.611  1.00 20.99 ? 186 LEU A CG  1 
ATOM   529 C CD1 . LEU A 1 68  ? -8.688  -3.321  14.841  1.00 19.39 ? 186 LEU A CD1 1 
ATOM   530 C CD2 . LEU A 1 68  ? -6.423  -3.903  15.753  1.00 19.44 ? 186 LEU A CD2 1 
ATOM   531 N N   . ASP A 1 69  ? -7.301  -8.657  15.724  1.00 27.35 ? 187 ASP A N   1 
ATOM   532 C CA  . ASP A 1 69  ? -7.985  -9.901  16.097  1.00 26.47 ? 187 ASP A CA  1 
ATOM   533 C C   . ASP A 1 69  ? -9.495  -9.693  15.965  1.00 23.57 ? 187 ASP A C   1 
ATOM   534 O O   . ASP A 1 69  ? -10.033 -8.706  16.475  1.00 21.89 ? 187 ASP A O   1 
ATOM   535 C CB  . ASP A 1 69  ? -7.632  -10.294 17.532  1.00 29.49 ? 187 ASP A CB  1 
ATOM   536 C CG  . ASP A 1 69  ? -6.510  -11.306 17.595  1.00 33.30 ? 187 ASP A CG  1 
ATOM   537 O OD1 . ASP A 1 69  ? -6.099  -11.813 16.526  1.00 34.59 ? 187 ASP A OD1 1 
ATOM   538 O OD2 . ASP A 1 69  ? -6.040  -11.613 18.715  1.00 36.87 ? 187 ASP A OD2 1 
ATOM   539 N N   . ASN A 1 70  ? -10.159 -10.601 15.252  1.00 20.86 ? 188 ASN A N   1 
ATOM   540 C CA  . ASN A 1 70  ? -11.595 -10.487 15.007  1.00 22.20 ? 188 ASN A CA  1 
ATOM   541 C C   . ASN A 1 70  ? -12.038 -9.265  14.175  1.00 24.03 ? 188 ASN A C   1 
ATOM   542 O O   . ASN A 1 70  ? -13.150 -8.766  14.351  1.00 22.16 ? 188 ASN A O   1 
ATOM   543 C CB  . ASN A 1 70  ? -12.391 -10.558 16.309  1.00 22.87 ? 188 ASN A CB  1 
ATOM   544 C CG  . ASN A 1 70  ? -12.291 -11.915 16.972  1.00 23.80 ? 188 ASN A CG  1 
ATOM   545 O OD1 . ASN A 1 70  ? -11.616 -12.065 17.995  1.00 24.04 ? 188 ASN A OD1 1 
ATOM   546 N ND2 . ASN A 1 70  ? -12.936 -12.914 16.387  1.00 20.15 ? 188 ASN A ND2 1 
ATOM   547 N N   . GLY A 1 71  ? -11.166 -8.789  13.278  1.00 24.51 ? 189 GLY A N   1 
ATOM   548 C CA  . GLY A 1 71  ? -11.525 -7.688  12.395  1.00 22.24 ? 189 GLY A CA  1 
ATOM   549 C C   . GLY A 1 71  ? -10.869 -6.331  12.540  1.00 23.54 ? 189 GLY A C   1 
ATOM   550 O O   . GLY A 1 71  ? -11.035 -5.645  13.538  1.00 26.51 ? 189 GLY A O   1 
ATOM   551 N N   . GLY A 1 72  ? -10.230 -5.877  11.475  1.00 21.58 ? 190 GLY A N   1 
ATOM   552 C CA  . GLY A 1 72  ? -9.581  -4.585  11.522  1.00 19.11 ? 190 GLY A CA  1 
ATOM   553 C C   . GLY A 1 72  ? -8.216  -4.621  10.903  1.00 16.16 ? 190 GLY A C   1 
ATOM   554 O O   . GLY A 1 72  ? -7.603  -5.682  10.819  1.00 16.98 ? 190 GLY A O   1 
ATOM   555 N N   . PHE A 1 73  ? -7.717  -3.439  10.548  1.00 16.55 ? 191 PHE A N   1 
ATOM   556 C CA  . PHE A 1 73  ? -6.426  -3.270  9.904   1.00 13.85 ? 191 PHE A CA  1 
ATOM   557 C C   . PHE A 1 73  ? -5.700  -2.018  10.393  1.00 12.69 ? 191 PHE A C   1 
ATOM   558 O O   . PHE A 1 73  ? -6.327  -1.014  10.701  1.00 12.35 ? 191 PHE A O   1 
ATOM   559 C CB  . PHE A 1 73  ? -6.634  -3.114  8.397   1.00 14.84 ? 191 PHE A CB  1 
ATOM   560 C CG  . PHE A 1 73  ? -7.427  -4.227  7.771   1.00 11.68 ? 191 PHE A CG  1 
ATOM   561 C CD1 . PHE A 1 73  ? -6.831  -5.463  7.508   1.00 12.67 ? 191 PHE A CD1 1 
ATOM   562 C CD2 . PHE A 1 73  ? -8.770  -4.042  7.453   1.00 10.26 ? 191 PHE A CD2 1 
ATOM   563 C CE1 . PHE A 1 73  ? -7.562  -6.498  6.937   1.00 12.00 ? 191 PHE A CE1 1 
ATOM   564 C CE2 . PHE A 1 73  ? -9.517  -5.069  6.878   1.00 9.97  ? 191 PHE A CE2 1 
ATOM   565 C CZ  . PHE A 1 73  ? -8.911  -6.300  6.620   1.00 8.10  ? 191 PHE A CZ  1 
ATOM   566 N N   . TYR A 1 74  ? -4.377  -2.102  10.478  1.00 12.88 ? 192 TYR A N   1 
ATOM   567 C CA  . TYR A 1 74  ? -3.529  -0.981  10.887  1.00 14.22 ? 192 TYR A CA  1 
ATOM   568 C C   . TYR A 1 74  ? -2.085  -1.170  10.408  1.00 9.42  ? 192 TYR A C   1 
ATOM   569 O O   . TYR A 1 74  ? -1.630  -2.271  10.121  1.00 10.78 ? 192 TYR A O   1 
ATOM   570 C CB  . TYR A 1 74  ? -3.568  -0.758  12.428  1.00 14.31 ? 192 TYR A CB  1 
ATOM   571 C CG  . TYR A 1 74  ? -2.893  -1.787  13.244  1.00 13.85 ? 192 TYR A CG  1 
ATOM   572 C CD1 . TYR A 1 74  ? -1.513  -1.766  13.452  1.00 14.54 ? 192 TYR A CD1 1 
ATOM   573 C CD2 . TYR A 1 74  ? -3.622  -2.894  13.717  1.00 16.04 ? 192 TYR A CD2 1 
ATOM   574 C CE1 . TYR A 1 74  ? -0.868  -2.814  14.088  1.00 17.84 ? 192 TYR A CE1 1 
ATOM   575 C CE2 . TYR A 1 74  ? -2.946  -3.972  14.357  1.00 15.73 ? 192 TYR A CE2 1 
ATOM   576 C CZ  . TYR A 1 74  ? -1.591  -3.908  14.527  1.00 15.87 ? 192 TYR A CZ  1 
ATOM   577 O OH  . TYR A 1 74  ? -0.949  -4.961  15.151  1.00 16.36 ? 192 TYR A OH  1 
ATOM   578 N N   . ILE A 1 75  ? -1.407  -0.063  10.170  1.00 12.02 ? 193 ILE A N   1 
ATOM   579 C CA  . ILE A 1 75  ? -0.004  -0.130  9.780   1.00 13.86 ? 193 ILE A CA  1 
ATOM   580 C C   . ILE A 1 75  ? 0.799   0.215   11.041  1.00 11.94 ? 193 ILE A C   1 
ATOM   581 O O   . ILE A 1 75  ? 1.839   -0.359  11.308  1.00 11.83 ? 193 ILE A O   1 
ATOM   582 C CB  . ILE A 1 75  ? 0.311   0.788   8.554   1.00 12.74 ? 193 ILE A CB  1 
ATOM   583 C CG1 . ILE A 1 75  ? -0.394  0.195   7.320   1.00 10.79 ? 193 ILE A CG1 1 
ATOM   584 C CG2 . ILE A 1 75  ? 1.839   0.876   8.318   1.00 11.94 ? 193 ILE A CG2 1 
ATOM   585 C CD1 . ILE A 1 75  ? -0.424  1.061   6.120   1.00 14.20 ? 193 ILE A CD1 1 
ATOM   586 N N   . SER A 1 76  ? 0.256   1.123   11.833  1.00 14.69 ? 194 SER A N   1 
ATOM   587 C CA  . SER A 1 76  ? 0.861   1.526   13.085  1.00 17.12 ? 194 SER A CA  1 
ATOM   588 C C   . SER A 1 76  ? -0.213  1.393   14.160  1.00 16.24 ? 194 SER A C   1 
ATOM   589 O O   . SER A 1 76  ? -1.340  1.857   13.984  1.00 13.78 ? 194 SER A O   1 
ATOM   590 C CB  . SER A 1 76  ? 1.332   2.992   13.006  1.00 20.98 ? 194 SER A CB  1 
ATOM   591 O OG  . SER A 1 76  ? 1.718   3.487   14.280  1.00 22.41 ? 194 SER A OG  1 
ATOM   592 N N   . PRO A 1 77  ? 0.137   0.780   15.297  1.00 17.88 ? 195 PRO A N   1 
ATOM   593 C CA  . PRO A 1 77  ? -0.754  0.568   16.435  1.00 21.92 ? 195 PRO A CA  1 
ATOM   594 C C   . PRO A 1 77  ? -1.535  1.799   16.945  1.00 23.86 ? 195 PRO A C   1 
ATOM   595 O O   . PRO A 1 77  ? -2.579  1.629   17.575  1.00 29.45 ? 195 PRO A O   1 
ATOM   596 C CB  . PRO A 1 77  ? 0.197   0.015   17.497  1.00 20.44 ? 195 PRO A CB  1 
ATOM   597 C CG  . PRO A 1 77  ? 1.119   -0.793  16.710  1.00 19.09 ? 195 PRO A CG  1 
ATOM   598 C CD  . PRO A 1 77  ? 1.436   0.129   15.553  1.00 18.62 ? 195 PRO A CD  1 
ATOM   599 N N   . ARG A 1 78  ? -1.093  3.022   16.650  1.00 24.33 ? 196 ARG A N   1 
ATOM   600 C CA  . ARG A 1 78  ? -1.825  4.187   17.147  1.00 26.53 ? 196 ARG A CA  1 
ATOM   601 C C   . ARG A 1 78  ? -3.055  4.641   16.373  1.00 24.79 ? 196 ARG A C   1 
ATOM   602 O O   . ARG A 1 78  ? -3.630  5.695   16.660  1.00 26.73 ? 196 ARG A O   1 
ATOM   603 C CB  . ARG A 1 78  ? -0.895  5.375   17.429  1.00 29.91 ? 196 ARG A CB  1 
ATOM   604 C CG  . ARG A 1 78  ? -0.021  5.821   16.297  1.00 34.12 ? 196 ARG A CG  1 
ATOM   605 C CD  . ARG A 1 78  ? 0.576   7.166   16.675  1.00 36.44 ? 196 ARG A CD  1 
ATOM   606 N NE  . ARG A 1 78  ? 1.924   7.366   16.150  1.00 35.82 ? 196 ARG A NE  1 
ATOM   607 C CZ  . ARG A 1 78  ? 2.193   7.999   15.018  1.00 38.04 ? 196 ARG A CZ  1 
ATOM   608 N NH1 . ARG A 1 78  ? 1.203   8.492   14.271  1.00 37.03 ? 196 ARG A NH1 1 
ATOM   609 N NH2 . ARG A 1 78  ? 3.459   8.194   14.665  1.00 38.83 ? 196 ARG A NH2 1 
ATOM   610 N N   . ILE A 1 79  ? -3.452  3.864   15.378  1.00 23.49 ? 197 ILE A N   1 
ATOM   611 C CA  . ILE A 1 79  ? -4.633  4.172   14.598  1.00 19.58 ? 197 ILE A CA  1 
ATOM   612 C C   . ILE A 1 79  ? -4.983  2.939   13.780  1.00 20.24 ? 197 ILE A C   1 
ATOM   613 O O   . ILE A 1 79  ? -4.219  2.495   12.910  1.00 19.34 ? 197 ILE A O   1 
ATOM   614 C CB  . ILE A 1 79  ? -4.463  5.423   13.686  1.00 19.08 ? 197 ILE A CB  1 
ATOM   615 C CG1 . ILE A 1 79  ? -5.820  5.821   13.090  1.00 17.84 ? 197 ILE A CG1 1 
ATOM   616 C CG2 . ILE A 1 79  ? -3.442  5.187   12.609  1.00 16.50 ? 197 ILE A CG2 1 
ATOM   617 C CD1 . ILE A 1 79  ? -5.787  7.068   12.264  1.00 20.01 ? 197 ILE A CD1 1 
ATOM   618 N N   . THR A 1 80  ? -6.121  2.356   14.130  1.00 19.01 ? 198 THR A N   1 
ATOM   619 C CA  . THR A 1 80  ? -6.645  1.168   13.483  1.00 16.86 ? 198 THR A CA  1 
ATOM   620 C C   . THR A 1 80  ? -7.850  1.573   12.628  1.00 14.29 ? 198 THR A C   1 
ATOM   621 O O   . THR A 1 80  ? -8.351  2.691   12.750  1.00 13.11 ? 198 THR A O   1 
ATOM   622 C CB  . THR A 1 80  ? -7.029  0.122   14.535  1.00 19.06 ? 198 THR A CB  1 
ATOM   623 O OG1 . THR A 1 80  ? -8.110  0.622   15.331  1.00 20.11 ? 198 THR A OG1 1 
ATOM   624 C CG2 . THR A 1 80  ? -5.833  -0.143  15.446  1.00 18.61 ? 198 THR A CG2 1 
ATOM   625 N N   . PHE A 1 81  ? -8.316  0.662   11.779  1.00 11.60 ? 199 PHE A N   1 
ATOM   626 C CA  . PHE A 1 81  ? -9.403  0.928   10.851  1.00 10.33 ? 199 PHE A CA  1 
ATOM   627 C C   . PHE A 1 81  ? -10.286 -0.305  10.778  1.00 13.16 ? 199 PHE A C   1 
ATOM   628 O O   . PHE A 1 81  ? -9.783  -1.431  10.848  1.00 14.78 ? 199 PHE A O   1 
ATOM   629 C CB  . PHE A 1 81  ? -8.807  1.212   9.452   1.00 12.94 ? 199 PHE A CB  1 
ATOM   630 C CG  . PHE A 1 81  ? -7.851  2.384   9.424   1.00 11.49 ? 199 PHE A CG  1 
ATOM   631 C CD1 . PHE A 1 81  ? -8.337  3.690   9.379   1.00 10.73 ? 199 PHE A CD1 1 
ATOM   632 C CD2 . PHE A 1 81  ? -6.477  2.186   9.504   1.00 10.36 ? 199 PHE A CD2 1 
ATOM   633 C CE1 . PHE A 1 81  ? -7.483  4.769   9.413   1.00 9.83  ? 199 PHE A CE1 1 
ATOM   634 C CE2 . PHE A 1 81  ? -5.613  3.273   9.536   1.00 11.77 ? 199 PHE A CE2 1 
ATOM   635 C CZ  . PHE A 1 81  ? -6.126  4.563   9.494   1.00 9.52  ? 199 PHE A CZ  1 
ATOM   636 N N   . PRO A 1 82  ? -11.607 -0.127  10.626  1.00 13.50 ? 200 PRO A N   1 
ATOM   637 C CA  . PRO A 1 82  ? -12.461 -1.325  10.557  1.00 15.87 ? 200 PRO A CA  1 
ATOM   638 C C   . PRO A 1 82  ? -12.316 -2.084  9.235   1.00 15.75 ? 200 PRO A C   1 
ATOM   639 O O   . PRO A 1 82  ? -12.675 -3.266  9.139   1.00 17.23 ? 200 PRO A O   1 
ATOM   640 C CB  . PRO A 1 82  ? -13.877 -0.763  10.761  1.00 13.91 ? 200 PRO A CB  1 
ATOM   641 C CG  . PRO A 1 82  ? -13.786 0.613   10.159  1.00 12.88 ? 200 PRO A CG  1 
ATOM   642 C CD  . PRO A 1 82  ? -12.412 1.109   10.615  1.00 12.02 ? 200 PRO A CD  1 
ATOM   643 N N   . GLY A 1 83  ? -11.736 -1.425  8.238   1.00 14.87 ? 201 GLY A N   1 
ATOM   644 C CA  . GLY A 1 83  ? -11.551 -2.068  6.946   1.00 15.82 ? 201 GLY A CA  1 
ATOM   645 C C   . GLY A 1 83  ? -10.527 -1.366  6.071   1.00 20.16 ? 201 GLY A C   1 
ATOM   646 O O   . GLY A 1 83  ? -10.107 -0.244  6.388   1.00 17.52 ? 201 GLY A O   1 
ATOM   647 N N   . LEU A 1 84  ? -10.164 -2.002  4.951   1.00 18.60 ? 202 LEU A N   1 
ATOM   648 C CA  . LEU A 1 84  ? -9.188  -1.449  4.006   1.00 18.57 ? 202 LEU A CA  1 
ATOM   649 C C   . LEU A 1 84  ? -9.626  -0.112  3.401   1.00 16.31 ? 202 LEU A C   1 
ATOM   650 O O   . LEU A 1 84  ? -8.816  0.802   3.279   1.00 14.93 ? 202 LEU A O   1 
ATOM   651 C CB  . LEU A 1 84  ? -8.857  -2.461  2.904   1.00 19.35 ? 202 LEU A CB  1 
ATOM   652 C CG  . LEU A 1 84  ? -8.067  -3.718  3.312   1.00 23.14 ? 202 LEU A CG  1 
ATOM   653 C CD1 . LEU A 1 84  ? -7.643  -4.460  2.060   1.00 20.04 ? 202 LEU A CD1 1 
ATOM   654 C CD2 . LEU A 1 84  ? -6.830  -3.345  4.178   1.00 22.13 ? 202 LEU A CD2 1 
ATOM   655 N N   . HIS A 1 85  ? -10.917 0.015   3.086   1.00 15.08 ? 203 HIS A N   1 
ATOM   656 C CA  . HIS A 1 85  ? -11.473 1.254   2.530   1.00 14.85 ? 203 HIS A CA  1 
ATOM   657 C C   . HIS A 1 85  ? -11.190 2.430   3.450   1.00 12.80 ? 203 HIS A C   1 
ATOM   658 O O   . HIS A 1 85  ? -10.823 3.515   2.998   1.00 14.60 ? 203 HIS A O   1 
ATOM   659 C CB  . HIS A 1 85  ? -12.979 1.135   2.345   1.00 14.45 ? 203 HIS A CB  1 
ATOM   660 C CG  . HIS A 1 85  ? -13.616 2.336   1.734   1.00 16.04 ? 203 HIS A CG  1 
ATOM   661 N ND1 . HIS A 1 85  ? -14.608 3.060   2.371   1.00 20.17 ? 203 HIS A ND1 1 
ATOM   662 C CD2 . HIS A 1 85  ? -13.450 2.924   0.519   1.00 14.34 ? 203 HIS A CD2 1 
ATOM   663 C CE1 . HIS A 1 85  ? -15.021 4.027   1.578   1.00 19.02 ? 203 HIS A CE1 1 
ATOM   664 N NE2 . HIS A 1 85  ? -14.341 3.971   0.455   1.00 19.49 ? 203 HIS A NE2 1 
ATOM   665 N N   . GLU A 1 86  ? -11.348 2.201   4.745   1.00 13.38 ? 204 GLU A N   1 
ATOM   666 C CA  . GLU A 1 86  ? -11.097 3.228   5.752   1.00 16.32 ? 204 GLU A CA  1 
ATOM   667 C C   . GLU A 1 86  ? -9.604  3.537   5.786   1.00 14.94 ? 204 GLU A C   1 
ATOM   668 O O   . GLU A 1 86  ? -9.198  4.709   5.767   1.00 11.45 ? 204 GLU A O   1 
ATOM   669 C CB  . GLU A 1 86  ? -11.567 2.770   7.143   1.00 16.28 ? 204 GLU A CB  1 
ATOM   670 C CG  . GLU A 1 86  ? -13.083 2.709   7.315   1.00 18.14 ? 204 GLU A CG  1 
ATOM   671 C CD  . GLU A 1 86  ? -13.750 1.580   6.559   1.00 16.04 ? 204 GLU A CD  1 
ATOM   672 O OE1 . GLU A 1 86  ? -13.085 0.618   6.123   1.00 16.64 ? 204 GLU A OE1 1 
ATOM   673 O OE2 . GLU A 1 86  ? -14.976 1.663   6.398   1.00 23.38 ? 204 GLU A OE2 1 
ATOM   674 N N   . LEU A 1 87  ? -8.793  2.488   5.798   1.00 15.91 ? 205 LEU A N   1 
ATOM   675 C CA  . LEU A 1 87  ? -7.341  2.645   5.815   1.00 14.43 ? 205 LEU A CA  1 
ATOM   676 C C   . LEU A 1 87  ? -6.835  3.403   4.595   1.00 14.97 ? 205 LEU A C   1 
ATOM   677 O O   . LEU A 1 87  ? -6.020  4.310   4.732   1.00 15.52 ? 205 LEU A O   1 
ATOM   678 C CB  . LEU A 1 87  ? -6.652  1.284   5.907   1.00 14.22 ? 205 LEU A CB  1 
ATOM   679 C CG  . LEU A 1 87  ? -5.139  1.255   6.175   1.00 10.91 ? 205 LEU A CG  1 
ATOM   680 C CD1 . LEU A 1 87  ? -4.777  -0.047  6.864   1.00 8.24  ? 205 LEU A CD1 1 
ATOM   681 C CD2 . LEU A 1 87  ? -4.334  1.435   4.860   1.00 14.15 ? 205 LEU A CD2 1 
ATOM   682 N N   . VAL A 1 88  ? -7.328  3.055   3.409   1.00 15.81 ? 206 VAL A N   1 
ATOM   683 C CA  . VAL A 1 88  ? -6.881  3.718   2.180   1.00 16.11 ? 206 VAL A CA  1 
ATOM   684 C C   . VAL A 1 88  ? -7.352  5.177   2.103   1.00 18.26 ? 206 VAL A C   1 
ATOM   685 O O   . VAL A 1 88  ? -6.588  6.060   1.698   1.00 18.54 ? 206 VAL A O   1 
ATOM   686 C CB  . VAL A 1 88  ? -7.253  2.892   0.894   1.00 16.41 ? 206 VAL A CB  1 
ATOM   687 C CG1 . VAL A 1 88  ? -6.861  3.669   -0.385  1.00 16.68 ? 206 VAL A CG1 1 
ATOM   688 C CG2 . VAL A 1 88  ? -6.514  1.550   0.904   1.00 10.00 ? 206 VAL A CG2 1 
ATOM   689 N N   . ARG A 1 89  ? -8.578  5.439   2.545   1.00 15.61 ? 207 ARG A N   1 
ATOM   690 C CA  . ARG A 1 89  ? -9.108  6.788   2.535   1.00 17.73 ? 207 ARG A CA  1 
ATOM   691 C C   . ARG A 1 89  ? -8.282  7.638   3.481   1.00 15.19 ? 207 ARG A C   1 
ATOM   692 O O   . ARG A 1 89  ? -7.882  8.747   3.131   1.00 18.05 ? 207 ARG A O   1 
ATOM   693 C CB  . ARG A 1 89  ? -10.575 6.785   2.962   1.00 23.89 ? 207 ARG A CB  1 
ATOM   694 C CG  . ARG A 1 89  ? -11.063 8.099   3.529   1.00 28.66 ? 207 ARG A CG  1 
ATOM   695 C CD  . ARG A 1 89  ? -12.505 7.994   4.017   1.00 29.66 ? 207 ARG A CD  1 
ATOM   696 N NE  . ARG A 1 89  ? -12.800 8.872   5.160   1.00 36.58 ? 207 ARG A NE  1 
ATOM   697 C CZ  . ARG A 1 89  ? -12.790 10.210  5.142   1.00 37.30 ? 207 ARG A CZ  1 
ATOM   698 N NH1 . ARG A 1 89  ? -12.454 10.885  4.040   1.00 37.39 ? 207 ARG A NH1 1 
ATOM   699 N NH2 . ARG A 1 89  ? -13.092 10.877  6.245   1.00 36.09 ? 207 ARG A NH2 1 
ATOM   700 N N   . HIS A 1 90  ? -7.987  7.098   4.657   1.00 15.07 ? 208 HIS A N   1 
ATOM   701 C CA  . HIS A 1 90  ? -7.177  7.812   5.662   1.00 15.14 ? 208 HIS A CA  1 
ATOM   702 C C   . HIS A 1 90  ? -5.807  8.244   5.119   1.00 15.67 ? 208 HIS A C   1 
ATOM   703 O O   . HIS A 1 90  ? -5.458  9.431   5.148   1.00 16.61 ? 208 HIS A O   1 
ATOM   704 C CB  . HIS A 1 90  ? -6.972  6.964   6.925   1.00 13.09 ? 208 HIS A CB  1 
ATOM   705 C CG  . HIS A 1 90  ? -6.106  7.631   7.964   1.00 17.44 ? 208 HIS A CG  1 
ATOM   706 N ND1 . HIS A 1 90  ? -6.590  8.522   8.890   1.00 18.80 ? 208 HIS A ND1 1 
ATOM   707 C CD2 . HIS A 1 90  ? -4.766  7.555   8.181   1.00 16.33 ? 208 HIS A CD2 1 
ATOM   708 C CE1 . HIS A 1 90  ? -5.601  8.977   9.626   1.00 17.40 ? 208 HIS A CE1 1 
ATOM   709 N NE2 . HIS A 1 90  ? -4.478  8.407   9.218   1.00 15.17 ? 208 HIS A NE2 1 
ATOM   710 N N   . TYR A 1 91  ? -5.034  7.284   4.626   1.00 12.25 ? 209 TYR A N   1 
ATOM   711 C CA  . TYR A 1 91  ? -3.721  7.600   4.100   1.00 15.08 ? 209 TYR A CA  1 
ATOM   712 C C   . TYR A 1 91  ? -3.685  8.352   2.780   1.00 15.57 ? 209 TYR A C   1 
ATOM   713 O O   . TYR A 1 91  ? -2.647  8.863   2.367   1.00 16.34 ? 209 TYR A O   1 
ATOM   714 C CB  . TYR A 1 91  ? -2.863  6.364   4.104   1.00 12.25 ? 209 TYR A CB  1 
ATOM   715 C CG  . TYR A 1 91  ? -2.521  5.981   5.518   1.00 13.56 ? 209 TYR A CG  1 
ATOM   716 C CD1 . TYR A 1 91  ? -1.572  6.704   6.252   1.00 13.28 ? 209 TYR A CD1 1 
ATOM   717 C CD2 . TYR A 1 91  ? -3.120  4.889   6.118   1.00 12.56 ? 209 TYR A CD2 1 
ATOM   718 C CE1 . TYR A 1 91  ? -1.224  6.328   7.552   1.00 10.90 ? 209 TYR A CE1 1 
ATOM   719 C CE2 . TYR A 1 91  ? -2.788  4.509   7.411   1.00 14.14 ? 209 TYR A CE2 1 
ATOM   720 C CZ  . TYR A 1 91  ? -1.839  5.230   8.125   1.00 15.31 ? 209 TYR A CZ  1 
ATOM   721 O OH  . TYR A 1 91  ? -1.524  4.830   9.404   1.00 14.60 ? 209 TYR A OH  1 
ATOM   722 N N   . THR A 1 92  ? -4.823  8.410   2.105   1.00 14.10 ? 210 THR A N   1 
ATOM   723 C CA  . THR A 1 92  ? -4.934  9.154   0.872   1.00 13.85 ? 210 THR A CA  1 
ATOM   724 C C   . THR A 1 92  ? -4.968  10.660  1.208   1.00 16.94 ? 210 THR A C   1 
ATOM   725 O O   . THR A 1 92  ? -4.269  11.478  0.599   1.00 20.70 ? 210 THR A O   1 
ATOM   726 C CB  . THR A 1 92  ? -6.219  8.730   0.133   1.00 12.46 ? 210 THR A CB  1 
ATOM   727 O OG1 . THR A 1 92  ? -5.986  7.500   -0.548  1.00 12.69 ? 210 THR A OG1 1 
ATOM   728 C CG2 . THR A 1 92  ? -6.636  9.757   -0.835  1.00 14.64 ? 210 THR A CG2 1 
ATOM   729 N N   . ASN A 1 93  ? -5.706  11.014  2.249   1.00 18.37 ? 211 ASN A N   1 
ATOM   730 C CA  . ASN A 1 93  ? -5.825  12.410  2.605   1.00 18.29 ? 211 ASN A CA  1 
ATOM   731 C C   . ASN A 1 93  ? -4.757  12.928  3.551   1.00 16.92 ? 211 ASN A C   1 
ATOM   732 O O   . ASN A 1 93  ? -4.629  14.134  3.736   1.00 17.06 ? 211 ASN A O   1 
ATOM   733 C CB  . ASN A 1 93  ? -7.234  12.697  3.120   1.00 20.98 ? 211 ASN A CB  1 
ATOM   734 C CG  . ASN A 1 93  ? -8.288  12.566  2.024   1.00 21.73 ? 211 ASN A CG  1 
ATOM   735 O OD1 . ASN A 1 93  ? -8.835  13.550  1.548   1.00 22.13 ? 211 ASN A OD1 1 
ATOM   736 N ND2 . ASN A 1 93  ? -8.584  11.337  1.635   1.00 24.93 ? 211 ASN A ND2 1 
ATOM   737 N N   . ALA A 1 94  ? -3.966  12.026  4.118   1.00 17.55 ? 212 ALA A N   1 
ATOM   738 C CA  . ALA A 1 94  ? -2.906  12.410  5.039   1.00 16.85 ? 212 ALA A CA  1 
ATOM   739 C C   . ALA A 1 94  ? -1.878  11.303  5.082   1.00 11.76 ? 212 ALA A C   1 
ATOM   740 O O   . ALA A 1 94  ? -2.247  10.146  5.166   1.00 14.02 ? 212 ALA A O   1 
ATOM   741 C CB  . ALA A 1 94  ? -3.490  12.649  6.451   1.00 16.80 ? 212 ALA A CB  1 
ATOM   742 N N   . SER A 1 95  ? -0.590  11.634  5.012   1.00 10.05 ? 213 SER A N   1 
ATOM   743 C CA  . SER A 1 95  ? 0.418   10.583  5.083   1.00 12.30 ? 213 SER A CA  1 
ATOM   744 C C   . SER A 1 95  ? 0.469   10.045  6.504   1.00 10.77 ? 213 SER A C   1 
ATOM   745 O O   . SER A 1 95  ? 0.628   8.853   6.700   1.00 9.51  ? 213 SER A O   1 
ATOM   746 C CB  . SER A 1 95  ? 1.803   11.012  4.548   1.00 14.49 ? 213 SER A CB  1 
ATOM   747 O OG  . SER A 1 95  ? 2.419   12.016  5.331   1.00 18.52 ? 213 SER A OG  1 
ATOM   748 N N   . ASP A 1 96  ? 0.339   10.928  7.492   1.00 13.22 ? 214 ASP A N   1 
ATOM   749 C CA  . ASP A 1 96  ? 0.284   10.520  8.897   1.00 12.73 ? 214 ASP A CA  1 
ATOM   750 C C   . ASP A 1 96  ? 1.290   9.416   9.259   1.00 14.06 ? 214 ASP A C   1 
ATOM   751 O O   . ASP A 1 96  ? 0.925   8.364   9.788   1.00 12.78 ? 214 ASP A O   1 
ATOM   752 C CB  . ASP A 1 96  ? -1.161  10.071  9.209   1.00 13.08 ? 214 ASP A CB  1 
ATOM   753 C CG  . ASP A 1 96  ? -1.386  9.734   10.676  1.00 14.81 ? 214 ASP A CG  1 
ATOM   754 O OD1 . ASP A 1 96  ? -0.689  10.256  11.562  1.00 14.78 ? 214 ASP A OD1 1 
ATOM   755 O OD2 . ASP A 1 96  ? -2.279  8.930   10.959  1.00 15.54 ? 214 ASP A OD2 1 
ATOM   756 N N   . GLY A 1 97  ? 2.561   9.652   8.946   1.00 14.19 ? 215 GLY A N   1 
ATOM   757 C CA  . GLY A 1 97  ? 3.587   8.666   9.236   1.00 12.62 ? 215 GLY A CA  1 
ATOM   758 C C   . GLY A 1 97  ? 4.143   7.952   8.009   1.00 10.08 ? 215 GLY A C   1 
ATOM   759 O O   . GLY A 1 97  ? 5.269   7.473   8.041   1.00 5.69  ? 215 GLY A O   1 
ATOM   760 N N   . LEU A 1 98  ? 3.348   7.837   6.944   1.00 12.37 ? 216 LEU A N   1 
ATOM   761 C CA  . LEU A 1 98  ? 3.798   7.177   5.710   1.00 14.68 ? 216 LEU A CA  1 
ATOM   762 C C   . LEU A 1 98  ? 4.814   8.003   4.935   1.00 12.63 ? 216 LEU A C   1 
ATOM   763 O O   . LEU A 1 98  ? 4.873   9.224   5.084   1.00 11.58 ? 216 LEU A O   1 
ATOM   764 C CB  . LEU A 1 98  ? 2.622   6.940   4.757   1.00 14.28 ? 216 LEU A CB  1 
ATOM   765 C CG  . LEU A 1 98  ? 1.615   5.808   4.924   1.00 16.96 ? 216 LEU A CG  1 
ATOM   766 C CD1 . LEU A 1 98  ? 0.793   5.761   3.622   1.00 14.26 ? 216 LEU A CD1 1 
ATOM   767 C CD2 . LEU A 1 98  ? 2.300   4.478   5.184   1.00 12.05 ? 216 LEU A CD2 1 
ATOM   768 N N   . CYS A 1 99  ? 5.494   7.336   3.999   1.00 14.88 ? 217 CYS A N   1 
ATOM   769 C CA  . CYS A 1 99  ? 6.506   7.961   3.132   1.00 14.52 ? 217 CYS A CA  1 
ATOM   770 C C   . CYS A 1 99  ? 5.917   9.059   2.234   1.00 14.18 ? 217 CYS A C   1 
ATOM   771 O O   . CYS A 1 99  ? 6.569   10.040  1.957   1.00 17.01 ? 217 CYS A O   1 
ATOM   772 C CB  . CYS A 1 99  ? 7.207   6.892   2.279   1.00 16.31 ? 217 CYS A CB  1 
ATOM   773 S SG  . CYS A 1 99  ? 6.088   5.918   1.253   1.00 16.17 ? 217 CYS A SG  1 
ATOM   774 N N   . THR A 1 100 ? 4.665   8.901   1.809   1.00 15.50 ? 218 THR A N   1 
ATOM   775 C CA  . THR A 1 100 ? 3.980   9.879   0.964   1.00 14.79 ? 218 THR A CA  1 
ATOM   776 C C   . THR A 1 100 ? 2.461   9.670   1.119   1.00 16.86 ? 218 THR A C   1 
ATOM   777 O O   . THR A 1 100 ? 2.020   8.724   1.787   1.00 16.22 ? 218 THR A O   1 
ATOM   778 C CB  . THR A 1 100 ? 4.390   9.711   -0.526  1.00 15.62 ? 218 THR A CB  1 
ATOM   779 O OG1 . THR A 1 100 ? 3.780   10.730  -1.322  1.00 16.84 ? 218 THR A OG1 1 
ATOM   780 C CG2 . THR A 1 100 ? 3.954   8.327   -1.058  1.00 15.40 ? 218 THR A CG2 1 
ATOM   781 N N   . ARG A 1 101 ? 1.662   10.598  0.614   1.00 16.02 ? 219 ARG A N   1 
ATOM   782 C CA  . ARG A 1 101 ? 0.226   10.408  0.704   1.00 16.76 ? 219 ARG A CA  1 
ATOM   783 C C   . ARG A 1 101 ? -0.135  9.421   -0.404  1.00 16.30 ? 219 ARG A C   1 
ATOM   784 O O   . ARG A 1 101 ? 0.532   9.393   -1.446  1.00 15.38 ? 219 ARG A O   1 
ATOM   785 C CB  . ARG A 1 101 ? -0.546  11.720  0.483   1.00 15.72 ? 219 ARG A CB  1 
ATOM   786 C CG  . ARG A 1 101 ? -0.452  12.725  1.607   1.00 16.02 ? 219 ARG A CG  1 
ATOM   787 C CD  . ARG A 1 101 ? -1.708  13.564  1.674   1.00 13.01 ? 219 ARG A CD  1 
ATOM   788 N NE  . ARG A 1 101 ? -1.928  14.365  0.480   1.00 14.77 ? 219 ARG A NE  1 
ATOM   789 C CZ  . ARG A 1 101 ? -3.010  15.101  0.243   1.00 14.42 ? 219 ARG A CZ  1 
ATOM   790 N NH1 . ARG A 1 101 ? -4.007  15.144  1.121   1.00 14.91 ? 219 ARG A NH1 1 
ATOM   791 N NH2 . ARG A 1 101 ? -3.090  15.818  -0.874  1.00 15.12 ? 219 ARG A NH2 1 
ATOM   792 N N   . LEU A 1 102 ? -1.148  8.588   -0.178  1.00 13.49 ? 220 LEU A N   1 
ATOM   793 C CA  . LEU A 1 102 ? -1.570  7.664   -1.217  1.00 15.02 ? 220 LEU A CA  1 
ATOM   794 C C   . LEU A 1 102 ? -2.277  8.537   -2.266  1.00 14.98 ? 220 LEU A C   1 
ATOM   795 O O   . LEU A 1 102 ? -3.083  9.402   -1.914  1.00 13.24 ? 220 LEU A O   1 
ATOM   796 C CB  . LEU A 1 102 ? -2.529  6.610   -0.651  1.00 17.94 ? 220 LEU A CB  1 
ATOM   797 C CG  . LEU A 1 102 ? -1.982  5.694   0.456   1.00 16.67 ? 220 LEU A CG  1 
ATOM   798 C CD1 . LEU A 1 102 ? -2.935  4.525   0.640   1.00 16.14 ? 220 LEU A CD1 1 
ATOM   799 C CD2 . LEU A 1 102 ? -0.607  5.187   0.085   1.00 13.82 ? 220 LEU A CD2 1 
ATOM   800 N N   . SER A 1 103 ? -1.912  8.369   -3.535  1.00 18.61 ? 221 SER A N   1 
ATOM   801 C CA  . SER A 1 103 ? -2.519  9.149   -4.603  1.00 22.07 ? 221 SER A CA  1 
ATOM   802 C C   . SER A 1 103 ? -3.448  8.317   -5.509  1.00 24.56 ? 221 SER A C   1 
ATOM   803 O O   . SER A 1 103 ? -4.643  8.140   -5.200  1.00 27.62 ? 221 SER A O   1 
ATOM   804 C CB  . SER A 1 103 ? -1.443  9.872   -5.412  1.00 19.50 ? 221 SER A CB  1 
ATOM   805 O OG  . SER A 1 103 ? -2.013  10.944  -6.140  1.00 23.95 ? 221 SER A OG  1 
ATOM   806 N N   . ARG A 1 104 ? -2.916  7.807   -6.616  1.00 24.36 ? 222 ARG A N   1 
ATOM   807 C CA  . ARG A 1 104 ? -3.707  7.005   -7.544  1.00 22.95 ? 222 ARG A CA  1 
ATOM   808 C C   . ARG A 1 104 ? -3.330  5.539   -7.453  1.00 21.43 ? 222 ARG A C   1 
ATOM   809 O O   . ARG A 1 104 ? -2.179  5.186   -7.201  1.00 17.36 ? 222 ARG A O   1 
ATOM   810 C CB  . ARG A 1 104 ? -3.456  7.442   -8.992  1.00 22.93 ? 222 ARG A CB  1 
ATOM   811 C CG  . ARG A 1 104 ? -3.650  8.916   -9.298  1.00 24.96 ? 222 ARG A CG  1 
ATOM   812 C CD  . ARG A 1 104 ? -2.886  9.267   -10.578 1.00 25.37 ? 222 ARG A CD  1 
ATOM   813 N NE  . ARG A 1 104 ? -3.387  8.540   -11.751 1.00 25.47 ? 222 ARG A NE  1 
ATOM   814 C CZ  . ARG A 1 104 ? -2.633  7.845   -12.602 1.00 25.39 ? 222 ARG A CZ  1 
ATOM   815 N NH1 . ARG A 1 104 ? -1.325  7.759   -12.434 1.00 26.09 ? 222 ARG A NH1 1 
ATOM   816 N NH2 . ARG A 1 104 ? -3.195  7.252   -13.645 1.00 28.03 ? 222 ARG A NH2 1 
ATOM   817 N N   . PRO A 1 105 ? -4.317  4.647   -7.623  1.00 25.19 ? 223 PRO A N   1 
ATOM   818 C CA  . PRO A 1 105 ? -4.033  3.208   -7.574  1.00 22.49 ? 223 PRO A CA  1 
ATOM   819 C C   . PRO A 1 105 ? -3.155  2.873   -8.791  1.00 19.67 ? 223 PRO A C   1 
ATOM   820 O O   . PRO A 1 105 ? -3.103  3.651   -9.751  1.00 19.36 ? 223 PRO A O   1 
ATOM   821 C CB  . PRO A 1 105 ? -5.423  2.582   -7.667  1.00 23.67 ? 223 PRO A CB  1 
ATOM   822 C CG  . PRO A 1 105 ? -6.241  3.629   -8.322  1.00 26.10 ? 223 PRO A CG  1 
ATOM   823 C CD  . PRO A 1 105 ? -5.765  4.893   -7.710  1.00 25.27 ? 223 PRO A CD  1 
ATOM   824 N N   . CYS A 1 106 ? -2.417  1.774   -8.727  1.00 16.71 ? 224 CYS A N   1 
ATOM   825 C CA  . CYS A 1 106 ? -1.554  1.401   -9.834  1.00 17.48 ? 224 CYS A CA  1 
ATOM   826 C C   . CYS A 1 106 ? -2.389  1.230   -11.100 1.00 19.31 ? 224 CYS A C   1 
ATOM   827 O O   . CYS A 1 106 ? -3.426  0.558   -11.093 1.00 19.97 ? 224 CYS A O   1 
ATOM   828 C CB  . CYS A 1 106 ? -0.805  0.126   -9.478  1.00 16.16 ? 224 CYS A CB  1 
ATOM   829 S SG  . CYS A 1 106 ? 0.401   -0.469  -10.645 1.00 13.94 ? 224 CYS A SG  1 
ATOM   830 N N   . GLN A 1 107 ? -1.986  1.910   -12.163 1.00 19.57 ? 225 GLN A N   1 
ATOM   831 C CA  . GLN A 1 107 ? -2.728  1.835   -13.412 1.00 23.71 ? 225 GLN A CA  1 
ATOM   832 C C   . GLN A 1 107 ? -2.145  0.736   -14.292 1.00 24.35 ? 225 GLN A C   1 
ATOM   833 O O   . GLN A 1 107 ? -0.928  0.594   -14.383 1.00 27.43 ? 225 GLN A O   1 
ATOM   834 C CB  . GLN A 1 107 ? -2.714  3.196   -14.128 1.00 26.87 ? 225 GLN A CB  1 
ATOM   835 C CG  . GLN A 1 107 ? -3.115  4.442   -13.264 1.00 31.55 ? 225 GLN A CG  1 
ATOM   836 C CD  . GLN A 1 107 ? -4.583  4.477   -12.762 1.00 33.05 ? 225 GLN A CD  1 
ATOM   837 O OE1 . GLN A 1 107 ? -5.530  4.332   -13.530 1.00 34.32 ? 225 GLN A OE1 1 
ATOM   838 N NE2 . GLN A 1 107 ? -4.756  4.728   -11.465 1.00 32.25 ? 225 GLN A NE2 1 
ATOM   839 N N   . THR A 1 108 ? -3.013  -0.070  -14.892 1.00 23.18 ? 226 THR A N   1 
ATOM   840 C CA  . THR A 1 108 ? -2.587  -1.178  -15.759 1.00 24.77 ? 226 THR A CA  1 
ATOM   841 C C   . THR A 1 108 ? -3.021  -1.013  -17.225 1.00 24.53 ? 226 THR A C   1 
ATOM   842 O O   . THR A 1 108 ? -2.464  -1.754  -18.052 1.00 24.31 ? 226 THR A O   1 
ATOM   843 C CB  . THR A 1 108 ? -3.137  -2.576  -15.263 1.00 24.21 ? 226 THR A CB  1 
ATOM   844 O OG1 . THR A 1 108 ? -4.555  -2.633  -15.442 1.00 24.36 ? 226 THR A OG1 1 
ATOM   845 C CG2 . THR A 1 108 ? -2.844  -2.805  -13.804 1.00 22.31 ? 226 THR A CG2 1 
ATOM   846 O OXT . THR A 1 108 ? -3.943  -0.213  -17.527 1.00 28.06 ? 226 THR A OXT 1 
HETATM 847 C C   . ACE B 2 1   ? 10.838  -4.632  3.538   1.00 11.94 ? 251 ACE I C   1 
HETATM 848 O O   . ACE B 2 1   ? 10.288  -4.189  2.524   1.00 11.18 ? 251 ACE I O   1 
HETATM 849 C CH3 . ACE B 2 1   ? 12.100  -5.459  3.410   1.00 9.66  ? 251 ACE I CH3 1 
HETATM 850 N N   . 1PA B 2 2   ? 10.445  -4.352  4.784   1.00 11.62 ? 252 1PA I N   1 
HETATM 851 C CA  . 1PA B 2 2   ? 9.230   -3.611  5.117   1.00 10.65 ? 252 1PA I CA  1 
HETATM 852 C CB  . 1PA B 2 2   ? 8.334   -4.495  5.987   1.00 9.87  ? 252 1PA I CB  1 
HETATM 853 C CG  . 1PA B 2 2   ? 7.766   -5.637  5.209   1.00 10.72 ? 252 1PA I CG  1 
HETATM 854 C CD1 . 1PA B 2 2   ? 6.778   -5.415  4.248   1.00 12.65 ? 252 1PA I CD1 1 
HETATM 855 C CE1 . 1PA B 2 2   ? 6.278   -6.476  3.474   1.00 13.44 ? 252 1PA I CE1 1 
HETATM 856 C CD2 . 1PA B 2 2   ? 8.242   -6.931  5.385   1.00 11.30 ? 252 1PA I CD2 1 
HETATM 857 C CE2 . 1PA B 2 2   ? 7.739   -7.987  4.604   1.00 13.46 ? 252 1PA I CE2 1 
HETATM 858 C CZ  . 1PA B 2 2   ? 6.756   -7.774  3.641   1.00 11.04 ? 252 1PA I CZ  1 
HETATM 859 C CH  . 1PA B 2 2   ? 6.263   -8.912  2.765   1.00 12.17 ? 252 1PA I CH  1 
HETATM 860 C CO  . 1PA B 2 2   ? 5.548   -8.458  1.501   1.00 14.78 ? 252 1PA I CO  1 
HETATM 861 O O1  . 1PA B 2 2   ? 6.141   -7.726  0.684   1.00 14.50 ? 252 1PA I O1  1 
HETATM 862 O O2  . 1PA B 2 2   ? 4.370   -8.814  1.324   1.00 16.98 ? 252 1PA I O2  1 
HETATM 863 C C   . 1PA B 2 2   ? 9.441   -2.263  5.812   1.00 11.38 ? 252 1PA I C   1 
HETATM 864 O O   . 1PA B 2 2   ? 10.037  -2.175  6.891   1.00 11.46 ? 252 1PA I O   1 
ATOM   865 N N   . GLU B 2 3   ? 8.930   -1.223  5.177   1.00 9.22  ? 253 GLU I N   1 
ATOM   866 C CA  . GLU B 2 3   ? 9.016   0.127   5.696   1.00 11.68 ? 253 GLU I CA  1 
ATOM   867 C C   . GLU B 2 3   ? 8.024   0.219   6.868   1.00 14.22 ? 253 GLU I C   1 
ATOM   868 O O   . GLU B 2 3   ? 7.043   -0.532  6.927   1.00 13.94 ? 253 GLU I O   1 
ATOM   869 C CB  . GLU B 2 3   ? 8.643   1.087   4.570   1.00 10.03 ? 253 GLU I CB  1 
ATOM   870 C CG  . GLU B 2 3   ? 8.941   2.547   4.788   1.00 15.74 ? 253 GLU I CG  1 
ATOM   871 C CD  . GLU B 2 3   ? 10.435  2.889   4.835   1.00 14.52 ? 253 GLU I CD  1 
ATOM   872 O OE1 . GLU B 2 3   ? 11.300  2.011   4.675   1.00 15.66 ? 253 GLU I OE1 1 
ATOM   873 O OE2 . GLU B 2 3   ? 10.732  4.072   5.042   1.00 15.86 ? 253 GLU I OE2 1 
ATOM   874 N N   . GLU B 2 4   ? 8.298   1.101   7.823   1.00 12.05 ? 254 GLU I N   1 
ATOM   875 C CA  . GLU B 2 4   ? 7.410   1.256   8.964   1.00 14.07 ? 254 GLU I CA  1 
ATOM   876 C C   . GLU B 2 4   ? 7.122   2.737   9.158   1.00 12.61 ? 254 GLU I C   1 
ATOM   877 O O   . GLU B 2 4   ? 7.819   3.605   8.617   1.00 12.15 ? 254 GLU I O   1 
ATOM   878 C CB  . GLU B 2 4   ? 8.050   0.728   10.266  1.00 10.22 ? 254 GLU I CB  1 
ATOM   879 C CG  . GLU B 2 4   ? 8.554   -0.700  10.264  1.00 13.20 ? 254 GLU I CG  1 
ATOM   880 C CD  . GLU B 2 4   ? 7.457   -1.771  10.287  1.00 11.59 ? 254 GLU I CD  1 
ATOM   881 O OE1 . GLU B 2 4   ? 6.259   -1.453  10.399  1.00 14.73 ? 254 GLU I OE1 1 
ATOM   882 O OE2 . GLU B 2 4   ? 7.818   -2.952  10.187  1.00 10.73 ? 254 GLU I OE2 1 
ATOM   883 N N   . ILE B 2 5   ? 6.053   3.006   9.895   1.00 12.83 ? 255 ILE I N   1 
ATOM   884 C CA  . ILE B 2 5   ? 5.682   4.362   10.240  1.00 14.11 ? 255 ILE I CA  1 
ATOM   885 C C   . ILE B 2 5   ? 6.538   4.678   11.500  1.00 14.73 ? 255 ILE I C   1 
ATOM   886 O O   . ILE B 2 5   ? 6.706   3.780   12.349  1.00 12.05 ? 255 ILE I O   1 
ATOM   887 C CB  . ILE B 2 5   ? 4.163   4.455   10.524  1.00 11.02 ? 255 ILE I CB  1 
ATOM   888 C CG1 . ILE B 2 5   ? 3.403   4.515   9.203   1.00 8.39  ? 255 ILE I CG1 1 
ATOM   889 C CG2 . ILE B 2 5   ? 3.838   5.641   11.427  1.00 12.04 ? 255 ILE I CG2 1 
ATOM   890 C CD1 . ILE B 2 5   ? 1.893   4.616   9.356   1.00 11.93 ? 255 ILE I CD1 1 
ATOM   891 O OXT . ILE B 2 5   ? 7.144   5.767   11.564  1.00 15.95 ? 255 ILE I OXT 1 
HETATM 892 O O   . HOH C 3 .   ? 4.194   11.115  6.987   1.00 10.22 ? 301 HOH A O   1 
HETATM 893 O O   . HOH C 3 .   ? -2.132  2.437   10.803  1.00 17.15 ? 303 HOH A O   1 
HETATM 894 O O   . HOH C 3 .   ? 7.944   -10.931 -5.159  1.00 18.29 ? 304 HOH A O   1 
HETATM 895 O O   . HOH C 3 .   ? 2.240   -10.242 -2.932  1.00 14.26 ? 305 HOH A O   1 
HETATM 896 O O   . HOH C 3 .   ? -3.948  -7.924  6.603   1.00 36.16 ? 306 HOH A O   1 
HETATM 897 O O   . HOH C 3 .   ? 5.736   11.039  -3.623  1.00 19.78 ? 307 HOH A O   1 
HETATM 898 O O   . HOH C 3 .   ? -7.454  -8.142  -7.535  1.00 22.26 ? 309 HOH A O   1 
HETATM 899 O O   . HOH C 3 .   ? -0.077  8.777   -7.754  1.00 34.35 ? 311 HOH A O   1 
HETATM 900 O O   . HOH C 3 .   ? -2.433  -5.820  -13.795 1.00 15.53 ? 312 HOH A O   1 
HETATM 901 O O   . HOH C 3 .   ? 4.352   0.779   10.848  1.00 16.86 ? 314 HOH A O   1 
HETATM 902 O O   . HOH C 3 .   ? 11.825  -0.125  -5.214  1.00 35.53 ? 316 HOH A O   1 
HETATM 903 O O   . HOH C 3 .   ? 6.109   -14.627 7.111   1.00 38.40 ? 317 HOH A O   1 
HETATM 904 O O   . HOH C 3 .   ? 8.813   4.164   -2.323  1.00 27.78 ? 318 HOH A O   1 
HETATM 905 O O   . HOH C 3 .   ? 2.967   -2.232  9.459   1.00 18.71 ? 319 HOH A O   1 
HETATM 906 O O   . HOH C 3 .   ? -0.614  6.708   11.113  1.00 15.92 ? 320 HOH A O   1 
HETATM 907 O O   . HOH C 3 .   ? -14.418 -1.051  -7.732  1.00 38.60 ? 321 HOH A O   1 
HETATM 908 O O   . HOH C 3 .   ? -10.798 6.929   6.608   1.00 25.55 ? 322 HOH A O   1 
HETATM 909 O O   . HOH C 3 .   ? -1.342  5.156   -10.746 1.00 35.40 ? 323 HOH A O   1 
HETATM 910 O O   . HOH C 3 .   ? 5.850   0.259   -18.927 1.00 31.01 ? 324 HOH A O   1 
HETATM 911 O O   . HOH C 3 .   ? -3.900  12.388  9.975   1.00 24.45 ? 328 HOH A O   1 
HETATM 912 O O   . HOH C 3 .   ? -19.503 -7.284  -8.844  1.00 34.79 ? 329 HOH A O   1 
HETATM 913 O O   . HOH C 3 .   ? -3.634  16.265  4.912   1.00 18.86 ? 330 HOH A O   1 
HETATM 914 O O   . HOH C 3 .   ? 2.808   -11.068 -9.611  1.00 22.38 ? 331 HOH A O   1 
HETATM 915 O O   . HOH C 3 .   ? -11.598 -15.235 18.959  1.00 29.56 ? 333 HOH A O   1 
HETATM 916 O O   . HOH C 3 .   ? 9.073   8.318   -8.740  1.00 37.87 ? 334 HOH A O   1 
HETATM 917 O O   . HOH C 3 .   ? 14.743  1.170   -10.435 1.00 47.57 ? 335 HOH A O   1 
HETATM 918 O O   . HOH C 3 .   ? 2.042   -17.153 6.209   1.00 36.18 ? 336 HOH A O   1 
HETATM 919 O O   . HOH C 3 .   ? -5.446  -4.384  -17.218 1.00 27.43 ? 337 HOH A O   1 
HETATM 920 O O   . HOH C 3 .   ? 6.720   6.854   -14.751 1.00 28.25 ? 338 HOH A O   1 
HETATM 921 O O   . HOH C 3 .   ? -14.447 -2.441  -0.414  1.00 56.94 ? 339 HOH A O   1 
HETATM 922 O O   . HOH C 3 .   ? -8.792  -7.026  18.866  1.00 43.51 ? 340 HOH A O   1 
HETATM 923 O O   . HOH C 3 .   ? -3.658  -16.815 -2.012  1.00 35.96 ? 341 HOH A O   1 
HETATM 924 O O   . HOH C 3 .   ? 2.709   -7.857  5.101   1.00 28.36 ? 342 HOH A O   1 
HETATM 925 O O   . HOH C 3 .   ? -12.154 4.440   10.386  1.00 29.51 ? 343 HOH A O   1 
HETATM 926 O O   . HOH C 3 .   ? 13.181  5.195   -14.657 1.00 42.40 ? 344 HOH A O   1 
HETATM 927 O O   . HOH C 3 .   ? 22.751  6.639   0.075   1.00 41.11 ? 345 HOH A O   1 
HETATM 928 O O   . HOH C 3 .   ? 14.385  7.033   -11.081 1.00 37.44 ? 346 HOH A O   1 
HETATM 929 O O   . HOH C 3 .   ? -4.521  9.968   12.663  1.00 24.58 ? 347 HOH A O   1 
HETATM 930 O O   . HOH C 3 .   ? -8.399  3.800   -10.224 1.00 41.25 ? 348 HOH A O   1 
HETATM 931 O O   . HOH C 3 .   ? 3.115   -15.989 8.359   1.00 25.37 ? 349 HOH A O   1 
HETATM 932 O O   . HOH C 3 .   ? 2.116   -13.846 -8.225  1.00 23.46 ? 350 HOH A O   1 
HETATM 933 O O   . HOH C 3 .   ? -11.412 -6.692  16.256  1.00 25.73 ? 351 HOH A O   1 
HETATM 934 O O   . HOH C 3 .   ? -6.890  11.493  7.339   1.00 26.29 ? 352 HOH A O   1 
HETATM 935 O O   . HOH C 3 .   ? -0.836  -14.855 -1.602  1.00 28.05 ? 353 HOH A O   1 
HETATM 936 O O   . HOH C 3 .   ? 4.456   -13.862 -4.129  1.00 31.77 ? 355 HOH A O   1 
HETATM 937 O O   . HOH C 3 .   ? -13.168 -4.764  11.422  1.00 30.19 ? 356 HOH A O   1 
HETATM 938 O O   . HOH C 3 .   ? 11.377  12.850  -0.095  1.00 43.45 ? 357 HOH A O   1 
HETATM 939 O O   . HOH C 3 .   ? 5.579   4.433   -22.068 1.00 39.41 ? 358 HOH A O   1 
HETATM 940 O O   . HOH C 3 .   ? -14.655 -6.974  13.348  1.00 26.75 ? 359 HOH A O   1 
HETATM 941 O O   . HOH C 3 .   ? -10.376 5.287   12.045  1.00 38.76 ? 360 HOH A O   1 
HETATM 942 O O   . HOH C 3 .   ? -12.751 -0.821  0.271   1.00 35.32 ? 361 HOH A O   1 
HETATM 943 O O   . HOH C 3 .   ? -6.143  16.775  3.435   1.00 36.52 ? 362 HOH A O   1 
HETATM 944 O O   . HOH C 3 .   ? 6.695   0.758   2.607   1.00 41.28 ? 364 HOH A O   1 
HETATM 945 O O   . HOH C 3 .   ? -9.728  -10.961 -2.875  1.00 36.20 ? 365 HOH A O   1 
HETATM 946 O O   . HOH C 3 .   ? 20.402  5.632   -4.832  1.00 35.52 ? 366 HOH A O   1 
HETATM 947 O O   . HOH C 3 .   ? -5.648  0.662   -14.947 1.00 40.33 ? 367 HOH A O   1 
HETATM 948 O O   . HOH C 3 .   ? 2.888   -15.477 10.976  1.00 38.85 ? 368 HOH A O   1 
HETATM 949 O O   . HOH C 3 .   ? -13.462 4.733   4.440   1.00 38.71 ? 369 HOH A O   1 
HETATM 950 O O   . HOH C 3 .   ? -9.904  11.290  4.185   1.00 34.51 ? 370 HOH A O   1 
HETATM 951 O O   . HOH C 3 .   ? 1.003   -8.211  6.820   1.00 31.40 ? 371 HOH A O   1 
HETATM 952 O O   . HOH C 3 .   ? 13.171  -6.018  -5.513  1.00 36.75 ? 372 HOH A O   1 
HETATM 953 O O   . HOH C 3 .   ? -14.123 6.635   6.043   1.00 24.09 ? 373 HOH A O   1 
HETATM 954 O O   . HOH C 3 .   ? 1.280   11.488  -2.708  1.00 27.17 ? 374 HOH A O   1 
HETATM 955 O O   . HOH C 3 .   ? 20.210  17.782  -5.365  1.00 41.40 ? 375 HOH A O   1 
HETATM 956 O O   . HOH C 3 .   ? -8.853  16.304  2.015   1.00 38.21 ? 377 HOH A O   1 
HETATM 957 O O   . HOH C 3 .   ? 9.010   -1.387  -14.412 1.00 32.52 ? 378 HOH A O   1 
HETATM 958 O O   . HOH C 3 .   ? -1.703  -13.347 9.515   1.00 37.13 ? 379 HOH A O   1 
HETATM 959 O O   . HOH C 3 .   ? -3.430  -0.256  -7.064  1.00 43.96 ? 380 HOH A O   1 
HETATM 960 O O   . HOH C 3 .   ? -3.153  4.539   20.327  1.00 44.33 ? 381 HOH A O   1 
HETATM 961 O O   . HOH C 3 .   ? -2.963  -3.857  11.560  1.00 57.65 ? 382 HOH A O   1 
HETATM 962 O O   . HOH C 3 .   ? -10.852 -9.933  20.005  1.00 36.82 ? 383 HOH A O   1 
HETATM 963 O O   . HOH C 3 .   ? 25.082  4.036   -0.038  1.00 47.82 ? 384 HOH A O   1 
HETATM 964 O O   . HOH C 3 .   ? -0.508  -7.487  -13.757 1.00 40.68 ? 385 HOH A O   1 
HETATM 965 O O   . HOH C 3 .   ? 4.187   10.666  11.576  1.00 35.01 ? 386 HOH A O   1 
HETATM 966 O O   . HOH C 3 .   ? 14.603  3.629   -11.933 1.00 37.95 ? 387 HOH A O   1 
HETATM 967 O O   . HOH C 3 .   ? -10.497 -4.795  17.727  1.00 41.51 ? 388 HOH A O   1 
HETATM 968 O O   . HOH C 3 .   ? 7.603   -12.027 -11.288 1.00 33.09 ? 389 HOH A O   1 
HETATM 969 O O   . HOH C 3 .   ? -10.620 0.298   13.946  1.00 33.88 ? 390 HOH A O   1 
HETATM 970 O O   . HOH C 3 .   ? 9.197   10.637  0.642   1.00 37.74 ? 391 HOH A O   1 
HETATM 971 O O   . HOH C 3 .   ? 12.882  2.768   -9.988  1.00 50.06 ? 392 HOH A O   1 
HETATM 972 O O   . HOH C 3 .   ? -13.106 -8.230  -3.500  1.00 47.17 ? 393 HOH A O   1 
HETATM 973 O O   . HOH C 3 .   ? 20.883  12.812  -6.513  1.00 35.03 ? 394 HOH A O   1 
HETATM 974 O O   . HOH C 3 .   ? -13.326 5.816   13.989  1.00 50.84 ? 395 HOH A O   1 
HETATM 975 O O   . HOH C 3 .   ? 9.259   -1.094  -11.670 1.00 49.17 ? 396 HOH A O   1 
HETATM 976 O O   . HOH C 3 .   ? 1.705   -6.364  -6.556  1.00 55.91 ? 397 HOH A O   1 
HETATM 977 O O   . HOH C 3 .   ? 12.147  -1.923  -6.783  1.00 45.09 ? 398 HOH A O   1 
HETATM 978 O O   . HOH C 3 .   ? 18.503  5.901   -0.780  1.00 43.84 ? 399 HOH A O   1 
HETATM 979 O O   . HOH C 3 .   ? -3.589  -6.051  5.146   1.00 44.34 ? 400 HOH A O   1 
HETATM 980 O O   . HOH C 3 .   ? -8.284  -10.604 20.479  1.00 48.94 ? 401 HOH A O   1 
HETATM 981 O O   . HOH C 3 .   ? -7.237  3.452   16.432  1.00 46.62 ? 402 HOH A O   1 
HETATM 982 O O   . HOH C 3 .   ? -4.616  -12.848 20.974  1.00 43.63 ? 403 HOH A O   1 
HETATM 983 O O   . HOH C 3 .   ? -1.205  -2.174  -11.721 1.00 49.65 ? 404 HOH A O   1 
HETATM 984 O O   . HOH C 3 .   ? -6.186  -7.384  17.957  1.00 38.20 ? 405 HOH A O   1 
HETATM 985 O O   . HOH C 3 .   ? -18.181 -1.857  -7.749  1.00 33.57 ? 406 HOH A O   1 
HETATM 986 O O   . HOH C 3 .   ? -8.397  -0.089  17.742  1.00 39.98 ? 407 HOH A O   1 
HETATM 987 O O   . HOH D 3 .   ? 6.978   5.329   6.993   1.00 17.41 ? 302 HOH I O   1 
HETATM 988 O O   . HOH D 3 .   ? 6.974   8.002   10.195  1.00 14.20 ? 308 HOH I O   1 
HETATM 989 O O   . HOH D 3 .   ? 11.684  -5.663  6.955   1.00 24.07 ? 310 HOH I O   1 
HETATM 990 O O   . HOH D 3 .   ? 9.902   -1.557  1.522   1.00 16.14 ? 313 HOH I O   1 
HETATM 991 O O   . HOH D 3 .   ? 5.677   -2.816  7.661   1.00 19.15 ? 315 HOH I O   1 
HETATM 992 O O   . HOH D 3 .   ? 5.179   1.510   13.733  1.00 20.08 ? 325 HOH I O   1 
HETATM 993 O O   . HOH D 3 .   ? 5.969   -4.947  9.813   1.00 28.24 ? 326 HOH I O   1 
HETATM 994 O O   . HOH D 3 .   ? 11.707  -0.533  3.589   1.00 16.25 ? 327 HOH I O   1 
HETATM 995 O O   . HOH D 3 .   ? 8.891   6.210   5.048   1.00 32.13 ? 332 HOH I O   1 
HETATM 996 O O   . HOH D 3 .   ? 13.880  0.117   1.943   1.00 37.24 ? 354 HOH I O   1 
HETATM 997 O O   . HOH D 3 .   ? 13.006  2.986   2.597   1.00 30.04 ? 363 HOH I O   1 
HETATM 998 O O   . HOH D 3 .   ? 7.842   -6.553  9.111   1.00 44.57 ? 376 HOH I O   1 
# 
